data_3GYW
# 
_entry.id   3GYW 
# 
_audit_conform.dict_name       mmcif_pdbx.dic 
_audit_conform.dict_version    5.388 
_audit_conform.dict_location   http://mmcif.pdb.org/dictionaries/ascii/mmcif_pdbx.dic 
# 
loop_
_database_2.database_id 
_database_2.database_code 
_database_2.pdbx_database_accession 
_database_2.pdbx_DOI 
PDB   3GYW         pdb_00003gyw 10.2210/pdb3gyw/pdb 
RCSB  RCSB052479   ?            ?                   
WWPDB D_1000052479 ?            ?                   
# 
loop_
_pdbx_audit_revision_history.ordinal 
_pdbx_audit_revision_history.data_content_type 
_pdbx_audit_revision_history.major_revision 
_pdbx_audit_revision_history.minor_revision 
_pdbx_audit_revision_history.revision_date 
1 'Structure model' 1 0 2009-05-12 
2 'Structure model' 1 1 2011-07-13 
3 'Structure model' 1 2 2024-03-20 
# 
_pdbx_audit_revision_details.ordinal             1 
_pdbx_audit_revision_details.revision_ordinal    1 
_pdbx_audit_revision_details.data_content_type   'Structure model' 
_pdbx_audit_revision_details.provider            repository 
_pdbx_audit_revision_details.type                'Initial release' 
_pdbx_audit_revision_details.description         ? 
_pdbx_audit_revision_details.details             ? 
# 
loop_
_pdbx_audit_revision_group.ordinal 
_pdbx_audit_revision_group.revision_ordinal 
_pdbx_audit_revision_group.data_content_type 
_pdbx_audit_revision_group.group 
1 2 'Structure model' 'Source and taxonomy'       
2 2 'Structure model' 'Version format compliance' 
3 3 'Structure model' 'Data collection'           
4 3 'Structure model' 'Database references'       
# 
loop_
_pdbx_audit_revision_category.ordinal 
_pdbx_audit_revision_category.revision_ordinal 
_pdbx_audit_revision_category.data_content_type 
_pdbx_audit_revision_category.category 
1 3 'Structure model' chem_comp_atom 
2 3 'Structure model' chem_comp_bond 
3 3 'Structure model' database_2     
# 
loop_
_pdbx_audit_revision_item.ordinal 
_pdbx_audit_revision_item.revision_ordinal 
_pdbx_audit_revision_item.data_content_type 
_pdbx_audit_revision_item.item 
1 3 'Structure model' '_database_2.pdbx_DOI'                
2 3 'Structure model' '_database_2.pdbx_database_accession' 
# 
_pdbx_database_status.status_code                     REL 
_pdbx_database_status.entry_id                        3GYW 
_pdbx_database_status.recvd_initial_deposition_date   2009-04-06 
_pdbx_database_status.deposit_site                    RCSB 
_pdbx_database_status.process_site                    PDBJ 
_pdbx_database_status.status_code_sf                  REL 
_pdbx_database_status.status_code_mr                  ? 
_pdbx_database_status.SG_entry                        ? 
_pdbx_database_status.pdb_format_compatible           Y 
_pdbx_database_status.status_code_cs                  ? 
_pdbx_database_status.status_code_nmr_data            ? 
_pdbx_database_status.methods_development_category    ? 
# 
loop_
_pdbx_database_related.db_name 
_pdbx_database_related.db_id 
_pdbx_database_related.details 
_pdbx_database_related.content_type 
PDB 3FS3 . unspecified 
PDB 3GYV . unspecified 
# 
loop_
_audit_author.name 
_audit_author.pdbx_ordinal 
'Yogavel, M.' 1 
'Gill, J.'    2 
'Sharma, A.'  3 
# 
_citation.id                        primary 
_citation.title                     'Iodide-SAD, SIR and SIRAS phasing for structure solution of a nucleosome assembly protein.' 
_citation.journal_abbrev            'Acta Crystallogr.,Sect.D' 
_citation.journal_volume            65 
_citation.page_first                618 
_citation.page_last                 622 
_citation.year                      2009 
_citation.journal_id_ASTM           ABCRE6 
_citation.country                   DK 
_citation.journal_id_ISSN           0907-4449 
_citation.journal_id_CSD            0766 
_citation.book_publisher            ? 
_citation.pdbx_database_id_PubMed   19465776 
_citation.pdbx_database_id_DOI      10.1107/S0907444909013171 
# 
loop_
_citation_author.citation_id 
_citation_author.name 
_citation_author.ordinal 
_citation_author.identifier_ORCID 
primary 'Yogavel, M.' 1 ? 
primary 'Gill, J.'    2 ? 
primary 'Sharma, A.'  3 ? 
# 
loop_
_entity.id 
_entity.type 
_entity.src_method 
_entity.pdbx_description 
_entity.formula_weight 
_entity.pdbx_number_of_molecules 
_entity.pdbx_ec 
_entity.pdbx_mutation 
_entity.pdbx_fragment 
_entity.details 
1 polymer man 'Nucleosome assembly protein 1, putative' 29667.742 1  ? ? 'residues 33-281 (UNP residues 45-293)' ? 
2 water   nat water                                     18.015    43 ? ? ?                                       ? 
# 
_entity_poly.entity_id                      1 
_entity_poly.type                           'polypeptide(L)' 
_entity_poly.nstd_linkage                   no 
_entity_poly.nstd_monomer                   no 
_entity_poly.pdbx_seq_one_letter_code       
;TDLTEEQKETLKKLKLYQKEYYDYESKFEYELFLLRQKYHDLYGPIYDKRREALVGNGEAKIGTPNLPEFWLRALRNNNT
VSHVIEDHDEEILVYLNDIRCDYIKKNKEKKEGFILSFYFATNPFFSNSVLTKTYHMKCVDCDNEPVLLHTEATVIDWYD
NKNILKKNVVKKQHNKNSREVKTVQQTVNRDSFFHFFTSHKVPNSNVIKQLSKHEVAQLEMIIEGDYEVALTIKERIIPY
AVDYYLGII
;
_entity_poly.pdbx_seq_one_letter_code_can   
;TDLTEEQKETLKKLKLYQKEYYDYESKFEYELFLLRQKYHDLYGPIYDKRREALVGNGEAKIGTPNLPEFWLRALRNNNT
VSHVIEDHDEEILVYLNDIRCDYIKKNKEKKEGFILSFYFATNPFFSNSVLTKTYHMKCVDCDNEPVLLHTEATVIDWYD
NKNILKKNVVKKQHNKNSREVKTVQQTVNRDSFFHFFTSHKVPNSNVIKQLSKHEVAQLEMIIEGDYEVALTIKERIIPY
AVDYYLGII
;
_entity_poly.pdbx_strand_id                 A 
_entity_poly.pdbx_target_identifier         ? 
# 
_pdbx_entity_nonpoly.entity_id   2 
_pdbx_entity_nonpoly.name        water 
_pdbx_entity_nonpoly.comp_id     HOH 
# 
loop_
_entity_poly_seq.entity_id 
_entity_poly_seq.num 
_entity_poly_seq.mon_id 
_entity_poly_seq.hetero 
1 1   THR n 
1 2   ASP n 
1 3   LEU n 
1 4   THR n 
1 5   GLU n 
1 6   GLU n 
1 7   GLN n 
1 8   LYS n 
1 9   GLU n 
1 10  THR n 
1 11  LEU n 
1 12  LYS n 
1 13  LYS n 
1 14  LEU n 
1 15  LYS n 
1 16  LEU n 
1 17  TYR n 
1 18  GLN n 
1 19  LYS n 
1 20  GLU n 
1 21  TYR n 
1 22  TYR n 
1 23  ASP n 
1 24  TYR n 
1 25  GLU n 
1 26  SER n 
1 27  LYS n 
1 28  PHE n 
1 29  GLU n 
1 30  TYR n 
1 31  GLU n 
1 32  LEU n 
1 33  PHE n 
1 34  LEU n 
1 35  LEU n 
1 36  ARG n 
1 37  GLN n 
1 38  LYS n 
1 39  TYR n 
1 40  HIS n 
1 41  ASP n 
1 42  LEU n 
1 43  TYR n 
1 44  GLY n 
1 45  PRO n 
1 46  ILE n 
1 47  TYR n 
1 48  ASP n 
1 49  LYS n 
1 50  ARG n 
1 51  ARG n 
1 52  GLU n 
1 53  ALA n 
1 54  LEU n 
1 55  VAL n 
1 56  GLY n 
1 57  ASN n 
1 58  GLY n 
1 59  GLU n 
1 60  ALA n 
1 61  LYS n 
1 62  ILE n 
1 63  GLY n 
1 64  THR n 
1 65  PRO n 
1 66  ASN n 
1 67  LEU n 
1 68  PRO n 
1 69  GLU n 
1 70  PHE n 
1 71  TRP n 
1 72  LEU n 
1 73  ARG n 
1 74  ALA n 
1 75  LEU n 
1 76  ARG n 
1 77  ASN n 
1 78  ASN n 
1 79  ASN n 
1 80  THR n 
1 81  VAL n 
1 82  SER n 
1 83  HIS n 
1 84  VAL n 
1 85  ILE n 
1 86  GLU n 
1 87  ASP n 
1 88  HIS n 
1 89  ASP n 
1 90  GLU n 
1 91  GLU n 
1 92  ILE n 
1 93  LEU n 
1 94  VAL n 
1 95  TYR n 
1 96  LEU n 
1 97  ASN n 
1 98  ASP n 
1 99  ILE n 
1 100 ARG n 
1 101 CYS n 
1 102 ASP n 
1 103 TYR n 
1 104 ILE n 
1 105 LYS n 
1 106 LYS n 
1 107 ASN n 
1 108 LYS n 
1 109 GLU n 
1 110 LYS n 
1 111 LYS n 
1 112 GLU n 
1 113 GLY n 
1 114 PHE n 
1 115 ILE n 
1 116 LEU n 
1 117 SER n 
1 118 PHE n 
1 119 TYR n 
1 120 PHE n 
1 121 ALA n 
1 122 THR n 
1 123 ASN n 
1 124 PRO n 
1 125 PHE n 
1 126 PHE n 
1 127 SER n 
1 128 ASN n 
1 129 SER n 
1 130 VAL n 
1 131 LEU n 
1 132 THR n 
1 133 LYS n 
1 134 THR n 
1 135 TYR n 
1 136 HIS n 
1 137 MET n 
1 138 LYS n 
1 139 CYS n 
1 140 VAL n 
1 141 ASP n 
1 142 CYS n 
1 143 ASP n 
1 144 ASN n 
1 145 GLU n 
1 146 PRO n 
1 147 VAL n 
1 148 LEU n 
1 149 LEU n 
1 150 HIS n 
1 151 THR n 
1 152 GLU n 
1 153 ALA n 
1 154 THR n 
1 155 VAL n 
1 156 ILE n 
1 157 ASP n 
1 158 TRP n 
1 159 TYR n 
1 160 ASP n 
1 161 ASN n 
1 162 LYS n 
1 163 ASN n 
1 164 ILE n 
1 165 LEU n 
1 166 LYS n 
1 167 LYS n 
1 168 ASN n 
1 169 VAL n 
1 170 VAL n 
1 171 LYS n 
1 172 LYS n 
1 173 GLN n 
1 174 HIS n 
1 175 ASN n 
1 176 LYS n 
1 177 ASN n 
1 178 SER n 
1 179 ARG n 
1 180 GLU n 
1 181 VAL n 
1 182 LYS n 
1 183 THR n 
1 184 VAL n 
1 185 GLN n 
1 186 GLN n 
1 187 THR n 
1 188 VAL n 
1 189 ASN n 
1 190 ARG n 
1 191 ASP n 
1 192 SER n 
1 193 PHE n 
1 194 PHE n 
1 195 HIS n 
1 196 PHE n 
1 197 PHE n 
1 198 THR n 
1 199 SER n 
1 200 HIS n 
1 201 LYS n 
1 202 VAL n 
1 203 PRO n 
1 204 ASN n 
1 205 SER n 
1 206 ASN n 
1 207 VAL n 
1 208 ILE n 
1 209 LYS n 
1 210 GLN n 
1 211 LEU n 
1 212 SER n 
1 213 LYS n 
1 214 HIS n 
1 215 GLU n 
1 216 VAL n 
1 217 ALA n 
1 218 GLN n 
1 219 LEU n 
1 220 GLU n 
1 221 MET n 
1 222 ILE n 
1 223 ILE n 
1 224 GLU n 
1 225 GLY n 
1 226 ASP n 
1 227 TYR n 
1 228 GLU n 
1 229 VAL n 
1 230 ALA n 
1 231 LEU n 
1 232 THR n 
1 233 ILE n 
1 234 LYS n 
1 235 GLU n 
1 236 ARG n 
1 237 ILE n 
1 238 ILE n 
1 239 PRO n 
1 240 TYR n 
1 241 ALA n 
1 242 VAL n 
1 243 ASP n 
1 244 TYR n 
1 245 TYR n 
1 246 LEU n 
1 247 GLY n 
1 248 ILE n 
1 249 ILE n 
# 
_entity_src_gen.entity_id                          1 
_entity_src_gen.pdbx_src_id                        1 
_entity_src_gen.pdbx_alt_source_flag               sample 
_entity_src_gen.pdbx_seq_type                      ? 
_entity_src_gen.pdbx_beg_seq_num                   ? 
_entity_src_gen.pdbx_end_seq_num                   ? 
_entity_src_gen.gene_src_common_name               ? 
_entity_src_gen.gene_src_genus                     ? 
_entity_src_gen.pdbx_gene_src_gene                 pfl0185c 
_entity_src_gen.gene_src_species                   ? 
_entity_src_gen.gene_src_strain                    3D7 
_entity_src_gen.gene_src_tissue                    ? 
_entity_src_gen.gene_src_tissue_fraction           ? 
_entity_src_gen.gene_src_details                   ? 
_entity_src_gen.pdbx_gene_src_fragment             ? 
_entity_src_gen.pdbx_gene_src_scientific_name      'Plasmodium falciparum' 
_entity_src_gen.pdbx_gene_src_ncbi_taxonomy_id     36329 
_entity_src_gen.pdbx_gene_src_variant              ? 
_entity_src_gen.pdbx_gene_src_cell_line            ? 
_entity_src_gen.pdbx_gene_src_atcc                 ? 
_entity_src_gen.pdbx_gene_src_organ                ? 
_entity_src_gen.pdbx_gene_src_organelle            ? 
_entity_src_gen.pdbx_gene_src_cell                 ? 
_entity_src_gen.pdbx_gene_src_cellular_location    ? 
_entity_src_gen.host_org_common_name               ? 
_entity_src_gen.pdbx_host_org_scientific_name      'Escherichia coli' 
_entity_src_gen.pdbx_host_org_ncbi_taxonomy_id     562 
_entity_src_gen.host_org_genus                     ? 
_entity_src_gen.pdbx_host_org_gene                 ? 
_entity_src_gen.pdbx_host_org_organ                ? 
_entity_src_gen.host_org_species                   ? 
_entity_src_gen.pdbx_host_org_tissue               ? 
_entity_src_gen.pdbx_host_org_tissue_fraction      ? 
_entity_src_gen.pdbx_host_org_strain               BL21 
_entity_src_gen.pdbx_host_org_variant              ? 
_entity_src_gen.pdbx_host_org_cell_line            ? 
_entity_src_gen.pdbx_host_org_atcc                 ? 
_entity_src_gen.pdbx_host_org_culture_collection   ? 
_entity_src_gen.pdbx_host_org_cell                 ? 
_entity_src_gen.pdbx_host_org_organelle            ? 
_entity_src_gen.pdbx_host_org_cellular_location    ? 
_entity_src_gen.pdbx_host_org_vector_type          PLASMID 
_entity_src_gen.pdbx_host_org_vector               ? 
_entity_src_gen.host_org_details                   ? 
_entity_src_gen.expression_system_id               ? 
_entity_src_gen.plasmid_name                       PET28A 
_entity_src_gen.plasmid_details                    ? 
_entity_src_gen.pdbx_description                   ? 
# 
loop_
_chem_comp.id 
_chem_comp.type 
_chem_comp.mon_nstd_flag 
_chem_comp.name 
_chem_comp.pdbx_synonyms 
_chem_comp.formula 
_chem_comp.formula_weight 
ALA 'L-peptide linking' y ALANINE         ? 'C3 H7 N O2'     89.093  
ARG 'L-peptide linking' y ARGININE        ? 'C6 H15 N4 O2 1' 175.209 
ASN 'L-peptide linking' y ASPARAGINE      ? 'C4 H8 N2 O3'    132.118 
ASP 'L-peptide linking' y 'ASPARTIC ACID' ? 'C4 H7 N O4'     133.103 
CYS 'L-peptide linking' y CYSTEINE        ? 'C3 H7 N O2 S'   121.158 
GLN 'L-peptide linking' y GLUTAMINE       ? 'C5 H10 N2 O3'   146.144 
GLU 'L-peptide linking' y 'GLUTAMIC ACID' ? 'C5 H9 N O4'     147.129 
GLY 'peptide linking'   y GLYCINE         ? 'C2 H5 N O2'     75.067  
HIS 'L-peptide linking' y HISTIDINE       ? 'C6 H10 N3 O2 1' 156.162 
HOH non-polymer         . WATER           ? 'H2 O'           18.015  
ILE 'L-peptide linking' y ISOLEUCINE      ? 'C6 H13 N O2'    131.173 
LEU 'L-peptide linking' y LEUCINE         ? 'C6 H13 N O2'    131.173 
LYS 'L-peptide linking' y LYSINE          ? 'C6 H15 N2 O2 1' 147.195 
MET 'L-peptide linking' y METHIONINE      ? 'C5 H11 N O2 S'  149.211 
PHE 'L-peptide linking' y PHENYLALANINE   ? 'C9 H11 N O2'    165.189 
PRO 'L-peptide linking' y PROLINE         ? 'C5 H9 N O2'     115.130 
SER 'L-peptide linking' y SERINE          ? 'C3 H7 N O3'     105.093 
THR 'L-peptide linking' y THREONINE       ? 'C4 H9 N O3'     119.119 
TRP 'L-peptide linking' y TRYPTOPHAN      ? 'C11 H12 N2 O2'  204.225 
TYR 'L-peptide linking' y TYROSINE        ? 'C9 H11 N O3'    181.189 
VAL 'L-peptide linking' y VALINE          ? 'C5 H11 N O2'    117.146 
# 
loop_
_pdbx_poly_seq_scheme.asym_id 
_pdbx_poly_seq_scheme.entity_id 
_pdbx_poly_seq_scheme.seq_id 
_pdbx_poly_seq_scheme.mon_id 
_pdbx_poly_seq_scheme.ndb_seq_num 
_pdbx_poly_seq_scheme.pdb_seq_num 
_pdbx_poly_seq_scheme.auth_seq_num 
_pdbx_poly_seq_scheme.pdb_mon_id 
_pdbx_poly_seq_scheme.auth_mon_id 
_pdbx_poly_seq_scheme.pdb_strand_id 
_pdbx_poly_seq_scheme.pdb_ins_code 
_pdbx_poly_seq_scheme.hetero 
A 1 1   THR 1   33  ?   ?   ?   A . n 
A 1 2   ASP 2   34  ?   ?   ?   A . n 
A 1 3   LEU 3   35  35  LEU LEU A . n 
A 1 4   THR 4   36  36  THR THR A . n 
A 1 5   GLU 5   37  37  GLU GLU A . n 
A 1 6   GLU 6   38  38  GLU GLU A . n 
A 1 7   GLN 7   39  39  GLN GLN A . n 
A 1 8   LYS 8   40  40  LYS LYS A . n 
A 1 9   GLU 9   41  41  GLU GLU A . n 
A 1 10  THR 10  42  42  THR THR A . n 
A 1 11  LEU 11  43  43  LEU LEU A . n 
A 1 12  LYS 12  44  44  LYS LYS A . n 
A 1 13  LYS 13  45  45  LYS LYS A . n 
A 1 14  LEU 14  46  46  LEU LEU A . n 
A 1 15  LYS 15  47  47  LYS LYS A . n 
A 1 16  LEU 16  48  48  LEU LEU A . n 
A 1 17  TYR 17  49  49  TYR TYR A . n 
A 1 18  GLN 18  50  50  GLN GLN A . n 
A 1 19  LYS 19  51  51  LYS LYS A . n 
A 1 20  GLU 20  52  52  GLU GLU A . n 
A 1 21  TYR 21  53  53  TYR TYR A . n 
A 1 22  TYR 22  54  54  TYR TYR A . n 
A 1 23  ASP 23  55  55  ASP ASP A . n 
A 1 24  TYR 24  56  56  TYR TYR A . n 
A 1 25  GLU 25  57  57  GLU GLU A . n 
A 1 26  SER 26  58  58  SER SER A . n 
A 1 27  LYS 27  59  59  LYS LYS A . n 
A 1 28  PHE 28  60  60  PHE PHE A . n 
A 1 29  GLU 29  61  61  GLU GLU A . n 
A 1 30  TYR 30  62  62  TYR TYR A . n 
A 1 31  GLU 31  63  63  GLU GLU A . n 
A 1 32  LEU 32  64  64  LEU LEU A . n 
A 1 33  PHE 33  65  65  PHE PHE A . n 
A 1 34  LEU 34  66  66  LEU LEU A . n 
A 1 35  LEU 35  67  67  LEU LEU A . n 
A 1 36  ARG 36  68  68  ARG ARG A . n 
A 1 37  GLN 37  69  69  GLN GLN A . n 
A 1 38  LYS 38  70  70  LYS LYS A . n 
A 1 39  TYR 39  71  71  TYR TYR A . n 
A 1 40  HIS 40  72  72  HIS HIS A . n 
A 1 41  ASP 41  73  73  ASP ASP A . n 
A 1 42  LEU 42  74  74  LEU LEU A . n 
A 1 43  TYR 43  75  75  TYR TYR A . n 
A 1 44  GLY 44  76  76  GLY GLY A . n 
A 1 45  PRO 45  77  77  PRO PRO A . n 
A 1 46  ILE 46  78  78  ILE ILE A . n 
A 1 47  TYR 47  79  79  TYR TYR A . n 
A 1 48  ASP 48  80  80  ASP ASP A . n 
A 1 49  LYS 49  81  81  LYS LYS A . n 
A 1 50  ARG 50  82  82  ARG ARG A . n 
A 1 51  ARG 51  83  83  ARG ARG A . n 
A 1 52  GLU 52  84  84  GLU GLU A . n 
A 1 53  ALA 53  85  85  ALA ALA A . n 
A 1 54  LEU 54  86  86  LEU LEU A . n 
A 1 55  VAL 55  87  87  VAL VAL A . n 
A 1 56  GLY 56  88  88  GLY GLY A . n 
A 1 57  ASN 57  89  ?   ?   ?   A . n 
A 1 58  GLY 58  90  ?   ?   ?   A . n 
A 1 59  GLU 59  91  ?   ?   ?   A . n 
A 1 60  ALA 60  92  92  ALA ALA A . n 
A 1 61  LYS 61  93  93  LYS LYS A . n 
A 1 62  ILE 62  94  94  ILE ILE A . n 
A 1 63  GLY 63  95  95  GLY GLY A . n 
A 1 64  THR 64  96  96  THR THR A . n 
A 1 65  PRO 65  97  97  PRO PRO A . n 
A 1 66  ASN 66  98  98  ASN ASN A . n 
A 1 67  LEU 67  99  99  LEU LEU A . n 
A 1 68  PRO 68  100 100 PRO PRO A . n 
A 1 69  GLU 69  101 101 GLU GLU A . n 
A 1 70  PHE 70  102 102 PHE PHE A . n 
A 1 71  TRP 71  103 103 TRP TRP A . n 
A 1 72  LEU 72  104 104 LEU LEU A . n 
A 1 73  ARG 73  105 105 ARG ARG A . n 
A 1 74  ALA 74  106 106 ALA ALA A . n 
A 1 75  LEU 75  107 107 LEU LEU A . n 
A 1 76  ARG 76  108 108 ARG ARG A . n 
A 1 77  ASN 77  109 109 ASN ASN A . n 
A 1 78  ASN 78  110 110 ASN ASN A . n 
A 1 79  ASN 79  111 111 ASN ASN A . n 
A 1 80  THR 80  112 112 THR THR A . n 
A 1 81  VAL 81  113 113 VAL VAL A . n 
A 1 82  SER 82  114 114 SER SER A . n 
A 1 83  HIS 83  115 115 HIS HIS A . n 
A 1 84  VAL 84  116 116 VAL VAL A . n 
A 1 85  ILE 85  117 117 ILE ILE A . n 
A 1 86  GLU 86  118 118 GLU GLU A . n 
A 1 87  ASP 87  119 119 ASP ASP A . n 
A 1 88  HIS 88  120 120 HIS HIS A . n 
A 1 89  ASP 89  121 121 ASP ASP A . n 
A 1 90  GLU 90  122 122 GLU GLU A . n 
A 1 91  GLU 91  123 123 GLU GLU A . n 
A 1 92  ILE 92  124 124 ILE ILE A . n 
A 1 93  LEU 93  125 125 LEU LEU A . n 
A 1 94  VAL 94  126 126 VAL VAL A . n 
A 1 95  TYR 95  127 127 TYR TYR A . n 
A 1 96  LEU 96  128 128 LEU LEU A . n 
A 1 97  ASN 97  129 129 ASN ASN A . n 
A 1 98  ASP 98  130 130 ASP ASP A . n 
A 1 99  ILE 99  131 131 ILE ILE A . n 
A 1 100 ARG 100 132 132 ARG ARG A . n 
A 1 101 CYS 101 133 133 CYS CYS A . n 
A 1 102 ASP 102 134 134 ASP ASP A . n 
A 1 103 TYR 103 135 135 TYR TYR A . n 
A 1 104 ILE 104 136 ?   ?   ?   A . n 
A 1 105 LYS 105 137 ?   ?   ?   A . n 
A 1 106 LYS 106 138 ?   ?   ?   A . n 
A 1 107 ASN 107 139 ?   ?   ?   A . n 
A 1 108 LYS 108 140 ?   ?   ?   A . n 
A 1 109 GLU 109 141 ?   ?   ?   A . n 
A 1 110 LYS 110 142 ?   ?   ?   A . n 
A 1 111 LYS 111 143 ?   ?   ?   A . n 
A 1 112 GLU 112 144 ?   ?   ?   A . n 
A 1 113 GLY 113 145 145 GLY GLY A . n 
A 1 114 PHE 114 146 146 PHE PHE A . n 
A 1 115 ILE 115 147 147 ILE ILE A . n 
A 1 116 LEU 116 148 148 LEU LEU A . n 
A 1 117 SER 117 149 149 SER SER A . n 
A 1 118 PHE 118 150 150 PHE PHE A . n 
A 1 119 TYR 119 151 151 TYR TYR A . n 
A 1 120 PHE 120 152 152 PHE PHE A . n 
A 1 121 ALA 121 153 153 ALA ALA A . n 
A 1 122 THR 122 154 154 THR THR A . n 
A 1 123 ASN 123 155 155 ASN ASN A . n 
A 1 124 PRO 124 156 156 PRO PRO A . n 
A 1 125 PHE 125 157 157 PHE PHE A . n 
A 1 126 PHE 126 158 158 PHE PHE A . n 
A 1 127 SER 127 159 159 SER SER A . n 
A 1 128 ASN 128 160 160 ASN ASN A . n 
A 1 129 SER 129 161 161 SER SER A . n 
A 1 130 VAL 130 162 162 VAL VAL A . n 
A 1 131 LEU 131 163 163 LEU LEU A . n 
A 1 132 THR 132 164 164 THR THR A . n 
A 1 133 LYS 133 165 165 LYS LYS A . n 
A 1 134 THR 134 166 166 THR THR A . n 
A 1 135 TYR 135 167 167 TYR TYR A . n 
A 1 136 HIS 136 168 168 HIS HIS A . n 
A 1 137 MET 137 169 169 MET MET A . n 
A 1 138 LYS 138 170 ?   ?   ?   A . n 
A 1 139 CYS 139 171 ?   ?   ?   A . n 
A 1 140 VAL 140 172 ?   ?   ?   A . n 
A 1 141 ASP 141 173 ?   ?   ?   A . n 
A 1 142 CYS 142 174 ?   ?   ?   A . n 
A 1 143 ASP 143 175 ?   ?   ?   A . n 
A 1 144 ASN 144 176 ?   ?   ?   A . n 
A 1 145 GLU 145 177 ?   ?   ?   A . n 
A 1 146 PRO 146 178 ?   ?   ?   A . n 
A 1 147 VAL 147 179 ?   ?   ?   A . n 
A 1 148 LEU 148 180 ?   ?   ?   A . n 
A 1 149 LEU 149 181 ?   ?   ?   A . n 
A 1 150 HIS 150 182 182 HIS HIS A . n 
A 1 151 THR 151 183 183 THR THR A . n 
A 1 152 GLU 152 184 184 GLU GLU A . n 
A 1 153 ALA 153 185 185 ALA ALA A . n 
A 1 154 THR 154 186 186 THR THR A . n 
A 1 155 VAL 155 187 187 VAL VAL A . n 
A 1 156 ILE 156 188 188 ILE ILE A . n 
A 1 157 ASP 157 189 189 ASP ASP A . n 
A 1 158 TRP 158 190 190 TRP TRP A . n 
A 1 159 TYR 159 191 191 TYR TYR A . n 
A 1 160 ASP 160 192 192 ASP ASP A . n 
A 1 161 ASN 161 193 193 ASN ASN A . n 
A 1 162 LYS 162 194 194 LYS LYS A . n 
A 1 163 ASN 163 195 195 ASN ASN A . n 
A 1 164 ILE 164 196 196 ILE ILE A . n 
A 1 165 LEU 165 197 197 LEU LEU A . n 
A 1 166 LYS 166 198 ?   ?   ?   A . n 
A 1 167 LYS 167 199 ?   ?   ?   A . n 
A 1 168 ASN 168 200 ?   ?   ?   A . n 
A 1 169 VAL 169 201 ?   ?   ?   A . n 
A 1 170 VAL 170 202 ?   ?   ?   A . n 
A 1 171 LYS 171 203 ?   ?   ?   A . n 
A 1 172 LYS 172 204 ?   ?   ?   A . n 
A 1 173 GLN 173 205 ?   ?   ?   A . n 
A 1 174 HIS 174 206 ?   ?   ?   A . n 
A 1 175 ASN 175 207 ?   ?   ?   A . n 
A 1 176 LYS 176 208 ?   ?   ?   A . n 
A 1 177 ASN 177 209 ?   ?   ?   A . n 
A 1 178 SER 178 210 ?   ?   ?   A . n 
A 1 179 ARG 179 211 ?   ?   ?   A . n 
A 1 180 GLU 180 212 ?   ?   ?   A . n 
A 1 181 VAL 181 213 ?   ?   ?   A . n 
A 1 182 LYS 182 214 ?   ?   ?   A . n 
A 1 183 THR 183 215 ?   ?   ?   A . n 
A 1 184 VAL 184 216 ?   ?   ?   A . n 
A 1 185 GLN 185 217 ?   ?   ?   A . n 
A 1 186 GLN 186 218 ?   ?   ?   A . n 
A 1 187 THR 187 219 ?   ?   ?   A . n 
A 1 188 VAL 188 220 ?   ?   ?   A . n 
A 1 189 ASN 189 221 ?   ?   ?   A . n 
A 1 190 ARG 190 222 222 ARG ARG A . n 
A 1 191 ASP 191 223 223 ASP ASP A . n 
A 1 192 SER 192 224 224 SER SER A . n 
A 1 193 PHE 193 225 225 PHE PHE A . n 
A 1 194 PHE 194 226 226 PHE PHE A . n 
A 1 195 HIS 195 227 227 HIS HIS A . n 
A 1 196 PHE 196 228 228 PHE PHE A . n 
A 1 197 PHE 197 229 229 PHE PHE A . n 
A 1 198 THR 198 230 230 THR THR A . n 
A 1 199 SER 199 231 231 SER SER A . n 
A 1 200 HIS 200 232 232 HIS HIS A . n 
A 1 201 LYS 201 233 ?   ?   ?   A . n 
A 1 202 VAL 202 234 ?   ?   ?   A . n 
A 1 203 PRO 203 235 ?   ?   ?   A . n 
A 1 204 ASN 204 236 ?   ?   ?   A . n 
A 1 205 SER 205 237 ?   ?   ?   A . n 
A 1 206 ASN 206 238 ?   ?   ?   A . n 
A 1 207 VAL 207 239 ?   ?   ?   A . n 
A 1 208 ILE 208 240 ?   ?   ?   A . n 
A 1 209 LYS 209 241 ?   ?   ?   A . n 
A 1 210 GLN 210 242 ?   ?   ?   A . n 
A 1 211 LEU 211 243 ?   ?   ?   A . n 
A 1 212 SER 212 244 ?   ?   ?   A . n 
A 1 213 LYS 213 245 ?   ?   ?   A . n 
A 1 214 HIS 214 246 ?   ?   ?   A . n 
A 1 215 GLU 215 247 ?   ?   ?   A . n 
A 1 216 VAL 216 248 ?   ?   ?   A . n 
A 1 217 ALA 217 249 ?   ?   ?   A . n 
A 1 218 GLN 218 250 ?   ?   ?   A . n 
A 1 219 LEU 219 251 ?   ?   ?   A . n 
A 1 220 GLU 220 252 252 GLU GLU A . n 
A 1 221 MET 221 253 253 MET MET A . n 
A 1 222 ILE 222 254 254 ILE ILE A . n 
A 1 223 ILE 223 255 255 ILE ILE A . n 
A 1 224 GLU 224 256 256 GLU GLU A . n 
A 1 225 GLY 225 257 257 GLY GLY A . n 
A 1 226 ASP 226 258 258 ASP ASP A . n 
A 1 227 TYR 227 259 259 TYR TYR A . n 
A 1 228 GLU 228 260 260 GLU GLU A . n 
A 1 229 VAL 229 261 261 VAL VAL A . n 
A 1 230 ALA 230 262 262 ALA ALA A . n 
A 1 231 LEU 231 263 263 LEU LEU A . n 
A 1 232 THR 232 264 264 THR THR A . n 
A 1 233 ILE 233 265 265 ILE ILE A . n 
A 1 234 LYS 234 266 266 LYS LYS A . n 
A 1 235 GLU 235 267 267 GLU GLU A . n 
A 1 236 ARG 236 268 268 ARG ARG A . n 
A 1 237 ILE 237 269 269 ILE ILE A . n 
A 1 238 ILE 238 270 270 ILE ILE A . n 
A 1 239 PRO 239 271 271 PRO PRO A . n 
A 1 240 TYR 240 272 272 TYR TYR A . n 
A 1 241 ALA 241 273 273 ALA ALA A . n 
A 1 242 VAL 242 274 274 VAL VAL A . n 
A 1 243 ASP 243 275 275 ASP ASP A . n 
A 1 244 TYR 244 276 276 TYR TYR A . n 
A 1 245 TYR 245 277 277 TYR TYR A . n 
A 1 246 LEU 246 278 278 LEU LEU A . n 
A 1 247 GLY 247 279 279 GLY GLY A . n 
A 1 248 ILE 248 280 280 ILE ILE A . n 
A 1 249 ILE 249 281 281 ILE ILE A . n 
# 
loop_
_pdbx_nonpoly_scheme.asym_id 
_pdbx_nonpoly_scheme.entity_id 
_pdbx_nonpoly_scheme.mon_id 
_pdbx_nonpoly_scheme.ndb_seq_num 
_pdbx_nonpoly_scheme.pdb_seq_num 
_pdbx_nonpoly_scheme.auth_seq_num 
_pdbx_nonpoly_scheme.pdb_mon_id 
_pdbx_nonpoly_scheme.auth_mon_id 
_pdbx_nonpoly_scheme.pdb_strand_id 
_pdbx_nonpoly_scheme.pdb_ins_code 
B 2 HOH 1  1   1  HOH HOH A . 
B 2 HOH 2  2   2  HOH HOH A . 
B 2 HOH 3  3   3  HOH HOH A . 
B 2 HOH 4  4   4  HOH HOH A . 
B 2 HOH 5  5   5  HOH HOH A . 
B 2 HOH 6  6   6  HOH HOH A . 
B 2 HOH 7  7   7  HOH HOH A . 
B 2 HOH 8  8   8  HOH HOH A . 
B 2 HOH 9  9   9  HOH HOH A . 
B 2 HOH 10 10  10 HOH HOH A . 
B 2 HOH 11 11  11 HOH HOH A . 
B 2 HOH 12 12  12 HOH HOH A . 
B 2 HOH 13 13  13 HOH HOH A . 
B 2 HOH 14 14  14 HOH HOH A . 
B 2 HOH 15 15  15 HOH HOH A . 
B 2 HOH 16 16  16 HOH HOH A . 
B 2 HOH 17 17  17 HOH HOH A . 
B 2 HOH 18 18  18 HOH HOH A . 
B 2 HOH 19 19  19 HOH HOH A . 
B 2 HOH 20 20  20 HOH HOH A . 
B 2 HOH 21 21  21 HOH HOH A . 
B 2 HOH 22 22  22 HOH HOH A . 
B 2 HOH 23 23  23 HOH HOH A . 
B 2 HOH 24 24  24 HOH HOH A . 
B 2 HOH 25 25  25 HOH HOH A . 
B 2 HOH 26 26  26 HOH HOH A . 
B 2 HOH 27 27  27 HOH HOH A . 
B 2 HOH 28 28  28 HOH HOH A . 
B 2 HOH 29 29  29 HOH HOH A . 
B 2 HOH 30 30  30 HOH HOH A . 
B 2 HOH 31 31  31 HOH HOH A . 
B 2 HOH 32 32  32 HOH HOH A . 
B 2 HOH 33 282 33 HOH HOH A . 
B 2 HOH 34 283 34 HOH HOH A . 
B 2 HOH 35 284 35 HOH HOH A . 
B 2 HOH 36 285 36 HOH HOH A . 
B 2 HOH 37 286 37 HOH HOH A . 
B 2 HOH 38 287 38 HOH HOH A . 
B 2 HOH 39 288 39 HOH HOH A . 
B 2 HOH 40 289 40 HOH HOH A . 
B 2 HOH 41 290 41 HOH HOH A . 
B 2 HOH 42 291 42 HOH HOH A . 
B 2 HOH 43 292 43 HOH HOH A . 
# 
loop_
_software.name 
_software.classification 
_software.version 
_software.citation_id 
_software.pdbx_ordinal 
MAR345dtb 'data collection' . ? 1 
PHENIX    'model building'  . ? 2 
REFMAC    refinement        . ? 3 
HKL-2000  'data reduction'  . ? 4 
HKL-2000  'data scaling'    . ? 5 
PHENIX    phasing           . ? 6 
# 
_cell.entry_id           3GYW 
_cell.length_a           76.24 
_cell.length_b           37.87 
_cell.length_c           79.14 
_cell.angle_alpha        90.00 
_cell.angle_beta         99.7 
_cell.angle_gamma        90.00 
_cell.Z_PDB              4 
_cell.pdbx_unique_axis   ? 
_cell.length_a_esd       ? 
_cell.length_b_esd       ? 
_cell.length_c_esd       ? 
_cell.angle_alpha_esd    ? 
_cell.angle_beta_esd     ? 
_cell.angle_gamma_esd    ? 
# 
_symmetry.entry_id                         3GYW 
_symmetry.space_group_name_H-M             'C 1 2 1' 
_symmetry.pdbx_full_space_group_name_H-M   ? 
_symmetry.cell_setting                     ? 
_symmetry.Int_Tables_number                5 
_symmetry.space_group_name_Hall            ? 
# 
_exptl.entry_id          3GYW 
_exptl.method            'X-RAY DIFFRACTION' 
_exptl.crystals_number   1 
# 
_exptl_crystal.id                    1 
_exptl_crystal.density_meas          ? 
_exptl_crystal.density_Matthews      1.90 
_exptl_crystal.density_percent_sol   35.19 
_exptl_crystal.description           ? 
_exptl_crystal.F_000                 ? 
_exptl_crystal.preparation           ? 
# 
_exptl_crystal_grow.crystal_id      1 
_exptl_crystal_grow.method          'VAPOR DIFFUSION, HANGING DROP' 
_exptl_crystal_grow.temp            293 
_exptl_crystal_grow.temp_details    ? 
_exptl_crystal_grow.pH              7.6 
_exptl_crystal_grow.pdbx_details    
'20% PEG 3350, 0.2M magnesium chloride, pH 7.6, VAPOR DIFFUSION, HANGING DROP, temperature 293K' 
_exptl_crystal_grow.pdbx_pH_range   ? 
# 
_diffrn.id                     1 
_diffrn.ambient_temp           100 
_diffrn.ambient_temp_details   ? 
_diffrn.crystal_id             1 
# 
_diffrn_detector.diffrn_id              1 
_diffrn_detector.detector               'IMAGE PLATE' 
_diffrn_detector.type                   'MAR scanner 345 mm plate' 
_diffrn_detector.pdbx_collection_date   2006-11-08 
_diffrn_detector.details                mirrors 
# 
_diffrn_radiation.diffrn_id                        1 
_diffrn_radiation.wavelength_id                    1 
_diffrn_radiation.pdbx_monochromatic_or_laue_m_l   M 
_diffrn_radiation.monochromator                    GRAPHITE 
_diffrn_radiation.pdbx_diffrn_protocol             'SINGLE WAVELENGTH' 
_diffrn_radiation.pdbx_scattering_type             x-ray 
# 
_diffrn_radiation_wavelength.id           1 
_diffrn_radiation_wavelength.wavelength   1.5418 
_diffrn_radiation_wavelength.wt           1.0 
# 
_diffrn_source.diffrn_id                   1 
_diffrn_source.source                      'ROTATING ANODE' 
_diffrn_source.type                        'RIGAKU MICROMAX-007' 
_diffrn_source.pdbx_synchrotron_site       ? 
_diffrn_source.pdbx_synchrotron_beamline   ? 
_diffrn_source.pdbx_wavelength             ? 
_diffrn_source.pdbx_wavelength_list        1.5418 
# 
_reflns.entry_id                     3GYW 
_reflns.observed_criterion_sigma_I   2.0 
_reflns.observed_criterion_sigma_F   2.0 
_reflns.d_resolution_low             50.0 
_reflns.d_resolution_high            2.40 
_reflns.number_obs                   8943 
_reflns.number_all                   8943 
_reflns.percent_possible_obs         100 
_reflns.pdbx_Rmerge_I_obs            0.040 
_reflns.pdbx_Rsym_value              ? 
_reflns.pdbx_netI_over_sigmaI        37.6 
_reflns.B_iso_Wilson_estimate        ? 
_reflns.pdbx_redundancy              2.4 
_reflns.R_free_details               ? 
_reflns.limit_h_max                  ? 
_reflns.limit_h_min                  ? 
_reflns.limit_k_max                  ? 
_reflns.limit_k_min                  ? 
_reflns.limit_l_max                  ? 
_reflns.limit_l_min                  ? 
_reflns.observed_criterion_F_max     ? 
_reflns.observed_criterion_F_min     ? 
_reflns.pdbx_chi_squared             ? 
_reflns.pdbx_scaling_rejects         ? 
_reflns.pdbx_ordinal                 1 
_reflns.pdbx_diffrn_id               1 
# 
_reflns_shell.d_res_high             2.40 
_reflns_shell.d_res_low              2.49 
_reflns_shell.percent_possible_all   100 
_reflns_shell.Rmerge_I_obs           0.206 
_reflns_shell.pdbx_Rsym_value        ? 
_reflns_shell.meanI_over_sigI_obs    8.1 
_reflns_shell.pdbx_redundancy        2.4 
_reflns_shell.percent_possible_obs   ? 
_reflns_shell.number_unique_all      892 
_reflns_shell.number_measured_all    ? 
_reflns_shell.number_measured_obs    ? 
_reflns_shell.number_unique_obs      ? 
_reflns_shell.pdbx_chi_squared       ? 
_reflns_shell.pdbx_ordinal           1 
_reflns_shell.pdbx_diffrn_id         1 
# 
_refine.entry_id                                 3GYW 
_refine.ls_number_reflns_obs                     8942 
_refine.ls_number_reflns_all                     8942 
_refine.pdbx_ls_sigma_I                          ? 
_refine.pdbx_ls_sigma_F                          2.0 
_refine.pdbx_data_cutoff_high_absF               ? 
_refine.pdbx_data_cutoff_low_absF                ? 
_refine.pdbx_data_cutoff_high_rms_absF           ? 
_refine.ls_d_res_low                             50.0 
_refine.ls_d_res_high                            2.40 
_refine.ls_percent_reflns_obs                    99.96 
_refine.ls_R_factor_obs                          ? 
_refine.ls_R_factor_all                          0.224 
_refine.ls_R_factor_R_work                       0.220 
_refine.ls_R_factor_R_free                       0.267 
_refine.ls_R_factor_R_free_error                 ? 
_refine.ls_R_factor_R_free_error_details         ? 
_refine.ls_percent_reflns_R_free                 ? 
_refine.ls_number_reflns_R_free                  889 
_refine.ls_number_parameters                     ? 
_refine.ls_number_restraints                     ? 
_refine.occupancy_min                            ? 
_refine.occupancy_max                            ? 
_refine.correlation_coeff_Fo_to_Fc               ? 
_refine.correlation_coeff_Fo_to_Fc_free          ? 
_refine.B_iso_mean                               ? 
_refine.aniso_B[1][1]                            ? 
_refine.aniso_B[2][2]                            ? 
_refine.aniso_B[3][3]                            ? 
_refine.aniso_B[1][2]                            ? 
_refine.aniso_B[1][3]                            ? 
_refine.aniso_B[2][3]                            ? 
_refine.solvent_model_details                    ? 
_refine.solvent_model_param_ksol                 ? 
_refine.solvent_model_param_bsol                 ? 
_refine.pdbx_solvent_vdw_probe_radii             ? 
_refine.pdbx_solvent_ion_probe_radii             ? 
_refine.pdbx_solvent_shrinkage_radii             ? 
_refine.pdbx_ls_cross_valid_method               ? 
_refine.details                                  ? 
_refine.pdbx_starting_model                      ? 
_refine.pdbx_method_to_determine_struct          SIRAS 
_refine.pdbx_isotropic_thermal_model             ? 
_refine.pdbx_stereochemistry_target_values       'Engh & Huber' 
_refine.pdbx_stereochem_target_val_spec_case     ? 
_refine.pdbx_R_Free_selection_details            RANDOM 
_refine.pdbx_overall_ESU_R                       ? 
_refine.pdbx_overall_ESU_R_Free                  ? 
_refine.overall_SU_ML                            ? 
_refine.overall_SU_B                             ? 
_refine.ls_redundancy_reflns_obs                 ? 
_refine.B_iso_min                                ? 
_refine.B_iso_max                                ? 
_refine.overall_SU_R_Cruickshank_DPI             ? 
_refine.overall_SU_R_free                        ? 
_refine.ls_wR_factor_R_free                      ? 
_refine.ls_wR_factor_R_work                      ? 
_refine.overall_FOM_free_R_set                   ? 
_refine.overall_FOM_work_R_set                   ? 
_refine.pdbx_overall_phase_error                 ? 
_refine.pdbx_refine_id                           'X-RAY DIFFRACTION' 
_refine.pdbx_diffrn_id                           1 
_refine.pdbx_TLS_residual_ADP_flag               ? 
_refine.pdbx_overall_SU_R_free_Cruickshank_DPI   ? 
_refine.pdbx_overall_SU_R_Blow_DPI               ? 
_refine.pdbx_overall_SU_R_free_Blow_DPI          ? 
# 
_refine_hist.pdbx_refine_id                   'X-RAY DIFFRACTION' 
_refine_hist.cycle_id                         LAST 
_refine_hist.pdbx_number_atoms_protein        1541 
_refine_hist.pdbx_number_atoms_nucleic_acid   0 
_refine_hist.pdbx_number_atoms_ligand         0 
_refine_hist.number_atoms_solvent             43 
_refine_hist.number_atoms_total               1584 
_refine_hist.d_res_high                       2.40 
_refine_hist.d_res_low                        50.0 
# 
loop_
_refine_ls_restr.type 
_refine_ls_restr.dev_ideal 
_refine_ls_restr.dev_ideal_target 
_refine_ls_restr.weight 
_refine_ls_restr.number 
_refine_ls_restr.pdbx_refine_id 
_refine_ls_restr.pdbx_restraint_function 
r_bond_refined_d    0.007 ? ? ? 'X-RAY DIFFRACTION' ? 
r_angle_refined_deg 0.981 ? ? ? 'X-RAY DIFFRACTION' ? 
# 
_refine_ls_shell.pdbx_total_number_of_bins_used   ? 
_refine_ls_shell.d_res_high                       2.40 
_refine_ls_shell.d_res_low                        2.462 
_refine_ls_shell.number_reflns_R_work             ? 
_refine_ls_shell.R_factor_R_work                  0.250 
_refine_ls_shell.percent_reflns_obs               99.7 
_refine_ls_shell.R_factor_R_free                  0.267 
_refine_ls_shell.R_factor_R_free_error            ? 
_refine_ls_shell.percent_reflns_R_free            ? 
_refine_ls_shell.number_reflns_R_free             53 
_refine_ls_shell.number_reflns_all                ? 
_refine_ls_shell.R_factor_all                     ? 
_refine_ls_shell.number_reflns_obs                594 
_refine_ls_shell.redundancy_reflns_obs            ? 
_refine_ls_shell.pdbx_refine_id                   'X-RAY DIFFRACTION' 
# 
_struct.entry_id                  3GYW 
_struct.title                     'Crystal structure of nucleosome assembly protein from Plasmodium falciparum at 2.4 A resolution' 
_struct.pdbx_model_details        ? 
_struct.pdbx_CASP_flag            ? 
_struct.pdbx_model_type_details   ? 
# 
_struct_keywords.entry_id        3GYW 
_struct_keywords.pdbx_keywords   CHAPERONE 
_struct_keywords.text            'SIR, SIRAS, NUCLEOSOME ASSEMBLY PROTEIN, HISTONE RECOGNITION, CHAPERONE' 
# 
loop_
_struct_asym.id 
_struct_asym.pdbx_blank_PDB_chainid_flag 
_struct_asym.pdbx_modified 
_struct_asym.entity_id 
_struct_asym.details 
A N N 1 ? 
B N N 2 ? 
# 
_struct_ref.id                         1 
_struct_ref.db_name                    UNP 
_struct_ref.db_code                    Q8I608_PLAF7 
_struct_ref.pdbx_db_accession          Q8I608 
_struct_ref.entity_id                  1 
_struct_ref.pdbx_seq_one_letter_code   
;MAANEGNQPIPPEEEKEISSLLESIKIGKTSLKYRCFYLYDDKMTDLTEEQKETLKKLKLYQKEYYDYESKFEYELFLLR
QKYHDLYGPIYDKRREALVGNGEAKIGTPNLPEFWLRALRNNNTVSHVIEDHDEEILVYLNDIRCDYIKKNKEKKEGFIL
SFYFATNPFFSNSVLTKTYHMKCVDCDNEPVLLHTEATVIDWYDNKNILKKNVVKKQHNKNSREVKTVQQTVNRDSFFHF
FTSHKVPNSNVIKQLSKHEVAQLEMIIEGDYEVALTIKERIIPYAVDYYLGIIIESESNSIVSDVDSSYSSSENNSNYNS
YESNNSAYNDENSNVDTNEYDDNEEEEEGAKSNEDPLTS
;
_struct_ref.pdbx_align_begin           1 
_struct_ref.pdbx_db_isoform            ? 
# 
_struct_ref_seq.align_id                      1 
_struct_ref_seq.ref_id                        1 
_struct_ref_seq.pdbx_PDB_id_code              3GYW 
_struct_ref_seq.pdbx_strand_id                A 
_struct_ref_seq.seq_align_beg                 1 
_struct_ref_seq.pdbx_seq_align_beg_ins_code   ? 
_struct_ref_seq.seq_align_end                 249 
_struct_ref_seq.pdbx_seq_align_end_ins_code   ? 
_struct_ref_seq.pdbx_db_accession             Q8I608 
_struct_ref_seq.db_align_beg                  45 
_struct_ref_seq.pdbx_db_align_beg_ins_code    ? 
_struct_ref_seq.db_align_end                  293 
_struct_ref_seq.pdbx_db_align_end_ins_code    ? 
_struct_ref_seq.pdbx_auth_seq_align_beg       33 
_struct_ref_seq.pdbx_auth_seq_align_end       281 
# 
_pdbx_struct_assembly.id                   1 
_pdbx_struct_assembly.details              author_and_software_defined_assembly 
_pdbx_struct_assembly.method_details       PISA 
_pdbx_struct_assembly.oligomeric_details   dimeric 
_pdbx_struct_assembly.oligomeric_count     2 
# 
loop_
_pdbx_struct_assembly_prop.biol_id 
_pdbx_struct_assembly_prop.type 
_pdbx_struct_assembly_prop.value 
_pdbx_struct_assembly_prop.details 
1 'ABSA (A^2)' 4140  ? 
1 MORE         -32   ? 
1 'SSA (A^2)'  19220 ? 
# 
_pdbx_struct_assembly_gen.assembly_id       1 
_pdbx_struct_assembly_gen.oper_expression   1,2 
_pdbx_struct_assembly_gen.asym_id_list      A,B 
# 
loop_
_pdbx_struct_oper_list.id 
_pdbx_struct_oper_list.type 
_pdbx_struct_oper_list.name 
_pdbx_struct_oper_list.symmetry_operation 
_pdbx_struct_oper_list.matrix[1][1] 
_pdbx_struct_oper_list.matrix[1][2] 
_pdbx_struct_oper_list.matrix[1][3] 
_pdbx_struct_oper_list.vector[1] 
_pdbx_struct_oper_list.matrix[2][1] 
_pdbx_struct_oper_list.matrix[2][2] 
_pdbx_struct_oper_list.matrix[2][3] 
_pdbx_struct_oper_list.vector[2] 
_pdbx_struct_oper_list.matrix[3][1] 
_pdbx_struct_oper_list.matrix[3][2] 
_pdbx_struct_oper_list.matrix[3][3] 
_pdbx_struct_oper_list.vector[3] 
1 'identity operation'         1_555 x,y,z   1.0000000000  0.0000000000  0.0000000000 0.0000000000  0.0000000000  1.0000000000  0.0000000000  0.0000000000  0.0000000000 0.0000000000  1.0000000000 0.0000000000  
2 'crystal symmetry operation' 2_555 -x,y,-z -0.6333251845 -0.4035517787 0.6603371659 26.8853274714 -0.4035517787 -0.5558624941 -0.7267481336 14.1669945464 0.6603371659 -0.7267481336 0.1891876785 -6.2711245974 
# 
_struct_biol.id        1 
_struct_biol.details   ? 
# 
loop_
_struct_conf.conf_type_id 
_struct_conf.id 
_struct_conf.pdbx_PDB_helix_id 
_struct_conf.beg_label_comp_id 
_struct_conf.beg_label_asym_id 
_struct_conf.beg_label_seq_id 
_struct_conf.pdbx_beg_PDB_ins_code 
_struct_conf.end_label_comp_id 
_struct_conf.end_label_asym_id 
_struct_conf.end_label_seq_id 
_struct_conf.pdbx_end_PDB_ins_code 
_struct_conf.beg_auth_comp_id 
_struct_conf.beg_auth_asym_id 
_struct_conf.beg_auth_seq_id 
_struct_conf.end_auth_comp_id 
_struct_conf.end_auth_asym_id 
_struct_conf.end_auth_seq_id 
_struct_conf.pdbx_PDB_helix_class 
_struct_conf.details 
_struct_conf.pdbx_PDB_helix_length 
HELX_P HELX_P1 1 THR A 4   ? GLY A 56  ? THR A 36  GLY A 88  1 ? 53 
HELX_P HELX_P2 2 GLU A 69  ? ASN A 77  ? GLU A 101 ASN A 109 1 ? 9  
HELX_P HELX_P3 3 ASN A 78  ? HIS A 83  ? ASN A 110 HIS A 115 1 ? 6  
HELX_P HELX_P4 4 GLU A 86  ? VAL A 94  ? GLU A 118 VAL A 126 1 ? 9  
HELX_P HELX_P5 5 SER A 192 ? PHE A 197 ? SER A 224 PHE A 229 5 ? 6  
HELX_P HELX_P6 6 GLU A 220 ? ARG A 236 ? GLU A 252 ARG A 268 1 ? 17 
HELX_P HELX_P7 7 ARG A 236 ? GLY A 247 ? ARG A 268 GLY A 279 1 ? 12 
# 
_struct_conf_type.id          HELX_P 
_struct_conf_type.criteria    ? 
_struct_conf_type.reference   ? 
# 
_struct_sheet.id               A 
_struct_sheet.type             ? 
_struct_sheet.number_strands   4 
_struct_sheet.details          ? 
# 
loop_
_struct_sheet_order.sheet_id 
_struct_sheet_order.range_id_1 
_struct_sheet_order.range_id_2 
_struct_sheet_order.offset 
_struct_sheet_order.sense 
A 1 2 ? anti-parallel 
A 2 3 ? anti-parallel 
A 3 4 ? anti-parallel 
# 
loop_
_struct_sheet_range.sheet_id 
_struct_sheet_range.id 
_struct_sheet_range.beg_label_comp_id 
_struct_sheet_range.beg_label_asym_id 
_struct_sheet_range.beg_label_seq_id 
_struct_sheet_range.pdbx_beg_PDB_ins_code 
_struct_sheet_range.end_label_comp_id 
_struct_sheet_range.end_label_asym_id 
_struct_sheet_range.end_label_seq_id 
_struct_sheet_range.pdbx_end_PDB_ins_code 
_struct_sheet_range.beg_auth_comp_id 
_struct_sheet_range.beg_auth_asym_id 
_struct_sheet_range.beg_auth_seq_id 
_struct_sheet_range.end_auth_comp_id 
_struct_sheet_range.end_auth_asym_id 
_struct_sheet_range.end_auth_seq_id 
A 1 LEU A 96  ? ASP A 102 ? LEU A 128 ASP A 134 
A 2 PHE A 114 ? PHE A 120 ? PHE A 146 PHE A 152 
A 3 VAL A 130 ? TYR A 135 ? VAL A 162 TYR A 167 
A 4 THR A 151 ? ALA A 153 ? THR A 183 ALA A 185 
# 
loop_
_pdbx_struct_sheet_hbond.sheet_id 
_pdbx_struct_sheet_hbond.range_id_1 
_pdbx_struct_sheet_hbond.range_id_2 
_pdbx_struct_sheet_hbond.range_1_label_atom_id 
_pdbx_struct_sheet_hbond.range_1_label_comp_id 
_pdbx_struct_sheet_hbond.range_1_label_asym_id 
_pdbx_struct_sheet_hbond.range_1_label_seq_id 
_pdbx_struct_sheet_hbond.range_1_PDB_ins_code 
_pdbx_struct_sheet_hbond.range_1_auth_atom_id 
_pdbx_struct_sheet_hbond.range_1_auth_comp_id 
_pdbx_struct_sheet_hbond.range_1_auth_asym_id 
_pdbx_struct_sheet_hbond.range_1_auth_seq_id 
_pdbx_struct_sheet_hbond.range_2_label_atom_id 
_pdbx_struct_sheet_hbond.range_2_label_comp_id 
_pdbx_struct_sheet_hbond.range_2_label_asym_id 
_pdbx_struct_sheet_hbond.range_2_label_seq_id 
_pdbx_struct_sheet_hbond.range_2_PDB_ins_code 
_pdbx_struct_sheet_hbond.range_2_auth_atom_id 
_pdbx_struct_sheet_hbond.range_2_auth_comp_id 
_pdbx_struct_sheet_hbond.range_2_auth_asym_id 
_pdbx_struct_sheet_hbond.range_2_auth_seq_id 
A 1 2 N ASP A 98  ? N ASP A 130 O TYR A 119 ? O TYR A 151 
A 2 3 N LEU A 116 ? N LEU A 148 O LYS A 133 ? O LYS A 165 
A 3 4 N THR A 134 ? N THR A 166 O GLU A 152 ? O GLU A 184 
# 
_pdbx_validate_close_contact.id               1 
_pdbx_validate_close_contact.PDB_model_num    1 
_pdbx_validate_close_contact.auth_atom_id_1   O 
_pdbx_validate_close_contact.auth_asym_id_1   A 
_pdbx_validate_close_contact.auth_comp_id_1   HOH 
_pdbx_validate_close_contact.auth_seq_id_1    288 
_pdbx_validate_close_contact.PDB_ins_code_1   ? 
_pdbx_validate_close_contact.label_alt_id_1   ? 
_pdbx_validate_close_contact.auth_atom_id_2   O 
_pdbx_validate_close_contact.auth_asym_id_2   A 
_pdbx_validate_close_contact.auth_comp_id_2   HOH 
_pdbx_validate_close_contact.auth_seq_id_2    291 
_pdbx_validate_close_contact.PDB_ins_code_2   ? 
_pdbx_validate_close_contact.label_alt_id_2   ? 
_pdbx_validate_close_contact.dist             2.16 
# 
loop_
_pdbx_validate_torsion.id 
_pdbx_validate_torsion.PDB_model_num 
_pdbx_validate_torsion.auth_comp_id 
_pdbx_validate_torsion.auth_asym_id 
_pdbx_validate_torsion.auth_seq_id 
_pdbx_validate_torsion.PDB_ins_code 
_pdbx_validate_torsion.label_alt_id 
_pdbx_validate_torsion.phi 
_pdbx_validate_torsion.psi 
1 1 LYS A 93  ? ? -87.98  35.75  
2 1 THR A 96  ? ? 34.05   63.39  
3 1 LEU A 99  ? ? -152.99 84.08  
4 1 ASN A 195 ? ? -68.54  97.01  
5 1 ARG A 268 ? ? -121.79 -56.45 
# 
loop_
_pdbx_unobs_or_zero_occ_residues.id 
_pdbx_unobs_or_zero_occ_residues.PDB_model_num 
_pdbx_unobs_or_zero_occ_residues.polymer_flag 
_pdbx_unobs_or_zero_occ_residues.occupancy_flag 
_pdbx_unobs_or_zero_occ_residues.auth_asym_id 
_pdbx_unobs_or_zero_occ_residues.auth_comp_id 
_pdbx_unobs_or_zero_occ_residues.auth_seq_id 
_pdbx_unobs_or_zero_occ_residues.PDB_ins_code 
_pdbx_unobs_or_zero_occ_residues.label_asym_id 
_pdbx_unobs_or_zero_occ_residues.label_comp_id 
_pdbx_unobs_or_zero_occ_residues.label_seq_id 
1  1 Y 1 A THR 33  ? A THR 1   
2  1 Y 1 A ASP 34  ? A ASP 2   
3  1 Y 1 A ASN 89  ? A ASN 57  
4  1 Y 1 A GLY 90  ? A GLY 58  
5  1 Y 1 A GLU 91  ? A GLU 59  
6  1 Y 1 A ILE 136 ? A ILE 104 
7  1 Y 1 A LYS 137 ? A LYS 105 
8  1 Y 1 A LYS 138 ? A LYS 106 
9  1 Y 1 A ASN 139 ? A ASN 107 
10 1 Y 1 A LYS 140 ? A LYS 108 
11 1 Y 1 A GLU 141 ? A GLU 109 
12 1 Y 1 A LYS 142 ? A LYS 110 
13 1 Y 1 A LYS 143 ? A LYS 111 
14 1 Y 1 A GLU 144 ? A GLU 112 
15 1 Y 1 A LYS 170 ? A LYS 138 
16 1 Y 1 A CYS 171 ? A CYS 139 
17 1 Y 1 A VAL 172 ? A VAL 140 
18 1 Y 1 A ASP 173 ? A ASP 141 
19 1 Y 1 A CYS 174 ? A CYS 142 
20 1 Y 1 A ASP 175 ? A ASP 143 
21 1 Y 1 A ASN 176 ? A ASN 144 
22 1 Y 1 A GLU 177 ? A GLU 145 
23 1 Y 1 A PRO 178 ? A PRO 146 
24 1 Y 1 A VAL 179 ? A VAL 147 
25 1 Y 1 A LEU 180 ? A LEU 148 
26 1 Y 1 A LEU 181 ? A LEU 149 
27 1 Y 1 A LYS 198 ? A LYS 166 
28 1 Y 1 A LYS 199 ? A LYS 167 
29 1 Y 1 A ASN 200 ? A ASN 168 
30 1 Y 1 A VAL 201 ? A VAL 169 
31 1 Y 1 A VAL 202 ? A VAL 170 
32 1 Y 1 A LYS 203 ? A LYS 171 
33 1 Y 1 A LYS 204 ? A LYS 172 
34 1 Y 1 A GLN 205 ? A GLN 173 
35 1 Y 1 A HIS 206 ? A HIS 174 
36 1 Y 1 A ASN 207 ? A ASN 175 
37 1 Y 1 A LYS 208 ? A LYS 176 
38 1 Y 1 A ASN 209 ? A ASN 177 
39 1 Y 1 A SER 210 ? A SER 178 
40 1 Y 1 A ARG 211 ? A ARG 179 
41 1 Y 1 A GLU 212 ? A GLU 180 
42 1 Y 1 A VAL 213 ? A VAL 181 
43 1 Y 1 A LYS 214 ? A LYS 182 
44 1 Y 1 A THR 215 ? A THR 183 
45 1 Y 1 A VAL 216 ? A VAL 184 
46 1 Y 1 A GLN 217 ? A GLN 185 
47 1 Y 1 A GLN 218 ? A GLN 186 
48 1 Y 1 A THR 219 ? A THR 187 
49 1 Y 1 A VAL 220 ? A VAL 188 
50 1 Y 1 A ASN 221 ? A ASN 189 
51 1 Y 1 A LYS 233 ? A LYS 201 
52 1 Y 1 A VAL 234 ? A VAL 202 
53 1 Y 1 A PRO 235 ? A PRO 203 
54 1 Y 1 A ASN 236 ? A ASN 204 
55 1 Y 1 A SER 237 ? A SER 205 
56 1 Y 1 A ASN 238 ? A ASN 206 
57 1 Y 1 A VAL 239 ? A VAL 207 
58 1 Y 1 A ILE 240 ? A ILE 208 
59 1 Y 1 A LYS 241 ? A LYS 209 
60 1 Y 1 A GLN 242 ? A GLN 210 
61 1 Y 1 A LEU 243 ? A LEU 211 
62 1 Y 1 A SER 244 ? A SER 212 
63 1 Y 1 A LYS 245 ? A LYS 213 
64 1 Y 1 A HIS 246 ? A HIS 214 
65 1 Y 1 A GLU 247 ? A GLU 215 
66 1 Y 1 A VAL 248 ? A VAL 216 
67 1 Y 1 A ALA 249 ? A ALA 217 
68 1 Y 1 A GLN 250 ? A GLN 218 
69 1 Y 1 A LEU 251 ? A LEU 219 
# 
loop_
_chem_comp_atom.comp_id 
_chem_comp_atom.atom_id 
_chem_comp_atom.type_symbol 
_chem_comp_atom.pdbx_aromatic_flag 
_chem_comp_atom.pdbx_stereo_config 
_chem_comp_atom.pdbx_ordinal 
ALA N    N N N 1   
ALA CA   C N S 2   
ALA C    C N N 3   
ALA O    O N N 4   
ALA CB   C N N 5   
ALA OXT  O N N 6   
ALA H    H N N 7   
ALA H2   H N N 8   
ALA HA   H N N 9   
ALA HB1  H N N 10  
ALA HB2  H N N 11  
ALA HB3  H N N 12  
ALA HXT  H N N 13  
ARG N    N N N 14  
ARG CA   C N S 15  
ARG C    C N N 16  
ARG O    O N N 17  
ARG CB   C N N 18  
ARG CG   C N N 19  
ARG CD   C N N 20  
ARG NE   N N N 21  
ARG CZ   C N N 22  
ARG NH1  N N N 23  
ARG NH2  N N N 24  
ARG OXT  O N N 25  
ARG H    H N N 26  
ARG H2   H N N 27  
ARG HA   H N N 28  
ARG HB2  H N N 29  
ARG HB3  H N N 30  
ARG HG2  H N N 31  
ARG HG3  H N N 32  
ARG HD2  H N N 33  
ARG HD3  H N N 34  
ARG HE   H N N 35  
ARG HH11 H N N 36  
ARG HH12 H N N 37  
ARG HH21 H N N 38  
ARG HH22 H N N 39  
ARG HXT  H N N 40  
ASN N    N N N 41  
ASN CA   C N S 42  
ASN C    C N N 43  
ASN O    O N N 44  
ASN CB   C N N 45  
ASN CG   C N N 46  
ASN OD1  O N N 47  
ASN ND2  N N N 48  
ASN OXT  O N N 49  
ASN H    H N N 50  
ASN H2   H N N 51  
ASN HA   H N N 52  
ASN HB2  H N N 53  
ASN HB3  H N N 54  
ASN HD21 H N N 55  
ASN HD22 H N N 56  
ASN HXT  H N N 57  
ASP N    N N N 58  
ASP CA   C N S 59  
ASP C    C N N 60  
ASP O    O N N 61  
ASP CB   C N N 62  
ASP CG   C N N 63  
ASP OD1  O N N 64  
ASP OD2  O N N 65  
ASP OXT  O N N 66  
ASP H    H N N 67  
ASP H2   H N N 68  
ASP HA   H N N 69  
ASP HB2  H N N 70  
ASP HB3  H N N 71  
ASP HD2  H N N 72  
ASP HXT  H N N 73  
CYS N    N N N 74  
CYS CA   C N R 75  
CYS C    C N N 76  
CYS O    O N N 77  
CYS CB   C N N 78  
CYS SG   S N N 79  
CYS OXT  O N N 80  
CYS H    H N N 81  
CYS H2   H N N 82  
CYS HA   H N N 83  
CYS HB2  H N N 84  
CYS HB3  H N N 85  
CYS HG   H N N 86  
CYS HXT  H N N 87  
GLN N    N N N 88  
GLN CA   C N S 89  
GLN C    C N N 90  
GLN O    O N N 91  
GLN CB   C N N 92  
GLN CG   C N N 93  
GLN CD   C N N 94  
GLN OE1  O N N 95  
GLN NE2  N N N 96  
GLN OXT  O N N 97  
GLN H    H N N 98  
GLN H2   H N N 99  
GLN HA   H N N 100 
GLN HB2  H N N 101 
GLN HB3  H N N 102 
GLN HG2  H N N 103 
GLN HG3  H N N 104 
GLN HE21 H N N 105 
GLN HE22 H N N 106 
GLN HXT  H N N 107 
GLU N    N N N 108 
GLU CA   C N S 109 
GLU C    C N N 110 
GLU O    O N N 111 
GLU CB   C N N 112 
GLU CG   C N N 113 
GLU CD   C N N 114 
GLU OE1  O N N 115 
GLU OE2  O N N 116 
GLU OXT  O N N 117 
GLU H    H N N 118 
GLU H2   H N N 119 
GLU HA   H N N 120 
GLU HB2  H N N 121 
GLU HB3  H N N 122 
GLU HG2  H N N 123 
GLU HG3  H N N 124 
GLU HE2  H N N 125 
GLU HXT  H N N 126 
GLY N    N N N 127 
GLY CA   C N N 128 
GLY C    C N N 129 
GLY O    O N N 130 
GLY OXT  O N N 131 
GLY H    H N N 132 
GLY H2   H N N 133 
GLY HA2  H N N 134 
GLY HA3  H N N 135 
GLY HXT  H N N 136 
HIS N    N N N 137 
HIS CA   C N S 138 
HIS C    C N N 139 
HIS O    O N N 140 
HIS CB   C N N 141 
HIS CG   C Y N 142 
HIS ND1  N Y N 143 
HIS CD2  C Y N 144 
HIS CE1  C Y N 145 
HIS NE2  N Y N 146 
HIS OXT  O N N 147 
HIS H    H N N 148 
HIS H2   H N N 149 
HIS HA   H N N 150 
HIS HB2  H N N 151 
HIS HB3  H N N 152 
HIS HD1  H N N 153 
HIS HD2  H N N 154 
HIS HE1  H N N 155 
HIS HE2  H N N 156 
HIS HXT  H N N 157 
HOH O    O N N 158 
HOH H1   H N N 159 
HOH H2   H N N 160 
ILE N    N N N 161 
ILE CA   C N S 162 
ILE C    C N N 163 
ILE O    O N N 164 
ILE CB   C N S 165 
ILE CG1  C N N 166 
ILE CG2  C N N 167 
ILE CD1  C N N 168 
ILE OXT  O N N 169 
ILE H    H N N 170 
ILE H2   H N N 171 
ILE HA   H N N 172 
ILE HB   H N N 173 
ILE HG12 H N N 174 
ILE HG13 H N N 175 
ILE HG21 H N N 176 
ILE HG22 H N N 177 
ILE HG23 H N N 178 
ILE HD11 H N N 179 
ILE HD12 H N N 180 
ILE HD13 H N N 181 
ILE HXT  H N N 182 
LEU N    N N N 183 
LEU CA   C N S 184 
LEU C    C N N 185 
LEU O    O N N 186 
LEU CB   C N N 187 
LEU CG   C N N 188 
LEU CD1  C N N 189 
LEU CD2  C N N 190 
LEU OXT  O N N 191 
LEU H    H N N 192 
LEU H2   H N N 193 
LEU HA   H N N 194 
LEU HB2  H N N 195 
LEU HB3  H N N 196 
LEU HG   H N N 197 
LEU HD11 H N N 198 
LEU HD12 H N N 199 
LEU HD13 H N N 200 
LEU HD21 H N N 201 
LEU HD22 H N N 202 
LEU HD23 H N N 203 
LEU HXT  H N N 204 
LYS N    N N N 205 
LYS CA   C N S 206 
LYS C    C N N 207 
LYS O    O N N 208 
LYS CB   C N N 209 
LYS CG   C N N 210 
LYS CD   C N N 211 
LYS CE   C N N 212 
LYS NZ   N N N 213 
LYS OXT  O N N 214 
LYS H    H N N 215 
LYS H2   H N N 216 
LYS HA   H N N 217 
LYS HB2  H N N 218 
LYS HB3  H N N 219 
LYS HG2  H N N 220 
LYS HG3  H N N 221 
LYS HD2  H N N 222 
LYS HD3  H N N 223 
LYS HE2  H N N 224 
LYS HE3  H N N 225 
LYS HZ1  H N N 226 
LYS HZ2  H N N 227 
LYS HZ3  H N N 228 
LYS HXT  H N N 229 
MET N    N N N 230 
MET CA   C N S 231 
MET C    C N N 232 
MET O    O N N 233 
MET CB   C N N 234 
MET CG   C N N 235 
MET SD   S N N 236 
MET CE   C N N 237 
MET OXT  O N N 238 
MET H    H N N 239 
MET H2   H N N 240 
MET HA   H N N 241 
MET HB2  H N N 242 
MET HB3  H N N 243 
MET HG2  H N N 244 
MET HG3  H N N 245 
MET HE1  H N N 246 
MET HE2  H N N 247 
MET HE3  H N N 248 
MET HXT  H N N 249 
PHE N    N N N 250 
PHE CA   C N S 251 
PHE C    C N N 252 
PHE O    O N N 253 
PHE CB   C N N 254 
PHE CG   C Y N 255 
PHE CD1  C Y N 256 
PHE CD2  C Y N 257 
PHE CE1  C Y N 258 
PHE CE2  C Y N 259 
PHE CZ   C Y N 260 
PHE OXT  O N N 261 
PHE H    H N N 262 
PHE H2   H N N 263 
PHE HA   H N N 264 
PHE HB2  H N N 265 
PHE HB3  H N N 266 
PHE HD1  H N N 267 
PHE HD2  H N N 268 
PHE HE1  H N N 269 
PHE HE2  H N N 270 
PHE HZ   H N N 271 
PHE HXT  H N N 272 
PRO N    N N N 273 
PRO CA   C N S 274 
PRO C    C N N 275 
PRO O    O N N 276 
PRO CB   C N N 277 
PRO CG   C N N 278 
PRO CD   C N N 279 
PRO OXT  O N N 280 
PRO H    H N N 281 
PRO HA   H N N 282 
PRO HB2  H N N 283 
PRO HB3  H N N 284 
PRO HG2  H N N 285 
PRO HG3  H N N 286 
PRO HD2  H N N 287 
PRO HD3  H N N 288 
PRO HXT  H N N 289 
SER N    N N N 290 
SER CA   C N S 291 
SER C    C N N 292 
SER O    O N N 293 
SER CB   C N N 294 
SER OG   O N N 295 
SER OXT  O N N 296 
SER H    H N N 297 
SER H2   H N N 298 
SER HA   H N N 299 
SER HB2  H N N 300 
SER HB3  H N N 301 
SER HG   H N N 302 
SER HXT  H N N 303 
THR N    N N N 304 
THR CA   C N S 305 
THR C    C N N 306 
THR O    O N N 307 
THR CB   C N R 308 
THR OG1  O N N 309 
THR CG2  C N N 310 
THR OXT  O N N 311 
THR H    H N N 312 
THR H2   H N N 313 
THR HA   H N N 314 
THR HB   H N N 315 
THR HG1  H N N 316 
THR HG21 H N N 317 
THR HG22 H N N 318 
THR HG23 H N N 319 
THR HXT  H N N 320 
TRP N    N N N 321 
TRP CA   C N S 322 
TRP C    C N N 323 
TRP O    O N N 324 
TRP CB   C N N 325 
TRP CG   C Y N 326 
TRP CD1  C Y N 327 
TRP CD2  C Y N 328 
TRP NE1  N Y N 329 
TRP CE2  C Y N 330 
TRP CE3  C Y N 331 
TRP CZ2  C Y N 332 
TRP CZ3  C Y N 333 
TRP CH2  C Y N 334 
TRP OXT  O N N 335 
TRP H    H N N 336 
TRP H2   H N N 337 
TRP HA   H N N 338 
TRP HB2  H N N 339 
TRP HB3  H N N 340 
TRP HD1  H N N 341 
TRP HE1  H N N 342 
TRP HE3  H N N 343 
TRP HZ2  H N N 344 
TRP HZ3  H N N 345 
TRP HH2  H N N 346 
TRP HXT  H N N 347 
TYR N    N N N 348 
TYR CA   C N S 349 
TYR C    C N N 350 
TYR O    O N N 351 
TYR CB   C N N 352 
TYR CG   C Y N 353 
TYR CD1  C Y N 354 
TYR CD2  C Y N 355 
TYR CE1  C Y N 356 
TYR CE2  C Y N 357 
TYR CZ   C Y N 358 
TYR OH   O N N 359 
TYR OXT  O N N 360 
TYR H    H N N 361 
TYR H2   H N N 362 
TYR HA   H N N 363 
TYR HB2  H N N 364 
TYR HB3  H N N 365 
TYR HD1  H N N 366 
TYR HD2  H N N 367 
TYR HE1  H N N 368 
TYR HE2  H N N 369 
TYR HH   H N N 370 
TYR HXT  H N N 371 
VAL N    N N N 372 
VAL CA   C N S 373 
VAL C    C N N 374 
VAL O    O N N 375 
VAL CB   C N N 376 
VAL CG1  C N N 377 
VAL CG2  C N N 378 
VAL OXT  O N N 379 
VAL H    H N N 380 
VAL H2   H N N 381 
VAL HA   H N N 382 
VAL HB   H N N 383 
VAL HG11 H N N 384 
VAL HG12 H N N 385 
VAL HG13 H N N 386 
VAL HG21 H N N 387 
VAL HG22 H N N 388 
VAL HG23 H N N 389 
VAL HXT  H N N 390 
# 
loop_
_chem_comp_bond.comp_id 
_chem_comp_bond.atom_id_1 
_chem_comp_bond.atom_id_2 
_chem_comp_bond.value_order 
_chem_comp_bond.pdbx_aromatic_flag 
_chem_comp_bond.pdbx_stereo_config 
_chem_comp_bond.pdbx_ordinal 
ALA N   CA   sing N N 1   
ALA N   H    sing N N 2   
ALA N   H2   sing N N 3   
ALA CA  C    sing N N 4   
ALA CA  CB   sing N N 5   
ALA CA  HA   sing N N 6   
ALA C   O    doub N N 7   
ALA C   OXT  sing N N 8   
ALA CB  HB1  sing N N 9   
ALA CB  HB2  sing N N 10  
ALA CB  HB3  sing N N 11  
ALA OXT HXT  sing N N 12  
ARG N   CA   sing N N 13  
ARG N   H    sing N N 14  
ARG N   H2   sing N N 15  
ARG CA  C    sing N N 16  
ARG CA  CB   sing N N 17  
ARG CA  HA   sing N N 18  
ARG C   O    doub N N 19  
ARG C   OXT  sing N N 20  
ARG CB  CG   sing N N 21  
ARG CB  HB2  sing N N 22  
ARG CB  HB3  sing N N 23  
ARG CG  CD   sing N N 24  
ARG CG  HG2  sing N N 25  
ARG CG  HG3  sing N N 26  
ARG CD  NE   sing N N 27  
ARG CD  HD2  sing N N 28  
ARG CD  HD3  sing N N 29  
ARG NE  CZ   sing N N 30  
ARG NE  HE   sing N N 31  
ARG CZ  NH1  sing N N 32  
ARG CZ  NH2  doub N N 33  
ARG NH1 HH11 sing N N 34  
ARG NH1 HH12 sing N N 35  
ARG NH2 HH21 sing N N 36  
ARG NH2 HH22 sing N N 37  
ARG OXT HXT  sing N N 38  
ASN N   CA   sing N N 39  
ASN N   H    sing N N 40  
ASN N   H2   sing N N 41  
ASN CA  C    sing N N 42  
ASN CA  CB   sing N N 43  
ASN CA  HA   sing N N 44  
ASN C   O    doub N N 45  
ASN C   OXT  sing N N 46  
ASN CB  CG   sing N N 47  
ASN CB  HB2  sing N N 48  
ASN CB  HB3  sing N N 49  
ASN CG  OD1  doub N N 50  
ASN CG  ND2  sing N N 51  
ASN ND2 HD21 sing N N 52  
ASN ND2 HD22 sing N N 53  
ASN OXT HXT  sing N N 54  
ASP N   CA   sing N N 55  
ASP N   H    sing N N 56  
ASP N   H2   sing N N 57  
ASP CA  C    sing N N 58  
ASP CA  CB   sing N N 59  
ASP CA  HA   sing N N 60  
ASP C   O    doub N N 61  
ASP C   OXT  sing N N 62  
ASP CB  CG   sing N N 63  
ASP CB  HB2  sing N N 64  
ASP CB  HB3  sing N N 65  
ASP CG  OD1  doub N N 66  
ASP CG  OD2  sing N N 67  
ASP OD2 HD2  sing N N 68  
ASP OXT HXT  sing N N 69  
CYS N   CA   sing N N 70  
CYS N   H    sing N N 71  
CYS N   H2   sing N N 72  
CYS CA  C    sing N N 73  
CYS CA  CB   sing N N 74  
CYS CA  HA   sing N N 75  
CYS C   O    doub N N 76  
CYS C   OXT  sing N N 77  
CYS CB  SG   sing N N 78  
CYS CB  HB2  sing N N 79  
CYS CB  HB3  sing N N 80  
CYS SG  HG   sing N N 81  
CYS OXT HXT  sing N N 82  
GLN N   CA   sing N N 83  
GLN N   H    sing N N 84  
GLN N   H2   sing N N 85  
GLN CA  C    sing N N 86  
GLN CA  CB   sing N N 87  
GLN CA  HA   sing N N 88  
GLN C   O    doub N N 89  
GLN C   OXT  sing N N 90  
GLN CB  CG   sing N N 91  
GLN CB  HB2  sing N N 92  
GLN CB  HB3  sing N N 93  
GLN CG  CD   sing N N 94  
GLN CG  HG2  sing N N 95  
GLN CG  HG3  sing N N 96  
GLN CD  OE1  doub N N 97  
GLN CD  NE2  sing N N 98  
GLN NE2 HE21 sing N N 99  
GLN NE2 HE22 sing N N 100 
GLN OXT HXT  sing N N 101 
GLU N   CA   sing N N 102 
GLU N   H    sing N N 103 
GLU N   H2   sing N N 104 
GLU CA  C    sing N N 105 
GLU CA  CB   sing N N 106 
GLU CA  HA   sing N N 107 
GLU C   O    doub N N 108 
GLU C   OXT  sing N N 109 
GLU CB  CG   sing N N 110 
GLU CB  HB2  sing N N 111 
GLU CB  HB3  sing N N 112 
GLU CG  CD   sing N N 113 
GLU CG  HG2  sing N N 114 
GLU CG  HG3  sing N N 115 
GLU CD  OE1  doub N N 116 
GLU CD  OE2  sing N N 117 
GLU OE2 HE2  sing N N 118 
GLU OXT HXT  sing N N 119 
GLY N   CA   sing N N 120 
GLY N   H    sing N N 121 
GLY N   H2   sing N N 122 
GLY CA  C    sing N N 123 
GLY CA  HA2  sing N N 124 
GLY CA  HA3  sing N N 125 
GLY C   O    doub N N 126 
GLY C   OXT  sing N N 127 
GLY OXT HXT  sing N N 128 
HIS N   CA   sing N N 129 
HIS N   H    sing N N 130 
HIS N   H2   sing N N 131 
HIS CA  C    sing N N 132 
HIS CA  CB   sing N N 133 
HIS CA  HA   sing N N 134 
HIS C   O    doub N N 135 
HIS C   OXT  sing N N 136 
HIS CB  CG   sing N N 137 
HIS CB  HB2  sing N N 138 
HIS CB  HB3  sing N N 139 
HIS CG  ND1  sing Y N 140 
HIS CG  CD2  doub Y N 141 
HIS ND1 CE1  doub Y N 142 
HIS ND1 HD1  sing N N 143 
HIS CD2 NE2  sing Y N 144 
HIS CD2 HD2  sing N N 145 
HIS CE1 NE2  sing Y N 146 
HIS CE1 HE1  sing N N 147 
HIS NE2 HE2  sing N N 148 
HIS OXT HXT  sing N N 149 
HOH O   H1   sing N N 150 
HOH O   H2   sing N N 151 
ILE N   CA   sing N N 152 
ILE N   H    sing N N 153 
ILE N   H2   sing N N 154 
ILE CA  C    sing N N 155 
ILE CA  CB   sing N N 156 
ILE CA  HA   sing N N 157 
ILE C   O    doub N N 158 
ILE C   OXT  sing N N 159 
ILE CB  CG1  sing N N 160 
ILE CB  CG2  sing N N 161 
ILE CB  HB   sing N N 162 
ILE CG1 CD1  sing N N 163 
ILE CG1 HG12 sing N N 164 
ILE CG1 HG13 sing N N 165 
ILE CG2 HG21 sing N N 166 
ILE CG2 HG22 sing N N 167 
ILE CG2 HG23 sing N N 168 
ILE CD1 HD11 sing N N 169 
ILE CD1 HD12 sing N N 170 
ILE CD1 HD13 sing N N 171 
ILE OXT HXT  sing N N 172 
LEU N   CA   sing N N 173 
LEU N   H    sing N N 174 
LEU N   H2   sing N N 175 
LEU CA  C    sing N N 176 
LEU CA  CB   sing N N 177 
LEU CA  HA   sing N N 178 
LEU C   O    doub N N 179 
LEU C   OXT  sing N N 180 
LEU CB  CG   sing N N 181 
LEU CB  HB2  sing N N 182 
LEU CB  HB3  sing N N 183 
LEU CG  CD1  sing N N 184 
LEU CG  CD2  sing N N 185 
LEU CG  HG   sing N N 186 
LEU CD1 HD11 sing N N 187 
LEU CD1 HD12 sing N N 188 
LEU CD1 HD13 sing N N 189 
LEU CD2 HD21 sing N N 190 
LEU CD2 HD22 sing N N 191 
LEU CD2 HD23 sing N N 192 
LEU OXT HXT  sing N N 193 
LYS N   CA   sing N N 194 
LYS N   H    sing N N 195 
LYS N   H2   sing N N 196 
LYS CA  C    sing N N 197 
LYS CA  CB   sing N N 198 
LYS CA  HA   sing N N 199 
LYS C   O    doub N N 200 
LYS C   OXT  sing N N 201 
LYS CB  CG   sing N N 202 
LYS CB  HB2  sing N N 203 
LYS CB  HB3  sing N N 204 
LYS CG  CD   sing N N 205 
LYS CG  HG2  sing N N 206 
LYS CG  HG3  sing N N 207 
LYS CD  CE   sing N N 208 
LYS CD  HD2  sing N N 209 
LYS CD  HD3  sing N N 210 
LYS CE  NZ   sing N N 211 
LYS CE  HE2  sing N N 212 
LYS CE  HE3  sing N N 213 
LYS NZ  HZ1  sing N N 214 
LYS NZ  HZ2  sing N N 215 
LYS NZ  HZ3  sing N N 216 
LYS OXT HXT  sing N N 217 
MET N   CA   sing N N 218 
MET N   H    sing N N 219 
MET N   H2   sing N N 220 
MET CA  C    sing N N 221 
MET CA  CB   sing N N 222 
MET CA  HA   sing N N 223 
MET C   O    doub N N 224 
MET C   OXT  sing N N 225 
MET CB  CG   sing N N 226 
MET CB  HB2  sing N N 227 
MET CB  HB3  sing N N 228 
MET CG  SD   sing N N 229 
MET CG  HG2  sing N N 230 
MET CG  HG3  sing N N 231 
MET SD  CE   sing N N 232 
MET CE  HE1  sing N N 233 
MET CE  HE2  sing N N 234 
MET CE  HE3  sing N N 235 
MET OXT HXT  sing N N 236 
PHE N   CA   sing N N 237 
PHE N   H    sing N N 238 
PHE N   H2   sing N N 239 
PHE CA  C    sing N N 240 
PHE CA  CB   sing N N 241 
PHE CA  HA   sing N N 242 
PHE C   O    doub N N 243 
PHE C   OXT  sing N N 244 
PHE CB  CG   sing N N 245 
PHE CB  HB2  sing N N 246 
PHE CB  HB3  sing N N 247 
PHE CG  CD1  doub Y N 248 
PHE CG  CD2  sing Y N 249 
PHE CD1 CE1  sing Y N 250 
PHE CD1 HD1  sing N N 251 
PHE CD2 CE2  doub Y N 252 
PHE CD2 HD2  sing N N 253 
PHE CE1 CZ   doub Y N 254 
PHE CE1 HE1  sing N N 255 
PHE CE2 CZ   sing Y N 256 
PHE CE2 HE2  sing N N 257 
PHE CZ  HZ   sing N N 258 
PHE OXT HXT  sing N N 259 
PRO N   CA   sing N N 260 
PRO N   CD   sing N N 261 
PRO N   H    sing N N 262 
PRO CA  C    sing N N 263 
PRO CA  CB   sing N N 264 
PRO CA  HA   sing N N 265 
PRO C   O    doub N N 266 
PRO C   OXT  sing N N 267 
PRO CB  CG   sing N N 268 
PRO CB  HB2  sing N N 269 
PRO CB  HB3  sing N N 270 
PRO CG  CD   sing N N 271 
PRO CG  HG2  sing N N 272 
PRO CG  HG3  sing N N 273 
PRO CD  HD2  sing N N 274 
PRO CD  HD3  sing N N 275 
PRO OXT HXT  sing N N 276 
SER N   CA   sing N N 277 
SER N   H    sing N N 278 
SER N   H2   sing N N 279 
SER CA  C    sing N N 280 
SER CA  CB   sing N N 281 
SER CA  HA   sing N N 282 
SER C   O    doub N N 283 
SER C   OXT  sing N N 284 
SER CB  OG   sing N N 285 
SER CB  HB2  sing N N 286 
SER CB  HB3  sing N N 287 
SER OG  HG   sing N N 288 
SER OXT HXT  sing N N 289 
THR N   CA   sing N N 290 
THR N   H    sing N N 291 
THR N   H2   sing N N 292 
THR CA  C    sing N N 293 
THR CA  CB   sing N N 294 
THR CA  HA   sing N N 295 
THR C   O    doub N N 296 
THR C   OXT  sing N N 297 
THR CB  OG1  sing N N 298 
THR CB  CG2  sing N N 299 
THR CB  HB   sing N N 300 
THR OG1 HG1  sing N N 301 
THR CG2 HG21 sing N N 302 
THR CG2 HG22 sing N N 303 
THR CG2 HG23 sing N N 304 
THR OXT HXT  sing N N 305 
TRP N   CA   sing N N 306 
TRP N   H    sing N N 307 
TRP N   H2   sing N N 308 
TRP CA  C    sing N N 309 
TRP CA  CB   sing N N 310 
TRP CA  HA   sing N N 311 
TRP C   O    doub N N 312 
TRP C   OXT  sing N N 313 
TRP CB  CG   sing N N 314 
TRP CB  HB2  sing N N 315 
TRP CB  HB3  sing N N 316 
TRP CG  CD1  doub Y N 317 
TRP CG  CD2  sing Y N 318 
TRP CD1 NE1  sing Y N 319 
TRP CD1 HD1  sing N N 320 
TRP CD2 CE2  doub Y N 321 
TRP CD2 CE3  sing Y N 322 
TRP NE1 CE2  sing Y N 323 
TRP NE1 HE1  sing N N 324 
TRP CE2 CZ2  sing Y N 325 
TRP CE3 CZ3  doub Y N 326 
TRP CE3 HE3  sing N N 327 
TRP CZ2 CH2  doub Y N 328 
TRP CZ2 HZ2  sing N N 329 
TRP CZ3 CH2  sing Y N 330 
TRP CZ3 HZ3  sing N N 331 
TRP CH2 HH2  sing N N 332 
TRP OXT HXT  sing N N 333 
TYR N   CA   sing N N 334 
TYR N   H    sing N N 335 
TYR N   H2   sing N N 336 
TYR CA  C    sing N N 337 
TYR CA  CB   sing N N 338 
TYR CA  HA   sing N N 339 
TYR C   O    doub N N 340 
TYR C   OXT  sing N N 341 
TYR CB  CG   sing N N 342 
TYR CB  HB2  sing N N 343 
TYR CB  HB3  sing N N 344 
TYR CG  CD1  doub Y N 345 
TYR CG  CD2  sing Y N 346 
TYR CD1 CE1  sing Y N 347 
TYR CD1 HD1  sing N N 348 
TYR CD2 CE2  doub Y N 349 
TYR CD2 HD2  sing N N 350 
TYR CE1 CZ   doub Y N 351 
TYR CE1 HE1  sing N N 352 
TYR CE2 CZ   sing Y N 353 
TYR CE2 HE2  sing N N 354 
TYR CZ  OH   sing N N 355 
TYR OH  HH   sing N N 356 
TYR OXT HXT  sing N N 357 
VAL N   CA   sing N N 358 
VAL N   H    sing N N 359 
VAL N   H2   sing N N 360 
VAL CA  C    sing N N 361 
VAL CA  CB   sing N N 362 
VAL CA  HA   sing N N 363 
VAL C   O    doub N N 364 
VAL C   OXT  sing N N 365 
VAL CB  CG1  sing N N 366 
VAL CB  CG2  sing N N 367 
VAL CB  HB   sing N N 368 
VAL CG1 HG11 sing N N 369 
VAL CG1 HG12 sing N N 370 
VAL CG1 HG13 sing N N 371 
VAL CG2 HG21 sing N N 372 
VAL CG2 HG22 sing N N 373 
VAL CG2 HG23 sing N N 374 
VAL OXT HXT  sing N N 375 
# 
_atom_sites.entry_id                    3GYW 
_atom_sites.fract_transf_matrix[1][1]   -0.00497576 
_atom_sites.fract_transf_matrix[1][2]   0.00910810 
_atom_sites.fract_transf_matrix[1][3]   0.00832920 
_atom_sites.fract_transf_matrix[2][1]   -0.01130736 
_atom_sites.fract_transf_matrix[2][2]   0.01244455 
_atom_sites.fract_transf_matrix[2][3]   -0.02036319 
_atom_sites.fract_transf_matrix[3][1]   -0.01120358 
_atom_sites.fract_transf_matrix[3][2]   -0.00554980 
_atom_sites.fract_transf_matrix[3][3]   0.00282952 
_atom_sites.fract_transf_vector[1]      0.028487 
_atom_sites.fract_transf_vector[2]      -0.053619 
_atom_sites.fract_transf_vector[3]      0.198790 
# 
loop_
_atom_type.symbol 
C 
N 
O 
S 
# 
loop_
_atom_site.group_PDB 
_atom_site.id 
_atom_site.type_symbol 
_atom_site.label_atom_id 
_atom_site.label_alt_id 
_atom_site.label_comp_id 
_atom_site.label_asym_id 
_atom_site.label_entity_id 
_atom_site.label_seq_id 
_atom_site.pdbx_PDB_ins_code 
_atom_site.Cartn_x 
_atom_site.Cartn_y 
_atom_site.Cartn_z 
_atom_site.occupancy 
_atom_site.B_iso_or_equiv 
_atom_site.pdbx_formal_charge 
_atom_site.auth_seq_id 
_atom_site.auth_comp_id 
_atom_site.auth_asym_id 
_atom_site.auth_atom_id 
_atom_site.pdbx_PDB_model_num 
ATOM   1    N N   . LEU A 1 3   ? 45.141  1.014   -24.837 1.00 36.43 ? 35  LEU A N   1 
ATOM   2    C CA  . LEU A 1 3   ? 45.794  1.393   -23.551 1.00 36.52 ? 35  LEU A CA  1 
ATOM   3    C C   . LEU A 1 3   ? 47.207  0.847   -23.474 1.00 36.70 ? 35  LEU A C   1 
ATOM   4    O O   . LEU A 1 3   ? 47.482  -0.257  -23.952 1.00 36.79 ? 35  LEU A O   1 
ATOM   5    C CB  . LEU A 1 3   ? 45.001  0.859   -22.349 1.00 36.51 ? 35  LEU A CB  1 
ATOM   6    C CG  . LEU A 1 3   ? 43.539  1.241   -22.097 1.00 36.43 ? 35  LEU A CG  1 
ATOM   7    C CD1 . LEU A 1 3   ? 43.037  0.538   -20.846 1.00 36.13 ? 35  LEU A CD1 1 
ATOM   8    C CD2 . LEU A 1 3   ? 43.359  2.748   -21.975 1.00 35.77 ? 35  LEU A CD2 1 
ATOM   9    N N   . THR A 1 4   ? 48.098  1.612   -22.848 1.00 36.75 ? 36  THR A N   1 
ATOM   10   C CA  . THR A 1 4   ? 49.443  1.133   -22.561 1.00 36.86 ? 36  THR A CA  1 
ATOM   11   C C   . THR A 1 4   ? 49.356  0.133   -21.407 1.00 36.95 ? 36  THR A C   1 
ATOM   12   O O   . THR A 1 4   ? 48.308  0.027   -20.750 1.00 37.09 ? 36  THR A O   1 
ATOM   13   C CB  . THR A 1 4   ? 50.408  2.284   -22.190 1.00 37.05 ? 36  THR A CB  1 
ATOM   14   O OG1 . THR A 1 4   ? 50.071  2.808   -20.896 1.00 37.49 ? 36  THR A OG1 1 
ATOM   15   C CG2 . THR A 1 4   ? 50.370  3.410   -23.241 1.00 37.20 ? 36  THR A CG2 1 
ATOM   16   N N   . GLU A 1 5   ? 50.444  -0.590  -21.156 1.00 36.59 ? 37  GLU A N   1 
ATOM   17   C CA  . GLU A 1 5   ? 50.461  -1.593  -20.096 1.00 36.64 ? 37  GLU A CA  1 
ATOM   18   C C   . GLU A 1 5   ? 50.363  -0.964  -18.704 1.00 36.27 ? 37  GLU A C   1 
ATOM   19   O O   . GLU A 1 5   ? 49.752  -1.531  -17.796 1.00 35.99 ? 37  GLU A O   1 
ATOM   20   C CB  . GLU A 1 5   ? 51.699  -2.497  -20.191 1.00 36.67 ? 37  GLU A CB  1 
ATOM   21   C CG  . GLU A 1 5   ? 52.104  -2.946  -21.611 1.00 37.80 ? 37  GLU A CG  1 
ATOM   22   C CD  . GLU A 1 5   ? 50.958  -3.414  -22.479 1.00 38.51 ? 37  GLU A CD  1 
ATOM   23   O OE1 . GLU A 1 5   ? 50.145  -4.234  -22.011 1.00 41.37 ? 37  GLU A OE1 1 
ATOM   24   O OE2 . GLU A 1 5   ? 50.879  -2.969  -23.638 1.00 37.55 ? 37  GLU A OE2 1 
ATOM   25   N N   . GLU A 1 6   ? 50.963  0.208   -18.548 1.00 36.09 ? 38  GLU A N   1 
ATOM   26   C CA  . GLU A 1 6   ? 50.890  0.952   -17.298 1.00 36.42 ? 38  GLU A CA  1 
ATOM   27   C C   . GLU A 1 6   ? 49.442  1.354   -16.994 1.00 35.58 ? 38  GLU A C   1 
ATOM   28   O O   . GLU A 1 6   ? 48.994  1.272   -15.856 1.00 35.52 ? 38  GLU A O   1 
ATOM   29   C CB  . GLU A 1 6   ? 51.787  2.184   -17.374 1.00 36.34 ? 38  GLU A CB  1 
ATOM   30   C CG  . GLU A 1 6   ? 52.412  2.591   -16.046 1.00 37.47 ? 38  GLU A CG  1 
ATOM   31   C CD  . GLU A 1 6   ? 53.154  3.924   -16.136 1.00 37.94 ? 38  GLU A CD  1 
ATOM   32   O OE1 . GLU A 1 6   ? 53.147  4.680   -15.140 1.00 40.23 ? 38  GLU A OE1 1 
ATOM   33   O OE2 . GLU A 1 6   ? 53.739  4.219   -17.206 1.00 39.66 ? 38  GLU A OE2 1 
ATOM   34   N N   . GLN A 1 7   ? 48.718  1.763   -18.032 1.00 35.04 ? 39  GLN A N   1 
ATOM   35   C CA  . GLN A 1 7   ? 47.306  2.092   -17.922 1.00 34.63 ? 39  GLN A CA  1 
ATOM   36   C C   . GLN A 1 7   ? 46.429  0.860   -17.662 1.00 34.57 ? 39  GLN A C   1 
ATOM   37   O O   . GLN A 1 7   ? 45.467  0.933   -16.896 1.00 34.36 ? 39  GLN A O   1 
ATOM   38   C CB  . GLN A 1 7   ? 46.852  2.861   -19.164 1.00 34.59 ? 39  GLN A CB  1 
ATOM   39   C CG  . GLN A 1 7   ? 47.466  4.264   -19.259 1.00 34.69 ? 39  GLN A CG  1 
ATOM   40   C CD  . GLN A 1 7   ? 47.451  4.852   -20.669 1.00 35.67 ? 39  GLN A CD  1 
ATOM   41   O OE1 . GLN A 1 7   ? 46.881  4.273   -21.599 1.00 36.04 ? 39  GLN A OE1 1 
ATOM   42   N NE2 . GLN A 1 7   ? 48.086  6.013   -20.829 1.00 34.63 ? 39  GLN A NE2 1 
ATOM   43   N N   . LYS A 1 8   ? 46.783  -0.269  -18.280 1.00 34.56 ? 40  LYS A N   1 
ATOM   44   C CA  . LYS A 1 8   ? 46.116  -1.548  -18.030 1.00 34.60 ? 40  LYS A CA  1 
ATOM   45   C C   . LYS A 1 8   ? 46.235  -1.968  -16.566 1.00 34.49 ? 40  LYS A C   1 
ATOM   46   O O   . LYS A 1 8   ? 45.303  -2.553  -16.005 1.00 34.44 ? 40  LYS A O   1 
ATOM   47   C CB  . LYS A 1 8   ? 46.688  -2.653  -18.926 1.00 34.81 ? 40  LYS A CB  1 
ATOM   48   C CG  . LYS A 1 8   ? 46.222  -2.641  -20.377 1.00 34.70 ? 40  LYS A CG  1 
ATOM   49   C CD  . LYS A 1 8   ? 46.924  -3.747  -21.166 1.00 35.18 ? 40  LYS A CD  1 
ATOM   50   C CE  . LYS A 1 8   ? 47.080  -3.410  -22.651 1.00 37.48 ? 40  LYS A CE  1 
ATOM   51   N NZ  . LYS A 1 8   ? 45.771  -3.338  -23.378 1.00 38.07 ? 40  LYS A NZ  1 
ATOM   52   N N   . GLU A 1 9   ? 47.388  -1.675  -15.963 1.00 34.33 ? 41  GLU A N   1 
ATOM   53   C CA  . GLU A 1 9   ? 47.631  -1.919  -14.542 1.00 34.50 ? 41  GLU A CA  1 
ATOM   54   C C   . GLU A 1 9   ? 46.748  -1.058  -13.637 1.00 33.95 ? 41  GLU A C   1 
ATOM   55   O O   . GLU A 1 9   ? 46.238  -1.533  -12.625 1.00 34.04 ? 41  GLU A O   1 
ATOM   56   C CB  . GLU A 1 9   ? 49.100  -1.674  -14.204 1.00 34.83 ? 41  GLU A CB  1 
ATOM   57   C CG  . GLU A 1 9   ? 50.020  -2.837  -14.516 1.00 36.88 ? 41  GLU A CG  1 
ATOM   58   C CD  . GLU A 1 9   ? 50.052  -3.890  -13.409 1.00 40.36 ? 41  GLU A CD  1 
ATOM   59   O OE1 . GLU A 1 9   ? 51.124  -4.499  -13.213 1.00 41.17 ? 41  GLU A OE1 1 
ATOM   60   O OE2 . GLU A 1 9   ? 49.016  -4.115  -12.737 1.00 42.29 ? 41  GLU A OE2 1 
ATOM   61   N N   . THR A 1 10  ? 46.583  0.210   -14.005 1.00 33.45 ? 42  THR A N   1 
ATOM   62   C CA  . THR A 1 10  ? 45.697  1.120   -13.293 1.00 32.65 ? 42  THR A CA  1 
ATOM   63   C C   . THR A 1 10  ? 44.254  0.624   -13.370 1.00 32.39 ? 42  THR A C   1 
ATOM   64   O O   . THR A 1 10  ? 43.551  0.573   -12.358 1.00 32.20 ? 42  THR A O   1 
ATOM   65   C CB  . THR A 1 10  ? 45.811  2.548   -13.858 1.00 32.82 ? 42  THR A CB  1 
ATOM   66   O OG1 . THR A 1 10  ? 47.162  3.005   -13.713 1.00 32.44 ? 42  THR A OG1 1 
ATOM   67   C CG2 . THR A 1 10  ? 44.862  3.509   -13.134 1.00 32.37 ? 42  THR A CG2 1 
ATOM   68   N N   . LEU A 1 11  ? 43.831  0.242   -14.574 1.00 32.07 ? 43  LEU A N   1 
ATOM   69   C CA  . LEU A 1 11  ? 42.501  -0.323  -14.808 1.00 31.78 ? 43  LEU A CA  1 
ATOM   70   C C   . LEU A 1 11  ? 42.262  -1.575  -13.957 1.00 31.76 ? 43  LEU A C   1 
ATOM   71   O O   . LEU A 1 11  ? 41.188  -1.740  -13.370 1.00 31.83 ? 43  LEU A O   1 
ATOM   72   C CB  . LEU A 1 11  ? 42.323  -0.644  -16.295 1.00 31.51 ? 43  LEU A CB  1 
ATOM   73   C CG  . LEU A 1 11  ? 40.931  -0.987  -16.820 1.00 31.43 ? 43  LEU A CG  1 
ATOM   74   C CD1 . LEU A 1 11  ? 39.958  0.161   -16.601 1.00 31.47 ? 43  LEU A CD1 1 
ATOM   75   C CD2 . LEU A 1 11  ? 40.998  -1.348  -18.295 1.00 31.45 ? 43  LEU A CD2 1 
ATOM   76   N N   . LYS A 1 12  ? 43.279  -2.434  -13.899 1.00 31.58 ? 44  LYS A N   1 
ATOM   77   C CA  . LYS A 1 12  ? 43.273  -3.644  -13.083 1.00 31.84 ? 44  LYS A CA  1 
ATOM   78   C C   . LYS A 1 12  ? 42.977  -3.312  -11.617 1.00 31.69 ? 44  LYS A C   1 
ATOM   79   O O   . LYS A 1 12  ? 42.079  -3.901  -11.020 1.00 31.41 ? 44  LYS A O   1 
ATOM   80   C CB  . LYS A 1 12  ? 44.615  -4.384  -13.237 1.00 31.90 ? 44  LYS A CB  1 
ATOM   81   C CG  . LYS A 1 12  ? 44.969  -5.369  -12.133 1.00 32.36 ? 44  LYS A CG  1 
ATOM   82   C CD  . LYS A 1 12  ? 44.960  -6.800  -12.621 1.00 33.34 ? 44  LYS A CD  1 
ATOM   83   C CE  . LYS A 1 12  ? 45.464  -7.760  -11.542 1.00 33.36 ? 44  LYS A CE  1 
ATOM   84   N NZ  . LYS A 1 12  ? 46.941  -7.707  -11.401 1.00 32.69 ? 44  LYS A NZ  1 
ATOM   85   N N   . LYS A 1 13  ? 43.729  -2.365  -11.058 1.00 31.84 ? 45  LYS A N   1 
ATOM   86   C CA  . LYS A 1 13  ? 43.514  -1.877  -9.688  1.00 32.27 ? 45  LYS A CA  1 
ATOM   87   C C   . LYS A 1 13  ? 42.087  -1.373  -9.456  1.00 31.93 ? 45  LYS A C   1 
ATOM   88   O O   . LYS A 1 13  ? 41.444  -1.743  -8.472  1.00 31.81 ? 45  LYS A O   1 
ATOM   89   C CB  . LYS A 1 13  ? 44.510  -0.761  -9.362  1.00 32.62 ? 45  LYS A CB  1 
ATOM   90   C CG  . LYS A 1 13  ? 45.957  -1.228  -9.239  1.00 35.23 ? 45  LYS A CG  1 
ATOM   91   C CD  . LYS A 1 13  ? 46.853  -0.077  -8.800  1.00 39.72 ? 45  LYS A CD  1 
ATOM   92   C CE  . LYS A 1 13  ? 48.326  -0.452  -8.845  1.00 42.18 ? 45  LYS A CE  1 
ATOM   93   N NZ  . LYS A 1 13  ? 49.156  0.796   -8.967  1.00 45.40 ? 45  LYS A NZ  1 
ATOM   94   N N   . LEU A 1 14  ? 41.602  -0.540  -10.376 1.00 31.63 ? 46  LEU A N   1 
ATOM   95   C CA  . LEU A 1 14  ? 40.251  0.011   -10.314 1.00 31.71 ? 46  LEU A CA  1 
ATOM   96   C C   . LEU A 1 14  ? 39.153  -1.056  -10.364 1.00 31.64 ? 46  LEU A C   1 
ATOM   97   O O   . LEU A 1 14  ? 38.119  -0.904  -9.725  1.00 31.20 ? 46  LEU A O   1 
ATOM   98   C CB  . LEU A 1 14  ? 40.043  1.051   -11.419 1.00 31.75 ? 46  LEU A CB  1 
ATOM   99   C CG  . LEU A 1 14  ? 40.349  2.517   -11.088 1.00 31.91 ? 46  LEU A CG  1 
ATOM   100  C CD1 . LEU A 1 14  ? 41.791  2.741   -10.657 1.00 32.40 ? 46  LEU A CD1 1 
ATOM   101  C CD2 . LEU A 1 14  ? 40.008  3.414   -12.269 1.00 31.88 ? 46  LEU A CD2 1 
ATOM   102  N N   . LYS A 1 15  ? 39.386  -2.132  -11.117 1.00 31.85 ? 47  LYS A N   1 
ATOM   103  C CA  . LYS A 1 15  ? 38.459  -3.270  -11.151 1.00 32.09 ? 47  LYS A CA  1 
ATOM   104  C C   . LYS A 1 15  ? 38.428  -3.969  -9.799  1.00 31.94 ? 47  LYS A C   1 
ATOM   105  O O   . LYS A 1 15  ? 37.362  -4.329  -9.315  1.00 32.47 ? 47  LYS A O   1 
ATOM   106  C CB  . LYS A 1 15  ? 38.843  -4.268  -12.245 1.00 32.26 ? 47  LYS A CB  1 
ATOM   107  C CG  . LYS A 1 15  ? 38.472  -3.839  -13.651 1.00 33.09 ? 47  LYS A CG  1 
ATOM   108  C CD  . LYS A 1 15  ? 39.195  -4.689  -14.690 1.00 34.46 ? 47  LYS A CD  1 
ATOM   109  C CE  . LYS A 1 15  ? 38.486  -4.635  -16.031 1.00 35.57 ? 47  LYS A CE  1 
ATOM   110  N NZ  . LYS A 1 15  ? 39.338  -5.157  -17.137 1.00 37.34 ? 47  LYS A NZ  1 
ATOM   111  N N   . LEU A 1 16  ? 39.602  -4.145  -9.197  1.00 31.89 ? 48  LEU A N   1 
ATOM   112  C CA  . LEU A 1 16  ? 39.725  -4.704  -7.851  1.00 31.69 ? 48  LEU A CA  1 
ATOM   113  C C   . LEU A 1 16  ? 38.963  -3.863  -6.820  1.00 31.24 ? 48  LEU A C   1 
ATOM   114  O O   . LEU A 1 16  ? 38.197  -4.405  -6.032  1.00 30.99 ? 48  LEU A O   1 
ATOM   115  C CB  . LEU A 1 16  ? 41.204  -4.855  -7.442  1.00 31.61 ? 48  LEU A CB  1 
ATOM   116  C CG  . LEU A 1 16  ? 41.520  -5.276  -5.992  1.00 32.30 ? 48  LEU A CG  1 
ATOM   117  C CD1 . LEU A 1 16  ? 41.400  -6.790  -5.796  1.00 32.99 ? 48  LEU A CD1 1 
ATOM   118  C CD2 . LEU A 1 16  ? 42.901  -4.794  -5.545  1.00 31.83 ? 48  LEU A CD2 1 
ATOM   119  N N   . TYR A 1 17  ? 39.177  -2.546  -6.839  1.00 30.84 ? 49  TYR A N   1 
ATOM   120  C CA  . TYR A 1 17  ? 38.513  -1.649  -5.897  1.00 30.70 ? 49  TYR A CA  1 
ATOM   121  C C   . TYR A 1 17  ? 36.999  -1.588  -6.103  1.00 30.52 ? 49  TYR A C   1 
ATOM   122  O O   . TYR A 1 17  ? 36.255  -1.437  -5.143  1.00 30.43 ? 49  TYR A O   1 
ATOM   123  C CB  . TYR A 1 17  ? 39.088  -0.226  -5.959  1.00 30.83 ? 49  TYR A CB  1 
ATOM   124  C CG  . TYR A 1 17  ? 40.597  -0.109  -5.881  1.00 30.85 ? 49  TYR A CG  1 
ATOM   125  C CD1 . TYR A 1 17  ? 41.357  -0.968  -5.081  1.00 29.98 ? 49  TYR A CD1 1 
ATOM   126  C CD2 . TYR A 1 17  ? 41.262  0.898   -6.581  1.00 30.57 ? 49  TYR A CD2 1 
ATOM   127  C CE1 . TYR A 1 17  ? 42.738  -0.844  -5.004  1.00 30.03 ? 49  TYR A CE1 1 
ATOM   128  C CE2 . TYR A 1 17  ? 42.642  1.032   -6.510  1.00 30.87 ? 49  TYR A CE2 1 
ATOM   129  C CZ  . TYR A 1 17  ? 43.374  0.155   -5.721  1.00 30.98 ? 49  TYR A CZ  1 
ATOM   130  O OH  . TYR A 1 17  ? 44.741  0.289   -5.646  1.00 31.75 ? 49  TYR A OH  1 
ATOM   131  N N   . GLN A 1 18  ? 36.555  -1.696  -7.351  1.00 30.47 ? 50  GLN A N   1 
ATOM   132  C CA  . GLN A 1 18  ? 35.126  -1.673  -7.666  1.00 30.80 ? 50  GLN A CA  1 
ATOM   133  C C   . GLN A 1 18  ? 34.416  -2.927  -7.157  1.00 31.16 ? 50  GLN A C   1 
ATOM   134  O O   . GLN A 1 18  ? 33.292  -2.848  -6.649  1.00 30.97 ? 50  GLN A O   1 
ATOM   135  C CB  . GLN A 1 18  ? 34.890  -1.493  -9.172  1.00 30.54 ? 50  GLN A CB  1 
ATOM   136  C CG  . GLN A 1 18  ? 33.435  -1.269  -9.562  1.00 30.17 ? 50  GLN A CG  1 
ATOM   137  C CD  . GLN A 1 18  ? 32.817  -0.046  -8.885  1.00 30.77 ? 50  GLN A CD  1 
ATOM   138  O OE1 . GLN A 1 18  ? 31.921  -0.175  -8.049  1.00 31.04 ? 50  GLN A OE1 1 
ATOM   139  N NE2 . GLN A 1 18  ? 33.304  1.139   -9.233  1.00 29.83 ? 50  GLN A NE2 1 
ATOM   140  N N   . LYS A 1 19  ? 35.075  -4.076  -7.298  1.00 31.51 ? 51  LYS A N   1 
ATOM   141  C CA  . LYS A 1 19  ? 34.571  -5.320  -6.732  1.00 32.26 ? 51  LYS A CA  1 
ATOM   142  C C   . LYS A 1 19  ? 34.499  -5.212  -5.204  1.00 32.44 ? 51  LYS A C   1 
ATOM   143  O O   . LYS A 1 19  ? 33.544  -5.693  -4.583  1.00 32.37 ? 51  LYS A O   1 
ATOM   144  C CB  . LYS A 1 19  ? 35.424  -6.516  -7.170  1.00 32.41 ? 51  LYS A CB  1 
ATOM   145  C CG  . LYS A 1 19  ? 35.027  -7.844  -6.525  1.00 33.90 ? 51  LYS A CG  1 
ATOM   146  C CD  . LYS A 1 19  ? 33.610  -8.276  -6.912  1.00 37.27 ? 51  LYS A CD  1 
ATOM   147  C CE  . LYS A 1 19  ? 33.137  -9.455  -6.048  1.00 39.54 ? 51  LYS A CE  1 
ATOM   148  N NZ  . LYS A 1 19  ? 32.063  -10.270 -6.714  1.00 40.23 ? 51  LYS A NZ  1 
ATOM   149  N N   . GLU A 1 20  ? 35.494  -4.563  -4.605  1.00 32.54 ? 52  GLU A N   1 
ATOM   150  C CA  . GLU A 1 20  ? 35.455  -4.302  -3.176  1.00 33.04 ? 52  GLU A CA  1 
ATOM   151  C C   . GLU A 1 20  ? 34.271  -3.407  -2.786  1.00 32.96 ? 52  GLU A C   1 
ATOM   152  O O   . GLU A 1 20  ? 33.609  -3.659  -1.775  1.00 32.67 ? 52  GLU A O   1 
ATOM   153  C CB  . GLU A 1 20  ? 36.775  -3.721  -2.668  1.00 33.23 ? 52  GLU A CB  1 
ATOM   154  C CG  . GLU A 1 20  ? 36.941  -3.912  -1.175  1.00 34.54 ? 52  GLU A CG  1 
ATOM   155  C CD  . GLU A 1 20  ? 38.010  -3.045  -0.558  1.00 36.21 ? 52  GLU A CD  1 
ATOM   156  O OE1 . GLU A 1 20  ? 38.847  -2.492  -1.294  1.00 38.95 ? 52  GLU A OE1 1 
ATOM   157  O OE2 . GLU A 1 20  ? 38.018  -2.924  0.682   1.00 37.86 ? 52  GLU A OE2 1 
ATOM   158  N N   . TYR A 1 21  ? 33.999  -2.382  -3.592  1.00 33.09 ? 53  TYR A N   1 
ATOM   159  C CA  . TYR A 1 21  ? 32.830  -1.526  -3.369  1.00 33.45 ? 53  TYR A CA  1 
ATOM   160  C C   . TYR A 1 21  ? 31.540  -2.340  -3.352  1.00 33.76 ? 53  TYR A C   1 
ATOM   161  O O   . TYR A 1 21  ? 30.691  -2.136  -2.478  1.00 33.86 ? 53  TYR A O   1 
ATOM   162  C CB  . TYR A 1 21  ? 32.716  -0.398  -4.403  1.00 33.24 ? 53  TYR A CB  1 
ATOM   163  C CG  . TYR A 1 21  ? 31.486  0.455   -4.171  1.00 33.19 ? 53  TYR A CG  1 
ATOM   164  C CD1 . TYR A 1 21  ? 31.555  1.616   -3.402  1.00 32.99 ? 53  TYR A CD1 1 
ATOM   165  C CD2 . TYR A 1 21  ? 30.241  0.079   -4.688  1.00 32.91 ? 53  TYR A CD2 1 
ATOM   166  C CE1 . TYR A 1 21  ? 30.417  2.393   -3.165  1.00 32.69 ? 53  TYR A CE1 1 
ATOM   167  C CE2 . TYR A 1 21  ? 29.101  0.844   -4.451  1.00 32.88 ? 53  TYR A CE2 1 
ATOM   168  C CZ  . TYR A 1 21  ? 29.196  1.996   -3.693  1.00 33.26 ? 53  TYR A CZ  1 
ATOM   169  O OH  . TYR A 1 21  ? 28.069  2.756   -3.463  1.00 34.33 ? 53  TYR A OH  1 
ATOM   170  N N   . TYR A 1 22  ? 31.405  -3.249  -4.323  1.00 34.08 ? 54  TYR A N   1 
ATOM   171  C CA  . TYR A 1 22  ? 30.230  -4.119  -4.454  1.00 34.17 ? 54  TYR A CA  1 
ATOM   172  C C   . TYR A 1 22  ? 30.080  -5.091  -3.302  1.00 34.18 ? 54  TYR A C   1 
ATOM   173  O O   . TYR A 1 22  ? 28.965  -5.417  -2.918  1.00 34.29 ? 54  TYR A O   1 
ATOM   174  C CB  . TYR A 1 22  ? 30.261  -4.899  -5.770  1.00 34.46 ? 54  TYR A CB  1 
ATOM   175  C CG  . TYR A 1 22  ? 29.976  -4.063  -6.990  1.00 34.74 ? 54  TYR A CG  1 
ATOM   176  C CD1 . TYR A 1 22  ? 28.898  -3.175  -7.019  1.00 35.26 ? 54  TYR A CD1 1 
ATOM   177  C CD2 . TYR A 1 22  ? 30.768  -4.172  -8.127  1.00 35.57 ? 54  TYR A CD2 1 
ATOM   178  C CE1 . TYR A 1 22  ? 28.632  -2.401  -8.152  1.00 35.38 ? 54  TYR A CE1 1 
ATOM   179  C CE2 . TYR A 1 22  ? 30.509  -3.410  -9.264  1.00 35.32 ? 54  TYR A CE2 1 
ATOM   180  C CZ  . TYR A 1 22  ? 29.443  -2.526  -9.263  1.00 35.33 ? 54  TYR A CZ  1 
ATOM   181  O OH  . TYR A 1 22  ? 29.188  -1.775  -10.383 1.00 35.90 ? 54  TYR A OH  1 
ATOM   182  N N   . ASP A 1 23  ? 31.206  -5.557  -2.765  1.00 34.34 ? 55  ASP A N   1 
ATOM   183  C CA  . ASP A 1 23  ? 31.216  -6.381  -1.563  1.00 34.58 ? 55  ASP A CA  1 
ATOM   184  C C   . ASP A 1 23  ? 30.536  -5.646  -0.405  1.00 34.49 ? 55  ASP A C   1 
ATOM   185  O O   . ASP A 1 23  ? 29.638  -6.192  0.239   1.00 34.56 ? 55  ASP A O   1 
ATOM   186  C CB  . ASP A 1 23  ? 32.648  -6.756  -1.169  1.00 34.86 ? 55  ASP A CB  1 
ATOM   187  C CG  . ASP A 1 23  ? 33.252  -7.835  -2.064  1.00 36.03 ? 55  ASP A CG  1 
ATOM   188  O OD1 . ASP A 1 23  ? 32.510  -8.491  -2.833  1.00 36.30 ? 55  ASP A OD1 1 
ATOM   189  O OD2 . ASP A 1 23  ? 34.490  -8.030  -1.977  1.00 37.66 ? 55  ASP A OD2 1 
ATOM   190  N N   . TYR A 1 24  ? 30.971  -4.408  -0.163  1.00 34.27 ? 56  TYR A N   1 
ATOM   191  C CA  . TYR A 1 24  ? 30.429  -3.560  0.896   1.00 34.17 ? 56  TYR A CA  1 
ATOM   192  C C   . TYR A 1 24  ? 28.985  -3.133  0.645   1.00 33.96 ? 56  TYR A C   1 
ATOM   193  O O   . TYR A 1 24  ? 28.175  -3.136  1.569   1.00 33.41 ? 56  TYR A O   1 
ATOM   194  C CB  . TYR A 1 24  ? 31.296  -2.316  1.092   1.00 34.33 ? 56  TYR A CB  1 
ATOM   195  C CG  . TYR A 1 24  ? 32.571  -2.546  1.870   1.00 34.84 ? 56  TYR A CG  1 
ATOM   196  C CD1 . TYR A 1 24  ? 32.545  -3.081  3.161   1.00 36.19 ? 56  TYR A CD1 1 
ATOM   197  C CD2 . TYR A 1 24  ? 33.802  -2.201  1.328   1.00 34.94 ? 56  TYR A CD2 1 
ATOM   198  C CE1 . TYR A 1 24  ? 33.725  -3.288  3.885   1.00 36.17 ? 56  TYR A CE1 1 
ATOM   199  C CE2 . TYR A 1 24  ? 34.984  -2.399  2.034   1.00 36.39 ? 56  TYR A CE2 1 
ATOM   200  C CZ  . TYR A 1 24  ? 34.941  -2.941  3.312   1.00 36.13 ? 56  TYR A CZ  1 
ATOM   201  O OH  . TYR A 1 24  ? 36.115  -3.122  4.005   1.00 35.79 ? 56  TYR A OH  1 
ATOM   202  N N   . GLU A 1 25  ? 28.674  -2.760  -0.598  1.00 33.99 ? 57  GLU A N   1 
ATOM   203  C CA  . GLU A 1 25  ? 27.316  -2.362  -0.967  1.00 34.41 ? 57  GLU A CA  1 
ATOM   204  C C   . GLU A 1 25  ? 26.339  -3.519  -0.756  1.00 34.66 ? 57  GLU A C   1 
ATOM   205  O O   . GLU A 1 25  ? 25.192  -3.298  -0.369  1.00 34.62 ? 57  GLU A O   1 
ATOM   206  C CB  . GLU A 1 25  ? 27.255  -1.855  -2.410  1.00 34.19 ? 57  GLU A CB  1 
ATOM   207  C CG  . GLU A 1 25  ? 25.924  -1.223  -2.795  1.00 34.55 ? 57  GLU A CG  1 
ATOM   208  C CD  . GLU A 1 25  ? 25.894  -0.701  -4.220  1.00 34.88 ? 57  GLU A CD  1 
ATOM   209  O OE1 . GLU A 1 25  ? 26.221  -1.465  -5.151  1.00 35.55 ? 57  GLU A OE1 1 
ATOM   210  O OE2 . GLU A 1 25  ? 25.536  0.482   -4.413  1.00 36.24 ? 57  GLU A OE2 1 
ATOM   211  N N   . SER A 1 26  ? 26.811  -4.744  -0.997  1.00 35.19 ? 58  SER A N   1 
ATOM   212  C CA  . SER A 1 26  ? 26.033  -5.954  -0.728  1.00 35.90 ? 58  SER A CA  1 
ATOM   213  C C   . SER A 1 26  ? 25.680  -6.052  0.740   1.00 36.02 ? 58  SER A C   1 
ATOM   214  O O   . SER A 1 26  ? 24.524  -6.271  1.087   1.00 36.03 ? 58  SER A O   1 
ATOM   215  C CB  . SER A 1 26  ? 26.802  -7.213  -1.136  1.00 35.85 ? 58  SER A CB  1 
ATOM   216  O OG  . SER A 1 26  ? 26.446  -7.617  -2.440  1.00 36.85 ? 58  SER A OG  1 
ATOM   217  N N   . LYS A 1 27  ? 26.693  -5.901  1.588   1.00 36.60 ? 59  LYS A N   1 
ATOM   218  C CA  . LYS A 1 27  ? 26.522  -5.952  3.032   1.00 37.51 ? 59  LYS A CA  1 
ATOM   219  C C   . LYS A 1 27  ? 25.568  -4.857  3.494   1.00 37.56 ? 59  LYS A C   1 
ATOM   220  O O   . LYS A 1 27  ? 24.731  -5.093  4.363   1.00 37.51 ? 59  LYS A O   1 
ATOM   221  C CB  . LYS A 1 27  ? 27.875  -5.838  3.744   1.00 37.63 ? 59  LYS A CB  1 
ATOM   222  C CG  . LYS A 1 27  ? 28.649  -7.144  3.789   1.00 39.42 ? 59  LYS A CG  1 
ATOM   223  C CD  . LYS A 1 27  ? 30.115  -6.922  4.151   1.00 41.89 ? 59  LYS A CD  1 
ATOM   224  C CE  . LYS A 1 27  ? 30.801  -8.231  4.552   1.00 44.00 ? 59  LYS A CE  1 
ATOM   225  N NZ  . LYS A 1 27  ? 30.780  -9.274  3.472   1.00 44.85 ? 59  LYS A NZ  1 
ATOM   226  N N   . PHE A 1 28  ? 25.693  -3.673  2.894   1.00 37.79 ? 60  PHE A N   1 
ATOM   227  C CA  . PHE A 1 28  ? 24.770  -2.572  3.166   1.00 38.33 ? 60  PHE A CA  1 
ATOM   228  C C   . PHE A 1 28  ? 23.319  -2.920  2.833   1.00 38.71 ? 60  PHE A C   1 
ATOM   229  O O   . PHE A 1 28  ? 22.445  -2.732  3.672   1.00 38.77 ? 60  PHE A O   1 
ATOM   230  C CB  . PHE A 1 28  ? 25.181  -1.274  2.454   1.00 37.97 ? 60  PHE A CB  1 
ATOM   231  C CG  . PHE A 1 28  ? 24.135  -0.198  2.528   1.00 37.40 ? 60  PHE A CG  1 
ATOM   232  C CD1 . PHE A 1 28  ? 23.947  0.528   3.704   1.00 36.89 ? 60  PHE A CD1 1 
ATOM   233  C CD2 . PHE A 1 28  ? 23.311  0.069   1.433   1.00 37.14 ? 60  PHE A CD2 1 
ATOM   234  C CE1 . PHE A 1 28  ? 22.967  1.515   3.784   1.00 37.27 ? 60  PHE A CE1 1 
ATOM   235  C CE2 . PHE A 1 28  ? 22.324  1.056   1.496   1.00 36.98 ? 60  PHE A CE2 1 
ATOM   236  C CZ  . PHE A 1 28  ? 22.151  1.781   2.674   1.00 37.70 ? 60  PHE A CZ  1 
ATOM   237  N N   . GLU A 1 29  ? 23.069  -3.417  1.622   1.00 39.55 ? 61  GLU A N   1 
ATOM   238  C CA  . GLU A 1 29  ? 21.707  -3.784  1.200   1.00 40.66 ? 61  GLU A CA  1 
ATOM   239  C C   . GLU A 1 29  ? 21.114  -4.892  2.083   1.00 40.82 ? 61  GLU A C   1 
ATOM   240  O O   . GLU A 1 29  ? 19.926  -4.868  2.417   1.00 40.93 ? 61  GLU A O   1 
ATOM   241  C CB  . GLU A 1 29  ? 21.662  -4.193  -0.279  1.00 40.73 ? 61  GLU A CB  1 
ATOM   242  C CG  . GLU A 1 29  ? 22.055  -3.097  -1.282  1.00 42.80 ? 61  GLU A CG  1 
ATOM   243  C CD  . GLU A 1 29  ? 20.987  -2.014  -1.483  1.00 45.70 ? 61  GLU A CD  1 
ATOM   244  O OE1 . GLU A 1 29  ? 19.840  -2.174  -0.993  1.00 46.72 ? 61  GLU A OE1 1 
ATOM   245  O OE2 . GLU A 1 29  ? 21.300  -0.997  -2.151  1.00 45.94 ? 61  GLU A OE2 1 
ATOM   246  N N   . TYR A 1 30  ? 21.960  -5.846  2.464   1.00 41.16 ? 62  TYR A N   1 
ATOM   247  C CA  . TYR A 1 30  ? 21.580  -6.917  3.378   1.00 41.55 ? 62  TYR A CA  1 
ATOM   248  C C   . TYR A 1 30  ? 21.222  -6.384  4.770   1.00 41.49 ? 62  TYR A C   1 
ATOM   249  O O   . TYR A 1 30  ? 20.188  -6.752  5.333   1.00 41.43 ? 62  TYR A O   1 
ATOM   250  C CB  . TYR A 1 30  ? 22.694  -7.969  3.467   1.00 41.78 ? 62  TYR A CB  1 
ATOM   251  C CG  . TYR A 1 30  ? 22.436  -9.040  4.497   1.00 42.47 ? 62  TYR A CG  1 
ATOM   252  C CD1 . TYR A 1 30  ? 21.554  -10.091 4.236   1.00 42.93 ? 62  TYR A CD1 1 
ATOM   253  C CD2 . TYR A 1 30  ? 23.062  -8.999  5.742   1.00 43.61 ? 62  TYR A CD2 1 
ATOM   254  C CE1 . TYR A 1 30  ? 21.307  -11.075 5.186   1.00 43.18 ? 62  TYR A CE1 1 
ATOM   255  C CE2 . TYR A 1 30  ? 22.820  -9.981  6.703   1.00 43.78 ? 62  TYR A CE2 1 
ATOM   256  C CZ  . TYR A 1 30  ? 21.945  -11.014 6.414   1.00 43.11 ? 62  TYR A CZ  1 
ATOM   257  O OH  . TYR A 1 30  ? 21.707  -11.985 7.356   1.00 43.29 ? 62  TYR A OH  1 
ATOM   258  N N   . GLU A 1 31  ? 22.078  -5.523  5.322   1.00 41.43 ? 63  GLU A N   1 
ATOM   259  C CA  . GLU A 1 31  ? 21.819  -4.925  6.635   1.00 41.64 ? 63  GLU A CA  1 
ATOM   260  C C   . GLU A 1 31  ? 20.619  -3.975  6.605   1.00 41.47 ? 63  GLU A C   1 
ATOM   261  O O   . GLU A 1 31  ? 19.907  -3.850  7.594   1.00 41.62 ? 63  GLU A O   1 
ATOM   262  C CB  . GLU A 1 31  ? 23.057  -4.215  7.188   1.00 41.66 ? 63  GLU A CB  1 
ATOM   263  C CG  . GLU A 1 31  ? 24.161  -5.144  7.668   1.00 42.38 ? 63  GLU A CG  1 
ATOM   264  C CD  . GLU A 1 31  ? 25.184  -4.420  8.515   1.00 44.50 ? 63  GLU A CD  1 
ATOM   265  O OE1 . GLU A 1 31  ? 24.842  -4.001  9.641   1.00 46.29 ? 63  GLU A OE1 1 
ATOM   266  O OE2 . GLU A 1 31  ? 26.338  -4.267  8.067   1.00 45.44 ? 63  GLU A OE2 1 
ATOM   267  N N   . LEU A 1 32  ? 20.408  -3.322  5.463   1.00 41.45 ? 64  LEU A N   1 
ATOM   268  C CA  . LEU A 1 32  ? 19.231  -2.488  5.224   1.00 41.44 ? 64  LEU A CA  1 
ATOM   269  C C   . LEU A 1 32  ? 17.945  -3.317  5.175   1.00 41.59 ? 64  LEU A C   1 
ATOM   270  O O   . LEU A 1 32  ? 16.936  -2.934  5.770   1.00 41.46 ? 64  LEU A O   1 
ATOM   271  C CB  . LEU A 1 32  ? 19.403  -1.692  3.924   1.00 41.38 ? 64  LEU A CB  1 
ATOM   272  C CG  . LEU A 1 32  ? 18.254  -0.823  3.405   1.00 41.41 ? 64  LEU A CG  1 
ATOM   273  C CD1 . LEU A 1 32  ? 17.969  0.326   4.356   1.00 41.94 ? 64  LEU A CD1 1 
ATOM   274  C CD2 . LEU A 1 32  ? 18.577  -0.299  2.021   1.00 41.34 ? 64  LEU A CD2 1 
ATOM   275  N N   . PHE A 1 33  ? 17.988  -4.442  4.457   1.00 41.67 ? 65  PHE A N   1 
ATOM   276  C CA  . PHE A 1 33  ? 16.866  -5.374  4.415   1.00 41.92 ? 65  PHE A CA  1 
ATOM   277  C C   . PHE A 1 33  ? 16.503  -5.855  5.823   1.00 41.91 ? 65  PHE A C   1 
ATOM   278  O O   . PHE A 1 33  ? 15.327  -5.898  6.176   1.00 41.81 ? 65  PHE A O   1 
ATOM   279  C CB  . PHE A 1 33  ? 17.175  -6.562  3.493   1.00 42.37 ? 65  PHE A CB  1 
ATOM   280  C CG  . PHE A 1 33  ? 16.010  -7.497  3.291   1.00 42.66 ? 65  PHE A CG  1 
ATOM   281  C CD1 . PHE A 1 33  ? 15.017  -7.203  2.357   1.00 43.94 ? 65  PHE A CD1 1 
ATOM   282  C CD2 . PHE A 1 33  ? 15.902  -8.665  4.038   1.00 42.94 ? 65  PHE A CD2 1 
ATOM   283  C CE1 . PHE A 1 33  ? 13.933  -8.060  2.170   1.00 43.95 ? 65  PHE A CE1 1 
ATOM   284  C CE2 . PHE A 1 33  ? 14.828  -9.531  3.861   1.00 43.35 ? 65  PHE A CE2 1 
ATOM   285  C CZ  . PHE A 1 33  ? 13.840  -9.228  2.926   1.00 43.74 ? 65  PHE A CZ  1 
ATOM   286  N N   . LEU A 1 34  ? 17.520  -6.205  6.614   1.00 41.93 ? 66  LEU A N   1 
ATOM   287  C CA  . LEU A 1 34  ? 17.344  -6.597  8.013   1.00 41.95 ? 66  LEU A CA  1 
ATOM   288  C C   . LEU A 1 34  ? 16.682  -5.512  8.857   1.00 41.81 ? 66  LEU A C   1 
ATOM   289  O O   . LEU A 1 34  ? 15.836  -5.808  9.697   1.00 41.68 ? 66  LEU A O   1 
ATOM   290  C CB  . LEU A 1 34  ? 18.683  -6.967  8.648   1.00 42.05 ? 66  LEU A CB  1 
ATOM   291  C CG  . LEU A 1 34  ? 19.220  -8.388  8.477   1.00 43.00 ? 66  LEU A CG  1 
ATOM   292  C CD1 . LEU A 1 34  ? 20.523  -8.534  9.253   1.00 43.39 ? 66  LEU A CD1 1 
ATOM   293  C CD2 . LEU A 1 34  ? 18.206  -9.446  8.928   1.00 43.86 ? 66  LEU A CD2 1 
ATOM   294  N N   . LEU A 1 35  ? 17.081  -4.263  8.637   1.00 41.67 ? 67  LEU A N   1 
ATOM   295  C CA  . LEU A 1 35  ? 16.539  -3.141  9.386   1.00 41.61 ? 67  LEU A CA  1 
ATOM   296  C C   . LEU A 1 35  ? 15.070  -2.908  9.058   1.00 41.73 ? 67  LEU A C   1 
ATOM   297  O O   . LEU A 1 35  ? 14.258  -2.733  9.964   1.00 41.61 ? 67  LEU A O   1 
ATOM   298  C CB  . LEU A 1 35  ? 17.358  -1.869  9.143   1.00 41.59 ? 67  LEU A CB  1 
ATOM   299  C CG  . LEU A 1 35  ? 17.101  -0.709  10.112  1.00 41.51 ? 67  LEU A CG  1 
ATOM   300  C CD1 . LEU A 1 35  ? 17.543  -1.070  11.524  1.00 41.24 ? 67  LEU A CD1 1 
ATOM   301  C CD2 . LEU A 1 35  ? 17.794  0.557   9.639   1.00 41.47 ? 67  LEU A CD2 1 
ATOM   302  N N   . ARG A 1 36  ? 14.735  -2.915  7.769   1.00 42.06 ? 68  ARG A N   1 
ATOM   303  C CA  . ARG A 1 36  ? 13.352  -2.722  7.320   1.00 42.77 ? 68  ARG A CA  1 
ATOM   304  C C   . ARG A 1 36  ? 12.422  -3.840  7.810   1.00 42.52 ? 68  ARG A C   1 
ATOM   305  O O   . ARG A 1 36  ? 11.328  -3.567  8.312   1.00 42.59 ? 68  ARG A O   1 
ATOM   306  C CB  . ARG A 1 36  ? 13.274  -2.575  5.796   1.00 42.50 ? 68  ARG A CB  1 
ATOM   307  C CG  . ARG A 1 36  ? 14.023  -1.365  5.242   1.00 43.74 ? 68  ARG A CG  1 
ATOM   308  C CD  . ARG A 1 36  ? 13.666  -1.100  3.775   1.00 44.16 ? 68  ARG A CD  1 
ATOM   309  N NE  . ARG A 1 36  ? 14.507  -0.080  3.136   1.00 47.25 ? 68  ARG A NE  1 
ATOM   310  C CZ  . ARG A 1 36  ? 14.343  1.239   3.266   1.00 49.38 ? 68  ARG A CZ  1 
ATOM   311  N NH1 . ARG A 1 36  ? 13.368  1.734   4.032   1.00 49.24 ? 68  ARG A NH1 1 
ATOM   312  N NH2 . ARG A 1 36  ? 15.164  2.076   2.631   1.00 49.32 ? 68  ARG A NH2 1 
ATOM   313  N N   . GLN A 1 37  ? 12.868  -5.089  7.681   1.00 42.41 ? 69  GLN A N   1 
ATOM   314  C CA  . GLN A 1 37  ? 12.116  -6.238  8.199   1.00 42.46 ? 69  GLN A CA  1 
ATOM   315  C C   . GLN A 1 37  ? 11.888  -6.170  9.711   1.00 42.07 ? 69  GLN A C   1 
ATOM   316  O O   . GLN A 1 37  ? 10.763  -6.383  10.173  1.00 42.41 ? 69  GLN A O   1 
ATOM   317  C CB  . GLN A 1 37  ? 12.779  -7.571  7.812   1.00 42.66 ? 69  GLN A CB  1 
ATOM   318  C CG  . GLN A 1 37  ? 12.689  -7.911  6.322   1.00 43.89 ? 69  GLN A CG  1 
ATOM   319  C CD  . GLN A 1 37  ? 11.259  -7.979  5.805   1.00 45.52 ? 69  GLN A CD  1 
ATOM   320  O OE1 . GLN A 1 37  ? 10.793  -7.070  5.108   1.00 45.70 ? 69  GLN A OE1 1 
ATOM   321  N NE2 . GLN A 1 37  ? 10.551  -9.052  6.156   1.00 45.42 ? 69  GLN A NE2 1 
ATOM   322  N N   . LYS A 1 38  ? 12.947  -5.871  10.469  1.00 41.38 ? 70  LYS A N   1 
ATOM   323  C CA  . LYS A 1 38  ? 12.860  -5.717  11.926  1.00 40.94 ? 70  LYS A CA  1 
ATOM   324  C C   . LYS A 1 38  ? 11.772  -4.725  12.338  1.00 40.37 ? 70  LYS A C   1 
ATOM   325  O O   . LYS A 1 38  ? 10.990  -4.995  13.250  1.00 40.30 ? 70  LYS A O   1 
ATOM   326  C CB  . LYS A 1 38  ? 14.213  -5.287  12.509  1.00 40.95 ? 70  LYS A CB  1 
ATOM   327  C CG  . LYS A 1 38  ? 14.211  -4.975  14.006  1.00 41.08 ? 70  LYS A CG  1 
ATOM   328  C CD  . LYS A 1 38  ? 15.543  -4.369  14.437  1.00 41.80 ? 70  LYS A CD  1 
ATOM   329  C CE  . LYS A 1 38  ? 15.438  -3.682  15.800  1.00 43.92 ? 70  LYS A CE  1 
ATOM   330  N NZ  . LYS A 1 38  ? 16.556  -2.706  16.033  1.00 44.52 ? 70  LYS A NZ  1 
ATOM   331  N N   . TYR A 1 39  ? 11.722  -3.586  11.652  1.00 39.77 ? 71  TYR A N   1 
ATOM   332  C CA  . TYR A 1 39  ? 10.746  -2.552  11.968  1.00 39.31 ? 71  TYR A CA  1 
ATOM   333  C C   . TYR A 1 39  ? 9.334   -2.790  11.414  1.00 39.10 ? 71  TYR A C   1 
ATOM   334  O O   . TYR A 1 39  ? 8.362   -2.312  11.993  1.00 38.94 ? 71  TYR A O   1 
ATOM   335  C CB  . TYR A 1 39  ? 11.303  -1.158  11.653  1.00 39.17 ? 71  TYR A CB  1 
ATOM   336  C CG  . TYR A 1 39  ? 12.234  -0.704  12.752  1.00 39.02 ? 71  TYR A CG  1 
ATOM   337  C CD1 . TYR A 1 39  ? 11.736  -0.062  13.889  1.00 38.40 ? 71  TYR A CD1 1 
ATOM   338  C CD2 . TYR A 1 39  ? 13.602  -0.970  12.689  1.00 38.28 ? 71  TYR A CD2 1 
ATOM   339  C CE1 . TYR A 1 39  ? 12.578  0.327   14.915  1.00 38.63 ? 71  TYR A CE1 1 
ATOM   340  C CE2 . TYR A 1 39  ? 14.454  -0.581  13.711  1.00 38.31 ? 71  TYR A CE2 1 
ATOM   341  C CZ  . TYR A 1 39  ? 13.935  0.065   14.821  1.00 38.84 ? 71  TYR A CZ  1 
ATOM   342  O OH  . TYR A 1 39  ? 14.768  0.447   15.844  1.00 39.20 ? 71  TYR A OH  1 
ATOM   343  N N   . HIS A 1 40  ? 9.227   -3.554  10.327  1.00 38.83 ? 72  HIS A N   1 
ATOM   344  C CA  . HIS A 1 40  ? 7.932   -4.031  9.838   1.00 38.93 ? 72  HIS A CA  1 
ATOM   345  C C   . HIS A 1 40  ? 7.245   -4.902  10.898  1.00 38.58 ? 72  HIS A C   1 
ATOM   346  O O   . HIS A 1 40  ? 6.059   -4.729  11.166  1.00 38.37 ? 72  HIS A O   1 
ATOM   347  C CB  . HIS A 1 40  ? 8.101   -4.792  8.513   1.00 39.22 ? 72  HIS A CB  1 
ATOM   348  C CG  . HIS A 1 40  ? 6.838   -5.413  7.991   1.00 40.16 ? 72  HIS A CG  1 
ATOM   349  N ND1 . HIS A 1 40  ? 5.933   -4.724  7.211   1.00 41.36 ? 72  HIS A ND1 1 
ATOM   350  C CD2 . HIS A 1 40  ? 6.341   -6.669  8.119   1.00 40.81 ? 72  HIS A CD2 1 
ATOM   351  C CE1 . HIS A 1 40  ? 4.929   -5.522  6.890   1.00 41.24 ? 72  HIS A CE1 1 
ATOM   352  N NE2 . HIS A 1 40  ? 5.153   -6.709  7.428   1.00 41.19 ? 72  HIS A NE2 1 
ATOM   353  N N   . ASP A 1 41  ? 8.002   -5.814  11.508  1.00 38.36 ? 73  ASP A N   1 
ATOM   354  C CA  . ASP A 1 41  ? 7.488   -6.663  12.587  1.00 38.25 ? 73  ASP A CA  1 
ATOM   355  C C   . ASP A 1 41  ? 7.239   -5.909  13.891  1.00 37.47 ? 73  ASP A C   1 
ATOM   356  O O   . ASP A 1 41  ? 6.401   -6.323  14.688  1.00 37.51 ? 73  ASP A O   1 
ATOM   357  C CB  . ASP A 1 41  ? 8.399   -7.876  12.835  1.00 38.81 ? 73  ASP A CB  1 
ATOM   358  C CG  . ASP A 1 41  ? 8.149   -9.015  11.847  1.00 40.94 ? 73  ASP A CG  1 
ATOM   359  O OD1 . ASP A 1 41  ? 7.114   -8.993  11.134  1.00 43.46 ? 73  ASP A OD1 1 
ATOM   360  O OD2 . ASP A 1 41  ? 8.991   -9.939  11.782  1.00 43.26 ? 73  ASP A OD2 1 
ATOM   361  N N   . LEU A 1 42  ? 7.966   -4.816  14.115  1.00 36.45 ? 74  LEU A N   1 
ATOM   362  C CA  . LEU A 1 42  ? 7.671   -3.933  15.246  1.00 35.50 ? 74  LEU A CA  1 
ATOM   363  C C   . LEU A 1 42  ? 6.422   -3.063  15.007  1.00 35.03 ? 74  LEU A C   1 
ATOM   364  O O   . LEU A 1 42  ? 5.739   -2.698  15.964  1.00 34.98 ? 74  LEU A O   1 
ATOM   365  C CB  . LEU A 1 42  ? 8.883   -3.070  15.629  1.00 35.33 ? 74  LEU A CB  1 
ATOM   366  C CG  . LEU A 1 42  ? 10.035  -3.741  16.398  1.00 34.71 ? 74  LEU A CG  1 
ATOM   367  C CD1 . LEU A 1 42  ? 11.258  -2.820  16.469  1.00 32.92 ? 74  LEU A CD1 1 
ATOM   368  C CD2 . LEU A 1 42  ? 9.612   -4.200  17.804  1.00 32.81 ? 74  LEU A CD2 1 
ATOM   369  N N   . TYR A 1 43  ? 6.119   -2.745  13.747  1.00 34.15 ? 75  TYR A N   1 
ATOM   370  C CA  . TYR A 1 43  ? 4.895   -1.999  13.424  1.00 33.68 ? 75  TYR A CA  1 
ATOM   371  C C   . TYR A 1 43  ? 3.644   -2.873  13.467  1.00 33.45 ? 75  TYR A C   1 
ATOM   372  O O   . TYR A 1 43  ? 2.558   -2.380  13.776  1.00 33.38 ? 75  TYR A O   1 
ATOM   373  C CB  . TYR A 1 43  ? 4.973   -1.302  12.059  1.00 33.45 ? 75  TYR A CB  1 
ATOM   374  C CG  . TYR A 1 43  ? 6.125   -0.337  11.878  1.00 33.10 ? 75  TYR A CG  1 
ATOM   375  C CD1 . TYR A 1 43  ? 6.528   0.518   12.908  1.00 32.75 ? 75  TYR A CD1 1 
ATOM   376  C CD2 . TYR A 1 43  ? 6.803   -0.270  10.659  1.00 32.89 ? 75  TYR A CD2 1 
ATOM   377  C CE1 . TYR A 1 43  ? 7.592   1.411   12.732  1.00 33.23 ? 75  TYR A CE1 1 
ATOM   378  C CE2 . TYR A 1 43  ? 7.862   0.615   10.469  1.00 33.21 ? 75  TYR A CE2 1 
ATOM   379  C CZ  . TYR A 1 43  ? 8.253   1.453   11.505  1.00 33.61 ? 75  TYR A CZ  1 
ATOM   380  O OH  . TYR A 1 43  ? 9.303   2.324   11.305  1.00 33.44 ? 75  TYR A OH  1 
ATOM   381  N N   . GLY A 1 44  ? 3.806   -4.156  13.145  1.00 33.09 ? 76  GLY A N   1 
ATOM   382  C CA  . GLY A 1 44  ? 2.717   -5.140  13.145  1.00 32.62 ? 76  GLY A CA  1 
ATOM   383  C C   . GLY A 1 44  ? 1.718   -5.089  14.297  1.00 32.56 ? 76  GLY A C   1 
ATOM   384  O O   . GLY A 1 44  ? 0.518   -4.968  14.050  1.00 32.59 ? 76  GLY A O   1 
ATOM   385  N N   . PRO A 1 45  ? 2.194   -5.196  15.560  1.00 32.38 ? 77  PRO A N   1 
ATOM   386  C CA  . PRO A 1 45  ? 1.290   -5.146  16.718  1.00 32.33 ? 77  PRO A CA  1 
ATOM   387  C C   . PRO A 1 45  ? 0.529   -3.824  16.859  1.00 32.05 ? 77  PRO A C   1 
ATOM   388  O O   . PRO A 1 45  ? -0.616  -3.829  17.298  1.00 32.06 ? 77  PRO A O   1 
ATOM   389  C CB  . PRO A 1 45  ? 2.233   -5.341  17.918  1.00 32.28 ? 77  PRO A CB  1 
ATOM   390  C CG  . PRO A 1 45  ? 3.447   -5.991  17.354  1.00 32.46 ? 77  PRO A CG  1 
ATOM   391  C CD  . PRO A 1 45  ? 3.590   -5.391  15.990  1.00 32.54 ? 77  PRO A CD  1 
ATOM   392  N N   . ILE A 1 46  ? 1.166   -2.713  16.497  1.00 31.84 ? 78  ILE A N   1 
ATOM   393  C CA  . ILE A 1 46  ? 0.536   -1.392  16.544  1.00 31.64 ? 78  ILE A CA  1 
ATOM   394  C C   . ILE A 1 46  ? -0.648  -1.317  15.574  1.00 31.82 ? 78  ILE A C   1 
ATOM   395  O O   . ILE A 1 46  ? -1.715  -0.785  15.918  1.00 31.66 ? 78  ILE A O   1 
ATOM   396  C CB  . ILE A 1 46  ? 1.559   -0.259  16.257  1.00 31.63 ? 78  ILE A CB  1 
ATOM   397  C CG1 . ILE A 1 46  ? 2.676   -0.272  17.309  1.00 31.37 ? 78  ILE A CG1 1 
ATOM   398  C CG2 . ILE A 1 46  ? 0.864   1.110   16.211  1.00 31.93 ? 78  ILE A CG2 1 
ATOM   399  C CD1 . ILE A 1 46  ? 3.887   0.595   16.969  1.00 31.38 ? 78  ILE A CD1 1 
ATOM   400  N N   . TYR A 1 47  ? -0.458  -1.862  14.371  1.00 31.72 ? 79  TYR A N   1 
ATOM   401  C CA  . TYR A 1 47  ? -1.540  -1.977  13.402  1.00 31.90 ? 79  TYR A CA  1 
ATOM   402  C C   . TYR A 1 47  ? -2.657  -2.874  13.919  1.00 32.04 ? 79  TYR A C   1 
ATOM   403  O O   . TYR A 1 47  ? -3.834  -2.567  13.736  1.00 32.13 ? 79  TYR A O   1 
ATOM   404  C CB  . TYR A 1 47  ? -1.035  -2.508  12.055  1.00 31.87 ? 79  TYR A CB  1 
ATOM   405  C CG  . TYR A 1 47  ? 0.031   -1.666  11.395  1.00 31.75 ? 79  TYR A CG  1 
ATOM   406  C CD1 . TYR A 1 47  ? 0.017   -0.274  11.496  1.00 30.80 ? 79  TYR A CD1 1 
ATOM   407  C CD2 . TYR A 1 47  ? 1.049   -2.265  10.656  1.00 30.63 ? 79  TYR A CD2 1 
ATOM   408  C CE1 . TYR A 1 47  ? 0.995   0.496   10.893  1.00 31.25 ? 79  TYR A CE1 1 
ATOM   409  C CE2 . TYR A 1 47  ? 2.023   -1.505  10.039  1.00 30.83 ? 79  TYR A CE2 1 
ATOM   410  C CZ  . TYR A 1 47  ? 1.994   -0.125  10.163  1.00 32.23 ? 79  TYR A CZ  1 
ATOM   411  O OH  . TYR A 1 47  ? 2.970   0.638   9.552   1.00 33.54 ? 79  TYR A OH  1 
ATOM   412  N N   . ASP A 1 48  ? -2.276  -3.984  14.549  1.00 32.49 ? 80  ASP A N   1 
ATOM   413  C CA  . ASP A 1 48  ? -3.226  -4.920  15.148  1.00 32.93 ? 80  ASP A CA  1 
ATOM   414  C C   . ASP A 1 48  ? -4.057  -4.262  16.233  1.00 32.80 ? 80  ASP A C   1 
ATOM   415  O O   . ASP A 1 48  ? -5.277  -4.437  16.278  1.00 32.97 ? 80  ASP A O   1 
ATOM   416  C CB  . ASP A 1 48  ? -2.497  -6.138  15.727  1.00 33.54 ? 80  ASP A CB  1 
ATOM   417  C CG  . ASP A 1 48  ? -1.971  -7.068  14.658  1.00 34.60 ? 80  ASP A CG  1 
ATOM   418  O OD1 . ASP A 1 48  ? -2.391  -6.922  13.496  1.00 37.49 ? 80  ASP A OD1 1 
ATOM   419  O OD2 . ASP A 1 48  ? -1.138  -7.947  14.975  1.00 36.70 ? 80  ASP A OD2 1 
ATOM   420  N N   . LYS A 1 49  ? -3.394  -3.505  17.103  1.00 32.70 ? 81  LYS A N   1 
ATOM   421  C CA  . LYS A 1 49  ? -4.070  -2.822  18.207  1.00 32.47 ? 81  LYS A CA  1 
ATOM   422  C C   . LYS A 1 49  ? -5.067  -1.799  17.684  1.00 32.27 ? 81  LYS A C   1 
ATOM   423  O O   . LYS A 1 49  ? -6.198  -1.722  18.169  1.00 32.07 ? 81  LYS A O   1 
ATOM   424  C CB  . LYS A 1 49  ? -3.059  -2.159  19.149  1.00 32.28 ? 81  LYS A CB  1 
ATOM   425  C CG  . LYS A 1 49  ? -2.321  -3.131  20.057  1.00 31.81 ? 81  LYS A CG  1 
ATOM   426  C CD  . LYS A 1 49  ? -1.524  -2.411  21.166  1.00 32.57 ? 81  LYS A CD  1 
ATOM   427  C CE  . LYS A 1 49  ? -0.326  -1.632  20.616  1.00 32.34 ? 81  LYS A CE  1 
ATOM   428  N NZ  . LYS A 1 49  ? 0.612   -1.173  21.684  1.00 31.89 ? 81  LYS A NZ  1 
ATOM   429  N N   . ARG A 1 50  ? -4.637  -1.031  16.685  1.00 32.31 ? 82  ARG A N   1 
ATOM   430  C CA  . ARG A 1 50  ? -5.485  -0.034  16.041  1.00 32.41 ? 82  ARG A CA  1 
ATOM   431  C C   . ARG A 1 50  ? -6.743  -0.686  15.475  1.00 32.69 ? 82  ARG A C   1 
ATOM   432  O O   . ARG A 1 50  ? -7.850  -0.244  15.769  1.00 32.48 ? 82  ARG A O   1 
ATOM   433  C CB  . ARG A 1 50  ? -4.710  0.689   14.943  1.00 32.41 ? 82  ARG A CB  1 
ATOM   434  C CG  . ARG A 1 50  ? -5.551  1.589   14.054  1.00 32.38 ? 82  ARG A CG  1 
ATOM   435  C CD  . ARG A 1 50  ? -5.024  1.557   12.634  1.00 33.05 ? 82  ARG A CD  1 
ATOM   436  N NE  . ARG A 1 50  ? -3.979  2.541   12.414  1.00 33.36 ? 82  ARG A NE  1 
ATOM   437  C CZ  . ARG A 1 50  ? -3.035  2.454   11.482  1.00 33.32 ? 82  ARG A CZ  1 
ATOM   438  N NH1 . ARG A 1 50  ? -2.972  1.410   10.662  1.00 32.53 ? 82  ARG A NH1 1 
ATOM   439  N NH2 . ARG A 1 50  ? -2.145  3.428   11.376  1.00 32.51 ? 82  ARG A NH2 1 
ATOM   440  N N   . ARG A 1 51  ? -6.559  -1.745  14.682  1.00 32.99 ? 83  ARG A N   1 
ATOM   441  C CA  . ARG A 1 51  ? -7.672  -2.502  14.116  1.00 33.56 ? 83  ARG A CA  1 
ATOM   442  C C   . ARG A 1 51  ? -8.625  -3.027  15.198  1.00 33.49 ? 83  ARG A C   1 
ATOM   443  O O   . ARG A 1 51  ? -9.844  -2.887  15.074  1.00 33.55 ? 83  ARG A O   1 
ATOM   444  C CB  . ARG A 1 51  ? -7.165  -3.659  13.250  1.00 33.75 ? 83  ARG A CB  1 
ATOM   445  C CG  . ARG A 1 51  ? -8.273  -4.374  12.479  1.00 35.56 ? 83  ARG A CG  1 
ATOM   446  C CD  . ARG A 1 51  ? -7.937  -5.829  12.203  1.00 38.60 ? 83  ARG A CD  1 
ATOM   447  N NE  . ARG A 1 51  ? -7.874  -6.618  13.431  1.00 42.05 ? 83  ARG A NE  1 
ATOM   448  C CZ  . ARG A 1 51  ? -6.822  -7.339  13.825  1.00 44.17 ? 83  ARG A CZ  1 
ATOM   449  N NH1 . ARG A 1 51  ? -5.718  -7.404  13.080  1.00 43.91 ? 83  ARG A NH1 1 
ATOM   450  N NH2 . ARG A 1 51  ? -6.883  -8.016  14.970  1.00 44.48 ? 83  ARG A NH2 1 
ATOM   451  N N   . GLU A 1 52  ? -8.059  -3.624  16.246  1.00 33.36 ? 84  GLU A N   1 
ATOM   452  C CA  . GLU A 1 52  ? -8.822  -4.120  17.389  1.00 33.57 ? 84  GLU A CA  1 
ATOM   453  C C   . GLU A 1 52  ? -9.680  -3.018  18.038  1.00 33.10 ? 84  GLU A C   1 
ATOM   454  O O   . GLU A 1 52  ? -10.857 -3.235  18.337  1.00 33.02 ? 84  GLU A O   1 
ATOM   455  C CB  . GLU A 1 52  ? -7.870  -4.772  18.401  1.00 33.95 ? 84  GLU A CB  1 
ATOM   456  C CG  . GLU A 1 52  ? -8.477  -5.166  19.749  1.00 36.41 ? 84  GLU A CG  1 
ATOM   457  C CD  . GLU A 1 52  ? -9.603  -6.190  19.634  1.00 40.31 ? 84  GLU A CD  1 
ATOM   458  O OE1 . GLU A 1 52  ? -9.491  -7.136  18.814  1.00 41.64 ? 84  GLU A OE1 1 
ATOM   459  O OE2 . GLU A 1 52  ? -10.601 -6.045  20.375  1.00 41.19 ? 84  GLU A OE2 1 
ATOM   460  N N   . ALA A 1 53  ? -9.102  -1.835  18.222  1.00 32.42 ? 85  ALA A N   1 
ATOM   461  C CA  . ALA A 1 53  ? -9.828  -0.719  18.816  1.00 32.06 ? 85  ALA A CA  1 
ATOM   462  C C   . ALA A 1 53  ? -10.937 -0.197  17.899  1.00 31.96 ? 85  ALA A C   1 
ATOM   463  O O   . ALA A 1 53  ? -12.009 0.178   18.369  1.00 31.87 ? 85  ALA A O   1 
ATOM   464  C CB  . ALA A 1 53  ? -8.871  0.400   19.200  1.00 31.76 ? 85  ALA A CB  1 
ATOM   465  N N   . LEU A 1 54  ? -10.675 -0.192  16.594  1.00 31.79 ? 86  LEU A N   1 
ATOM   466  C CA  . LEU A 1 54  ? -11.611 0.327   15.598  1.00 31.73 ? 86  LEU A CA  1 
ATOM   467  C C   . LEU A 1 54  ? -12.804 -0.597  15.367  1.00 32.05 ? 86  LEU A C   1 
ATOM   468  O O   . LEU A 1 54  ? -13.945 -0.144  15.257  1.00 31.86 ? 86  LEU A O   1 
ATOM   469  C CB  . LEU A 1 54  ? -10.890 0.554   14.264  1.00 31.33 ? 86  LEU A CB  1 
ATOM   470  C CG  . LEU A 1 54  ? -9.991  1.777   14.095  1.00 30.39 ? 86  LEU A CG  1 
ATOM   471  C CD1 . LEU A 1 54  ? -9.239  1.675   12.789  1.00 29.25 ? 86  LEU A CD1 1 
ATOM   472  C CD2 . LEU A 1 54  ? -10.779 3.070   14.164  1.00 29.33 ? 86  LEU A CD2 1 
ATOM   473  N N   . VAL A 1 55  ? -12.518 -1.893  15.301  1.00 32.42 ? 87  VAL A N   1 
ATOM   474  C CA  . VAL A 1 55  ? -13.483 -2.890  14.862  1.00 33.04 ? 87  VAL A CA  1 
ATOM   475  C C   . VAL A 1 55  ? -14.125 -3.614  16.046  1.00 33.53 ? 87  VAL A C   1 
ATOM   476  O O   . VAL A 1 55  ? -15.347 -3.728  16.113  1.00 33.99 ? 87  VAL A O   1 
ATOM   477  C CB  . VAL A 1 55  ? -12.821 -3.905  13.881  1.00 32.97 ? 87  VAL A CB  1 
ATOM   478  C CG1 . VAL A 1 55  ? -13.781 -5.023  13.508  1.00 33.18 ? 87  VAL A CG1 1 
ATOM   479  C CG2 . VAL A 1 55  ? -12.329 -3.187  12.631  1.00 32.29 ? 87  VAL A CG2 1 
ATOM   480  N N   . GLY A 1 56  ? -13.299 -4.083  16.976  1.00 33.91 ? 88  GLY A N   1 
ATOM   481  C CA  . GLY A 1 56  ? -13.758 -4.919  18.079  1.00 34.24 ? 88  GLY A CA  1 
ATOM   482  C C   . GLY A 1 56  ? -13.309 -6.352  17.864  1.00 34.68 ? 88  GLY A C   1 
ATOM   483  O O   . GLY A 1 56  ? -14.070 -7.191  17.369  1.00 35.01 ? 88  GLY A O   1 
ATOM   484  N N   . ALA A 1 60  ? -19.740 -5.855  13.628  1.00 42.85 ? 92  ALA A N   1 
ATOM   485  C CA  . ALA A 1 60  ? -20.965 -5.166  13.211  1.00 42.64 ? 92  ALA A CA  1 
ATOM   486  C C   . ALA A 1 60  ? -21.078 -5.134  11.690  1.00 42.44 ? 92  ALA A C   1 
ATOM   487  O O   . ALA A 1 60  ? -20.104 -5.413  10.988  1.00 42.67 ? 92  ALA A O   1 
ATOM   488  C CB  . ALA A 1 60  ? -21.011 -3.754  13.784  1.00 42.45 ? 92  ALA A CB  1 
ATOM   489  N N   . LYS A 1 61  ? -22.267 -4.798  11.189  1.00 42.06 ? 93  LYS A N   1 
ATOM   490  C CA  . LYS A 1 61  ? -22.500 -4.718  9.743   1.00 41.58 ? 93  LYS A CA  1 
ATOM   491  C C   . LYS A 1 61  ? -22.163 -3.331  9.184   1.00 40.57 ? 93  LYS A C   1 
ATOM   492  O O   . LYS A 1 61  ? -22.834 -2.832  8.283   1.00 40.36 ? 93  LYS A O   1 
ATOM   493  C CB  . LYS A 1 61  ? -23.942 -5.121  9.394   1.00 42.07 ? 93  LYS A CB  1 
ATOM   494  C CG  . LYS A 1 61  ? -24.197 -6.631  9.387   1.00 43.21 ? 93  LYS A CG  1 
ATOM   495  C CD  . LYS A 1 61  ? -25.269 -7.022  8.358   1.00 45.39 ? 93  LYS A CD  1 
ATOM   496  C CE  . LYS A 1 61  ? -26.670 -6.563  8.775   1.00 46.88 ? 93  LYS A CE  1 
ATOM   497  N NZ  . LYS A 1 61  ? -27.636 -6.565  7.632   1.00 47.41 ? 93  LYS A NZ  1 
ATOM   498  N N   . ILE A 1 62  ? -21.124 -2.718  9.748   1.00 39.51 ? 94  ILE A N   1 
ATOM   499  C CA  . ILE A 1 62  ? -20.563 -1.457  9.268   1.00 38.17 ? 94  ILE A CA  1 
ATOM   500  C C   . ILE A 1 62  ? -19.057 -1.471  9.555   1.00 37.11 ? 94  ILE A C   1 
ATOM   501  O O   . ILE A 1 62  ? -18.596 -2.200  10.433  1.00 37.01 ? 94  ILE A O   1 
ATOM   502  C CB  . ILE A 1 62  ? -21.284 -0.220  9.897   1.00 38.34 ? 94  ILE A CB  1 
ATOM   503  C CG1 . ILE A 1 62  ? -21.042 1.057   9.076   1.00 38.65 ? 94  ILE A CG1 1 
ATOM   504  C CG2 . ILE A 1 62  ? -20.882 -0.012  11.365  1.00 38.25 ? 94  ILE A CG2 1 
ATOM   505  C CD1 . ILE A 1 62  ? -21.685 1.068   7.687   1.00 39.33 ? 94  ILE A CD1 1 
ATOM   506  N N   . GLY A 1 63  ? -18.291 -0.689  8.803   1.00 36.01 ? 95  GLY A N   1 
ATOM   507  C CA  . GLY A 1 63  ? -16.841 -0.643  8.973   1.00 34.47 ? 95  GLY A CA  1 
ATOM   508  C C   . GLY A 1 63  ? -16.421 0.181   10.169  1.00 33.42 ? 95  GLY A C   1 
ATOM   509  O O   . GLY A 1 63  ? -17.065 1.176   10.500  1.00 33.14 ? 95  GLY A O   1 
ATOM   510  N N   . THR A 1 64  ? -15.326 -0.235  10.804  1.00 32.71 ? 96  THR A N   1 
ATOM   511  C CA  . THR A 1 64  ? -14.804 0.394   12.028  1.00 31.94 ? 96  THR A CA  1 
ATOM   512  C C   . THR A 1 64  ? -15.910 0.936   12.945  1.00 31.85 ? 96  THR A C   1 
ATOM   513  O O   . THR A 1 64  ? -15.985 2.144   13.179  1.00 31.56 ? 96  THR A O   1 
ATOM   514  C CB  . THR A 1 64  ? -13.787 1.514   11.713  1.00 31.85 ? 96  THR A CB  1 
ATOM   515  O OG1 . THR A 1 64  ? -14.406 2.497   10.878  1.00 31.06 ? 96  THR A OG1 1 
ATOM   516  C CG2 . THR A 1 64  ? -12.561 0.954   11.011  1.00 31.24 ? 96  THR A CG2 1 
ATOM   517  N N   . PRO A 1 65  ? -16.773 0.038   13.471  1.00 31.67 ? 97  PRO A N   1 
ATOM   518  C CA  . PRO A 1 65  ? -17.953 0.488   14.221  1.00 31.54 ? 97  PRO A CA  1 
ATOM   519  C C   . PRO A 1 65  ? -17.642 1.254   15.511  1.00 31.48 ? 97  PRO A C   1 
ATOM   520  O O   . PRO A 1 65  ? -18.495 2.002   15.992  1.00 31.53 ? 97  PRO A O   1 
ATOM   521  C CB  . PRO A 1 65  ? -18.712 -0.811  14.517  1.00 31.52 ? 97  PRO A CB  1 
ATOM   522  C CG  . PRO A 1 65  ? -17.695 -1.893  14.387  1.00 31.80 ? 97  PRO A CG  1 
ATOM   523  C CD  . PRO A 1 65  ? -16.695 -1.434  13.387  1.00 31.35 ? 97  PRO A CD  1 
ATOM   524  N N   . ASN A 1 66  ? -16.436 1.087   16.055  1.00 31.34 ? 98  ASN A N   1 
ATOM   525  C CA  . ASN A 1 66  ? -16.019 1.862   17.229  1.00 31.15 ? 98  ASN A CA  1 
ATOM   526  C C   . ASN A 1 66  ? -15.628 3.301   16.907  1.00 30.88 ? 98  ASN A C   1 
ATOM   527  O O   . ASN A 1 66  ? -15.529 4.136   17.809  1.00 31.17 ? 98  ASN A O   1 
ATOM   528  C CB  . ASN A 1 66  ? -14.886 1.162   17.980  1.00 31.23 ? 98  ASN A CB  1 
ATOM   529  C CG  . ASN A 1 66  ? -15.325 -0.143  18.626  1.00 31.56 ? 98  ASN A CG  1 
ATOM   530  O OD1 . ASN A 1 66  ? -16.498 -0.323  18.967  1.00 32.48 ? 98  ASN A OD1 1 
ATOM   531  N ND2 . ASN A 1 66  ? -14.380 -1.058  18.802  1.00 30.72 ? 98  ASN A ND2 1 
ATOM   532  N N   . LEU A 1 67  ? -15.392 3.582   15.627  1.00 30.62 ? 99  LEU A N   1 
ATOM   533  C CA  . LEU A 1 67  ? -15.113 4.941   15.152  1.00 30.30 ? 99  LEU A CA  1 
ATOM   534  C C   . LEU A 1 67  ? -15.539 5.083   13.682  1.00 30.23 ? 99  LEU A C   1 
ATOM   535  O O   . LEU A 1 67  ? -14.720 4.943   12.777  1.00 30.11 ? 99  LEU A O   1 
ATOM   536  C CB  . LEU A 1 67  ? -13.632 5.297   15.344  1.00 30.24 ? 99  LEU A CB  1 
ATOM   537  C CG  . LEU A 1 67  ? -13.178 6.756   15.209  1.00 29.98 ? 99  LEU A CG  1 
ATOM   538  C CD1 . LEU A 1 67  ? -13.887 7.653   16.220  1.00 29.91 ? 99  LEU A CD1 1 
ATOM   539  C CD2 . LEU A 1 67  ? -11.672 6.841   15.387  1.00 30.15 ? 99  LEU A CD2 1 
ATOM   540  N N   . PRO A 1 68  ? -16.832 5.366   13.449  1.00 30.29 ? 100 PRO A N   1 
ATOM   541  C CA  . PRO A 1 68  ? -17.438 5.332   12.116  1.00 30.21 ? 100 PRO A CA  1 
ATOM   542  C C   . PRO A 1 68  ? -16.673 6.138   11.075  1.00 30.24 ? 100 PRO A C   1 
ATOM   543  O O   . PRO A 1 68  ? -16.161 7.219   11.383  1.00 29.99 ? 100 PRO A O   1 
ATOM   544  C CB  . PRO A 1 68  ? -18.820 5.952   12.351  1.00 30.18 ? 100 PRO A CB  1 
ATOM   545  C CG  . PRO A 1 68  ? -19.130 5.624   13.761  1.00 30.39 ? 100 PRO A CG  1 
ATOM   546  C CD  . PRO A 1 68  ? -17.815 5.756   14.480  1.00 30.28 ? 100 PRO A CD  1 
ATOM   547  N N   . GLU A 1 69  ? -16.602 5.592   9.858   1.00 30.31 ? 101 GLU A N   1 
ATOM   548  C CA  . GLU A 1 69  ? -15.985 6.243   8.689   1.00 30.69 ? 101 GLU A CA  1 
ATOM   549  C C   . GLU A 1 69  ? -14.497 6.579   8.861   1.00 30.26 ? 101 GLU A C   1 
ATOM   550  O O   . GLU A 1 69  ? -13.996 7.528   8.244   1.00 30.76 ? 101 GLU A O   1 
ATOM   551  C CB  . GLU A 1 69  ? -16.759 7.511   8.284   1.00 30.43 ? 101 GLU A CB  1 
ATOM   552  C CG  . GLU A 1 69  ? -18.280 7.403   8.356   1.00 31.37 ? 101 GLU A CG  1 
ATOM   553  C CD  . GLU A 1 69  ? -18.985 8.642   7.818   1.00 32.25 ? 101 GLU A CD  1 
ATOM   554  O OE1 . GLU A 1 69  ? -18.419 9.760   7.895   1.00 33.80 ? 101 GLU A OE1 1 
ATOM   555  O OE2 . GLU A 1 69  ? -20.113 8.494   7.308   1.00 35.37 ? 101 GLU A OE2 1 
ATOM   556  N N   . PHE A 1 70  ? -13.791 5.812   9.691   1.00 29.68 ? 102 PHE A N   1 
ATOM   557  C CA  . PHE A 1 70  ? -12.399 6.133   10.014  1.00 29.11 ? 102 PHE A CA  1 
ATOM   558  C C   . PHE A 1 70  ? -11.475 6.180   8.793   1.00 28.86 ? 102 PHE A C   1 
ATOM   559  O O   . PHE A 1 70  ? -10.681 7.104   8.647   1.00 28.60 ? 102 PHE A O   1 
ATOM   560  C CB  . PHE A 1 70  ? -11.812 5.168   11.059  1.00 28.90 ? 102 PHE A CB  1 
ATOM   561  C CG  . PHE A 1 70  ? -10.333 5.371   11.298  1.00 28.66 ? 102 PHE A CG  1 
ATOM   562  C CD1 . PHE A 1 70  ? -9.878  6.436   12.075  1.00 28.45 ? 102 PHE A CD1 1 
ATOM   563  C CD2 . PHE A 1 70  ? -9.397  4.524   10.715  1.00 27.79 ? 102 PHE A CD2 1 
ATOM   564  C CE1 . PHE A 1 70  ? -8.518  6.637   12.282  1.00 28.11 ? 102 PHE A CE1 1 
ATOM   565  C CE2 . PHE A 1 70  ? -8.038  4.714   10.922  1.00 28.06 ? 102 PHE A CE2 1 
ATOM   566  C CZ  . PHE A 1 70  ? -7.599  5.778   11.705  1.00 28.59 ? 102 PHE A CZ  1 
ATOM   567  N N   . TRP A 1 71  ? -11.554 5.156   7.948   1.00 28.70 ? 103 TRP A N   1 
ATOM   568  C CA  . TRP A 1 71  ? -10.600 5.002   6.852   1.00 28.64 ? 103 TRP A CA  1 
ATOM   569  C C   . TRP A 1 71  ? -10.963 5.906   5.680   1.00 29.16 ? 103 TRP A C   1 
ATOM   570  O O   . TRP A 1 71  ? -10.080 6.483   5.043   1.00 29.23 ? 103 TRP A O   1 
ATOM   571  C CB  . TRP A 1 71  ? -10.483 3.535   6.422   1.00 27.78 ? 103 TRP A CB  1 
ATOM   572  C CG  . TRP A 1 71  ? -9.827  2.644   7.443   1.00 26.64 ? 103 TRP A CG  1 
ATOM   573  C CD1 . TRP A 1 71  ? -10.444 1.749   8.267   1.00 26.49 ? 103 TRP A CD1 1 
ATOM   574  C CD2 . TRP A 1 71  ? -8.424  2.553   7.738   1.00 26.69 ? 103 TRP A CD2 1 
ATOM   575  N NE1 . TRP A 1 71  ? -9.521  1.111   9.063   1.00 25.53 ? 103 TRP A NE1 1 
ATOM   576  C CE2 . TRP A 1 71  ? -8.272  1.582   8.756   1.00 25.94 ? 103 TRP A CE2 1 
ATOM   577  C CE3 . TRP A 1 71  ? -7.279  3.192   7.239   1.00 25.79 ? 103 TRP A CE3 1 
ATOM   578  C CZ2 . TRP A 1 71  ? -7.026  1.240   9.284   1.00 26.33 ? 103 TRP A CZ2 1 
ATOM   579  C CZ3 . TRP A 1 71  ? -6.039  2.846   7.763   1.00 26.23 ? 103 TRP A CZ3 1 
ATOM   580  C CH2 . TRP A 1 71  ? -5.924  1.881   8.777   1.00 26.30 ? 103 TRP A CH2 1 
ATOM   581  N N   . LEU A 1 72  ? -12.264 6.040   5.419   1.00 29.93 ? 104 LEU A N   1 
ATOM   582  C CA  . LEU A 1 72  ? -12.769 7.005   4.445   1.00 30.70 ? 104 LEU A CA  1 
ATOM   583  C C   . LEU A 1 72  ? -12.217 8.409   4.696   1.00 31.44 ? 104 LEU A C   1 
ATOM   584  O O   . LEU A 1 72  ? -11.691 9.035   3.780   1.00 31.52 ? 104 LEU A O   1 
ATOM   585  C CB  . LEU A 1 72  ? -14.308 7.035   4.432   1.00 30.46 ? 104 LEU A CB  1 
ATOM   586  C CG  . LEU A 1 72  ? -15.000 8.096   3.551   1.00 30.15 ? 104 LEU A CG  1 
ATOM   587  C CD1 . LEU A 1 72  ? -14.554 8.052   2.083   1.00 29.26 ? 104 LEU A CD1 1 
ATOM   588  C CD2 . LEU A 1 72  ? -16.505 7.984   3.650   1.00 30.45 ? 104 LEU A CD2 1 
ATOM   589  N N   . ARG A 1 73  ? -12.337 8.889   5.932   1.00 32.51 ? 105 ARG A N   1 
ATOM   590  C CA  . ARG A 1 73  ? -11.879 10.235  6.287   1.00 33.64 ? 105 ARG A CA  1 
ATOM   591  C C   . ARG A 1 73  ? -10.357 10.385  6.259   1.00 33.85 ? 105 ARG A C   1 
ATOM   592  O O   . ARG A 1 73  ? -9.847  11.441  5.893   1.00 34.15 ? 105 ARG A O   1 
ATOM   593  C CB  . ARG A 1 73  ? -12.449 10.661  7.638   1.00 34.01 ? 105 ARG A CB  1 
ATOM   594  C CG  . ARG A 1 73  ? -13.955 10.824  7.611   1.00 36.42 ? 105 ARG A CG  1 
ATOM   595  C CD  . ARG A 1 73  ? -14.536 11.108  8.982   1.00 40.07 ? 105 ARG A CD  1 
ATOM   596  N NE  . ARG A 1 73  ? -15.986 11.277  8.880   1.00 43.88 ? 105 ARG A NE  1 
ATOM   597  C CZ  . ARG A 1 73  ? -16.795 11.561  9.899   1.00 45.70 ? 105 ARG A CZ  1 
ATOM   598  N NH1 . ARG A 1 73  ? -16.310 11.706  11.132  1.00 46.18 ? 105 ARG A NH1 1 
ATOM   599  N NH2 . ARG A 1 73  ? -18.100 11.698  9.681   1.00 45.81 ? 105 ARG A NH2 1 
ATOM   600  N N   . ALA A 1 74  ? -9.645  9.327   6.643   1.00 34.15 ? 106 ALA A N   1 
ATOM   601  C CA  . ALA A 1 74  ? -8.193  9.272   6.509   1.00 34.51 ? 106 ALA A CA  1 
ATOM   602  C C   . ALA A 1 74  ? -7.766  9.324   5.036   1.00 34.96 ? 106 ALA A C   1 
ATOM   603  O O   . ALA A 1 74  ? -6.858  10.072  4.680   1.00 35.01 ? 106 ALA A O   1 
ATOM   604  C CB  . ALA A 1 74  ? -7.641  8.026   7.188   1.00 34.38 ? 106 ALA A CB  1 
ATOM   605  N N   . LEU A 1 75  ? -8.428  8.535   4.187   1.00 35.47 ? 107 LEU A N   1 
ATOM   606  C CA  . LEU A 1 75  ? -8.157  8.546   2.741   1.00 36.03 ? 107 LEU A CA  1 
ATOM   607  C C   . LEU A 1 75  ? -8.540  9.888   2.106   1.00 36.79 ? 107 LEU A C   1 
ATOM   608  O O   . LEU A 1 75  ? -7.795  10.427  1.283   1.00 36.76 ? 107 LEU A O   1 
ATOM   609  C CB  . LEU A 1 75  ? -8.882  7.395   2.034   1.00 35.67 ? 107 LEU A CB  1 
ATOM   610  C CG  . LEU A 1 75  ? -8.495  5.946   2.362   1.00 35.27 ? 107 LEU A CG  1 
ATOM   611  C CD1 . LEU A 1 75  ? -9.631  4.985   2.011   1.00 34.01 ? 107 LEU A CD1 1 
ATOM   612  C CD2 . LEU A 1 75  ? -7.191  5.534   1.673   1.00 34.52 ? 107 LEU A CD2 1 
ATOM   613  N N   . ARG A 1 76  ? -9.690  10.426  2.506   1.00 37.68 ? 108 ARG A N   1 
ATOM   614  C CA  . ARG A 1 76  ? -10.164 11.724  2.017   1.00 38.67 ? 108 ARG A CA  1 
ATOM   615  C C   . ARG A 1 76  ? -9.233  12.885  2.356   1.00 38.98 ? 108 ARG A C   1 
ATOM   616  O O   . ARG A 1 76  ? -9.156  13.859  1.603   1.00 39.21 ? 108 ARG A O   1 
ATOM   617  C CB  . ARG A 1 76  ? -11.560 12.033  2.567   1.00 38.85 ? 108 ARG A CB  1 
ATOM   618  C CG  . ARG A 1 76  ? -12.690 11.743  1.613   1.00 40.12 ? 108 ARG A CG  1 
ATOM   619  C CD  . ARG A 1 76  ? -12.962 12.941  0.715   1.00 42.83 ? 108 ARG A CD  1 
ATOM   620  N NE  . ARG A 1 76  ? -14.051 12.680  -0.229  1.00 44.64 ? 108 ARG A NE  1 
ATOM   621  C CZ  . ARG A 1 76  ? -13.892 12.484  -1.537  1.00 44.98 ? 108 ARG A CZ  1 
ATOM   622  N NH1 . ARG A 1 76  ? -12.681 12.520  -2.083  1.00 45.04 ? 108 ARG A NH1 1 
ATOM   623  N NH2 . ARG A 1 76  ? -14.954 12.257  -2.301  1.00 44.64 ? 108 ARG A NH2 1 
ATOM   624  N N   . ASN A 1 77  ? -8.541  12.786  3.490   1.00 39.30 ? 109 ASN A N   1 
ATOM   625  C CA  . ASN A 1 77  ? -7.679  13.873  3.950   1.00 39.62 ? 109 ASN A CA  1 
ATOM   626  C C   . ASN A 1 77  ? -6.265  13.826  3.375   1.00 39.89 ? 109 ASN A C   1 
ATOM   627  O O   . ASN A 1 77  ? -5.428  14.680  3.689   1.00 40.25 ? 109 ASN A O   1 
ATOM   628  C CB  . ASN A 1 77  ? -7.682  13.960  5.477   1.00 39.46 ? 109 ASN A CB  1 
ATOM   629  C CG  . ASN A 1 77  ? -8.992  14.520  6.029   1.00 39.65 ? 109 ASN A CG  1 
ATOM   630  O OD1 . ASN A 1 77  ? -9.709  15.253  5.344   1.00 40.11 ? 109 ASN A OD1 1 
ATOM   631  N ND2 . ASN A 1 77  ? -9.304  14.179  7.273   1.00 39.26 ? 109 ASN A ND2 1 
ATOM   632  N N   . ASN A 1 78  ? -6.013  12.826  2.532   1.00 39.99 ? 110 ASN A N   1 
ATOM   633  C CA  . ASN A 1 78  ? -4.781  12.732  1.767   1.00 40.19 ? 110 ASN A CA  1 
ATOM   634  C C   . ASN A 1 78  ? -4.997  13.233  0.345   1.00 40.38 ? 110 ASN A C   1 
ATOM   635  O O   . ASN A 1 78  ? -5.913  12.782  -0.336  1.00 40.11 ? 110 ASN A O   1 
ATOM   636  C CB  . ASN A 1 78  ? -4.269  11.291  1.749   1.00 40.23 ? 110 ASN A CB  1 
ATOM   637  C CG  . ASN A 1 78  ? -2.939  11.153  1.022   1.00 40.24 ? 110 ASN A CG  1 
ATOM   638  O OD1 . ASN A 1 78  ? -2.882  11.189  -0.210  1.00 40.07 ? 110 ASN A OD1 1 
ATOM   639  N ND2 . ASN A 1 78  ? -1.861  10.986  1.784   1.00 39.40 ? 110 ASN A ND2 1 
ATOM   640  N N   . ASN A 1 79  ? -4.133  14.151  -0.091  1.00 40.92 ? 111 ASN A N   1 
ATOM   641  C CA  . ASN A 1 79  ? -4.256  14.829  -1.391  1.00 41.24 ? 111 ASN A CA  1 
ATOM   642  C C   . ASN A 1 79  ? -4.250  13.872  -2.575  1.00 41.10 ? 111 ASN A C   1 
ATOM   643  O O   . ASN A 1 79  ? -5.142  13.917  -3.431  1.00 41.27 ? 111 ASN A O   1 
ATOM   644  C CB  . ASN A 1 79  ? -3.135  15.860  -1.571  1.00 41.60 ? 111 ASN A CB  1 
ATOM   645  C CG  . ASN A 1 79  ? -3.106  16.908  -0.465  1.00 43.15 ? 111 ASN A CG  1 
ATOM   646  O OD1 . ASN A 1 79  ? -3.869  16.841  0.502   1.00 44.70 ? 111 ASN A OD1 1 
ATOM   647  N ND2 . ASN A 1 79  ? -2.217  17.889  -0.608  1.00 44.81 ? 111 ASN A ND2 1 
ATOM   648  N N   . THR A 1 80  ? -3.237  13.009  -2.603  1.00 40.60 ? 112 THR A N   1 
ATOM   649  C CA  . THR A 1 80  ? -3.014  12.070  -3.693  1.00 40.00 ? 112 THR A CA  1 
ATOM   650  C C   . THR A 1 80  ? -4.159  11.068  -3.828  1.00 39.77 ? 112 THR A C   1 
ATOM   651  O O   . THR A 1 80  ? -4.599  10.773  -4.943  1.00 40.12 ? 112 THR A O   1 
ATOM   652  C CB  . THR A 1 80  ? -1.659  11.342  -3.512  1.00 40.00 ? 112 THR A CB  1 
ATOM   653  O OG1 . THR A 1 80  ? -0.620  12.315  -3.351  1.00 39.67 ? 112 THR A OG1 1 
ATOM   654  C CG2 . THR A 1 80  ? -1.335  10.450  -4.702  1.00 39.67 ? 112 THR A CG2 1 
ATOM   655  N N   . VAL A 1 81  ? -4.646  10.563  -2.697  1.00 39.28 ? 113 VAL A N   1 
ATOM   656  C CA  . VAL A 1 81  ? -5.708  9.546   -2.694  1.00 38.93 ? 113 VAL A CA  1 
ATOM   657  C C   . VAL A 1 81  ? -7.105  10.156  -2.896  1.00 38.73 ? 113 VAL A C   1 
ATOM   658  O O   . VAL A 1 81  ? -7.949  9.566   -3.569  1.00 38.55 ? 113 VAL A O   1 
ATOM   659  C CB  . VAL A 1 81  ? -5.682  8.675   -1.403  1.00 38.89 ? 113 VAL A CB  1 
ATOM   660  C CG1 . VAL A 1 81  ? -6.685  7.530   -1.497  1.00 38.37 ? 113 VAL A CG1 1 
ATOM   661  C CG2 . VAL A 1 81  ? -4.284  8.127   -1.152  1.00 38.55 ? 113 VAL A CG2 1 
ATOM   662  N N   . SER A 1 82  ? -7.340  11.333  -2.318  1.00 38.46 ? 114 SER A N   1 
ATOM   663  C CA  . SER A 1 82  ? -8.621  12.028  -2.472  1.00 38.61 ? 114 SER A CA  1 
ATOM   664  C C   . SER A 1 82  ? -9.004  12.262  -3.938  1.00 38.57 ? 114 SER A C   1 
ATOM   665  O O   . SER A 1 82  ? -10.184 12.259  -4.271  1.00 38.52 ? 114 SER A O   1 
ATOM   666  C CB  . SER A 1 82  ? -8.620  13.349  -1.699  1.00 38.64 ? 114 SER A CB  1 
ATOM   667  O OG  . SER A 1 82  ? -7.465  14.117  -2.006  1.00 39.31 ? 114 SER A OG  1 
ATOM   668  N N   . HIS A 1 83  ? -8.003  12.447  -4.803  1.00 38.61 ? 115 HIS A N   1 
ATOM   669  C CA  . HIS A 1 83  ? -8.214  12.620  -6.243  1.00 38.61 ? 115 HIS A CA  1 
ATOM   670  C C   . HIS A 1 83  ? -9.008  11.473  -6.872  1.00 38.31 ? 115 HIS A C   1 
ATOM   671  O O   . HIS A 1 83  ? -9.799  11.693  -7.793  1.00 38.24 ? 115 HIS A O   1 
ATOM   672  C CB  . HIS A 1 83  ? -6.875  12.756  -6.987  1.00 38.93 ? 115 HIS A CB  1 
ATOM   673  C CG  . HIS A 1 83  ? -6.149  14.038  -6.719  1.00 40.13 ? 115 HIS A CG  1 
ATOM   674  N ND1 . HIS A 1 83  ? -6.748  15.275  -6.840  1.00 41.01 ? 115 HIS A ND1 1 
ATOM   675  C CD2 . HIS A 1 83  ? -4.865  14.276  -6.364  1.00 41.25 ? 115 HIS A CD2 1 
ATOM   676  C CE1 . HIS A 1 83  ? -5.869  16.218  -6.553  1.00 40.86 ? 115 HIS A CE1 1 
ATOM   677  N NE2 . HIS A 1 83  ? -4.718  15.639  -6.259  1.00 41.68 ? 115 HIS A NE2 1 
ATOM   678  N N   . VAL A 1 84  ? -8.778  10.252  -6.388  1.00 37.75 ? 116 VAL A N   1 
ATOM   679  C CA  . VAL A 1 84  ? -9.408  9.065   -6.971  1.00 37.37 ? 116 VAL A CA  1 
ATOM   680  C C   . VAL A 1 84  ? -10.696 8.609   -6.266  1.00 37.04 ? 116 VAL A C   1 
ATOM   681  O O   . VAL A 1 84  ? -11.307 7.626   -6.678  1.00 36.94 ? 116 VAL A O   1 
ATOM   682  C CB  . VAL A 1 84  ? -8.406  7.868   -7.134  1.00 37.42 ? 116 VAL A CB  1 
ATOM   683  C CG1 . VAL A 1 84  ? -7.296  8.220   -8.134  1.00 37.34 ? 116 VAL A CG1 1 
ATOM   684  C CG2 . VAL A 1 84  ? -7.823  7.419   -5.793  1.00 37.16 ? 116 VAL A CG2 1 
ATOM   685  N N   . ILE A 1 85  ? -11.113 9.326   -5.226  1.00 36.62 ? 117 ILE A N   1 
ATOM   686  C CA  . ILE A 1 85  ? -12.292 8.922   -4.460  1.00 36.43 ? 117 ILE A CA  1 
ATOM   687  C C   . ILE A 1 85  ? -13.496 9.793   -4.784  1.00 36.37 ? 117 ILE A C   1 
ATOM   688  O O   . ILE A 1 85  ? -13.466 11.014  -4.593  1.00 36.05 ? 117 ILE A O   1 
ATOM   689  C CB  . ILE A 1 85  ? -12.037 8.919   -2.925  1.00 36.53 ? 117 ILE A CB  1 
ATOM   690  C CG1 . ILE A 1 85  ? -10.863 7.999   -2.567  1.00 36.39 ? 117 ILE A CG1 1 
ATOM   691  C CG2 . ILE A 1 85  ? -13.301 8.503   -2.166  1.00 36.23 ? 117 ILE A CG2 1 
ATOM   692  C CD1 . ILE A 1 85  ? -10.297 8.247   -1.195  1.00 36.37 ? 117 ILE A CD1 1 
ATOM   693  N N   . GLU A 1 86  ? -14.558 9.145   -5.261  1.00 36.32 ? 118 GLU A N   1 
ATOM   694  C CA  . GLU A 1 86  ? -15.782 9.834   -5.664  1.00 36.35 ? 118 GLU A CA  1 
ATOM   695  C C   . GLU A 1 86  ? -16.864 9.729   -4.595  1.00 36.43 ? 118 GLU A C   1 
ATOM   696  O O   . GLU A 1 86  ? -16.751 8.910   -3.679  1.00 36.50 ? 118 GLU A O   1 
ATOM   697  C CB  . GLU A 1 86  ? -16.303 9.259   -6.987  1.00 36.21 ? 118 GLU A CB  1 
ATOM   698  C CG  . GLU A 1 86  ? -15.245 9.066   -8.078  1.00 35.86 ? 118 GLU A CG  1 
ATOM   699  C CD  . GLU A 1 86  ? -14.483 10.342  -8.402  1.00 35.32 ? 118 GLU A CD  1 
ATOM   700  O OE1 . GLU A 1 86  ? -15.047 11.450  -8.234  1.00 34.64 ? 118 GLU A OE1 1 
ATOM   701  O OE2 . GLU A 1 86  ? -13.313 10.230  -8.829  1.00 35.48 ? 118 GLU A OE2 1 
ATOM   702  N N   . ASP A 1 87  ? -17.903 10.560  -4.727  1.00 36.51 ? 119 ASP A N   1 
ATOM   703  C CA  . ASP A 1 87  ? -19.099 10.516  -3.871  1.00 36.73 ? 119 ASP A CA  1 
ATOM   704  C C   . ASP A 1 87  ? -19.646 9.098   -3.668  1.00 36.31 ? 119 ASP A C   1 
ATOM   705  O O   . ASP A 1 87  ? -19.788 8.633   -2.534  1.00 36.13 ? 119 ASP A O   1 
ATOM   706  C CB  . ASP A 1 87  ? -20.210 11.393  -4.461  1.00 37.13 ? 119 ASP A CB  1 
ATOM   707  C CG  . ASP A 1 87  ? -20.005 12.875  -4.189  1.00 38.92 ? 119 ASP A CG  1 
ATOM   708  O OD1 . ASP A 1 87  ? -19.064 13.483  -4.745  1.00 40.39 ? 119 ASP A OD1 1 
ATOM   709  O OD2 . ASP A 1 87  ? -20.817 13.440  -3.426  1.00 42.53 ? 119 ASP A OD2 1 
ATOM   710  N N   . HIS A 1 88  ? -19.943 8.423   -4.778  1.00 35.80 ? 120 HIS A N   1 
ATOM   711  C CA  . HIS A 1 88  ? -20.500 7.069   -4.757  1.00 35.42 ? 120 HIS A CA  1 
ATOM   712  C C   . HIS A 1 88  ? -19.569 6.033   -4.129  1.00 35.26 ? 120 HIS A C   1 
ATOM   713  O O   . HIS A 1 88  ? -20.038 5.037   -3.587  1.00 35.28 ? 120 HIS A O   1 
ATOM   714  C CB  . HIS A 1 88  ? -20.914 6.633   -6.170  1.00 35.15 ? 120 HIS A CB  1 
ATOM   715  C CG  . HIS A 1 88  ? -19.873 6.894   -7.214  1.00 34.95 ? 120 HIS A CG  1 
ATOM   716  N ND1 . HIS A 1 88  ? -19.793 8.085   -7.904  1.00 34.94 ? 120 HIS A ND1 1 
ATOM   717  C CD2 . HIS A 1 88  ? -18.868 6.117   -7.686  1.00 34.12 ? 120 HIS A CD2 1 
ATOM   718  C CE1 . HIS A 1 88  ? -18.786 8.028   -8.759  1.00 34.63 ? 120 HIS A CE1 1 
ATOM   719  N NE2 . HIS A 1 88  ? -18.210 6.844   -8.646  1.00 33.73 ? 120 HIS A NE2 1 
ATOM   720  N N   . ASP A 1 89  ? -18.258 6.272   -4.202  1.00 35.12 ? 121 ASP A N   1 
ATOM   721  C CA  . ASP A 1 89  ? -17.266 5.418   -3.543  1.00 34.91 ? 121 ASP A CA  1 
ATOM   722  C C   . ASP A 1 89  ? -17.411 5.434   -2.020  1.00 34.92 ? 121 ASP A C   1 
ATOM   723  O O   . ASP A 1 89  ? -17.236 4.401   -1.371  1.00 34.80 ? 121 ASP A O   1 
ATOM   724  C CB  . ASP A 1 89  ? -15.837 5.830   -3.928  1.00 34.82 ? 121 ASP A CB  1 
ATOM   725  C CG  . ASP A 1 89  ? -15.540 5.639   -5.408  1.00 34.38 ? 121 ASP A CG  1 
ATOM   726  O OD1 . ASP A 1 89  ? -16.121 4.736   -6.040  1.00 32.93 ? 121 ASP A OD1 1 
ATOM   727  O OD2 . ASP A 1 89  ? -14.701 6.392   -5.943  1.00 35.29 ? 121 ASP A OD2 1 
ATOM   728  N N   . GLU A 1 90  ? -17.736 6.604   -1.464  1.00 34.87 ? 122 GLU A N   1 
ATOM   729  C CA  . GLU A 1 90  ? -17.834 6.800   -0.008  1.00 35.41 ? 122 GLU A CA  1 
ATOM   730  C C   . GLU A 1 90  ? -18.794 5.834   0.693   1.00 35.03 ? 122 GLU A C   1 
ATOM   731  O O   . GLU A 1 90  ? -18.504 5.354   1.784   1.00 34.87 ? 122 GLU A O   1 
ATOM   732  C CB  . GLU A 1 90  ? -18.221 8.246   0.327   1.00 35.25 ? 122 GLU A CB  1 
ATOM   733  C CG  . GLU A 1 90  ? -17.228 9.294   -0.183  1.00 36.51 ? 122 GLU A CG  1 
ATOM   734  C CD  . GLU A 1 90  ? -17.641 10.722  0.140   1.00 36.75 ? 122 GLU A CD  1 
ATOM   735  O OE1 . GLU A 1 90  ? -18.727 10.927  0.732   1.00 38.03 ? 122 GLU A OE1 1 
ATOM   736  O OE2 . GLU A 1 90  ? -16.871 11.647  -0.203  1.00 39.24 ? 122 GLU A OE2 1 
ATOM   737  N N   . GLU A 1 91  ? -19.929 5.553   0.063   1.00 34.90 ? 123 GLU A N   1 
ATOM   738  C CA  . GLU A 1 91  ? -20.916 4.655   0.656   1.00 35.24 ? 123 GLU A CA  1 
ATOM   739  C C   . GLU A 1 91  ? -20.461 3.191   0.637   1.00 33.80 ? 123 GLU A C   1 
ATOM   740  O O   . GLU A 1 91  ? -21.073 2.342   1.288   1.00 33.83 ? 123 GLU A O   1 
ATOM   741  C CB  . GLU A 1 91  ? -22.308 4.843   0.027   1.00 35.33 ? 123 GLU A CB  1 
ATOM   742  C CG  . GLU A 1 91  ? -22.451 4.371   -1.411  1.00 37.05 ? 123 GLU A CG  1 
ATOM   743  C CD  . GLU A 1 91  ? -23.764 4.831   -2.044  1.00 37.90 ? 123 GLU A CD  1 
ATOM   744  O OE1 . GLU A 1 91  ? -24.004 6.062   -2.074  1.00 41.61 ? 123 GLU A OE1 1 
ATOM   745  O OE2 . GLU A 1 91  ? -24.552 3.969   -2.515  1.00 40.49 ? 123 GLU A OE2 1 
ATOM   746  N N   . ILE A 1 92  ? -19.380 2.908   -0.089  1.00 32.34 ? 124 ILE A N   1 
ATOM   747  C CA  . ILE A 1 92  ? -18.721 1.603   0.015   1.00 30.95 ? 124 ILE A CA  1 
ATOM   748  C C   . ILE A 1 92  ? -17.598 1.653   1.059   1.00 30.26 ? 124 ILE A C   1 
ATOM   749  O O   . ILE A 1 92  ? -17.444 0.737   1.866   1.00 29.80 ? 124 ILE A O   1 
ATOM   750  C CB  . ILE A 1 92  ? -18.170 1.085   -1.341  1.00 30.78 ? 124 ILE A CB  1 
ATOM   751  C CG1 . ILE A 1 92  ? -19.152 1.383   -2.489  1.00 31.00 ? 124 ILE A CG1 1 
ATOM   752  C CG2 . ILE A 1 92  ? -17.849 -0.404  -1.247  1.00 29.86 ? 124 ILE A CG2 1 
ATOM   753  C CD1 . ILE A 1 92  ? -18.887 0.611   -3.782  1.00 30.65 ? 124 ILE A CD1 1 
ATOM   754  N N   . LEU A 1 93  ? -16.837 2.742   1.048   1.00 29.66 ? 125 LEU A N   1 
ATOM   755  C CA  . LEU A 1 93  ? -15.646 2.878   1.885   1.00 29.24 ? 125 LEU A CA  1 
ATOM   756  C C   . LEU A 1 93  ? -15.935 3.016   3.387   1.00 29.06 ? 125 LEU A C   1 
ATOM   757  O O   . LEU A 1 93  ? -15.047 2.816   4.208   1.00 28.67 ? 125 LEU A O   1 
ATOM   758  C CB  . LEU A 1 93  ? -14.769 4.023   1.375   1.00 29.12 ? 125 LEU A CB  1 
ATOM   759  C CG  . LEU A 1 93  ? -14.115 3.774   0.014   1.00 28.99 ? 125 LEU A CG  1 
ATOM   760  C CD1 . LEU A 1 93  ? -13.576 5.072   -0.560  1.00 28.53 ? 125 LEU A CD1 1 
ATOM   761  C CD2 . LEU A 1 93  ? -13.013 2.700   0.102   1.00 28.09 ? 125 LEU A CD2 1 
ATOM   762  N N   . VAL A 1 94  ? -17.181 3.330   3.737   1.00 28.90 ? 126 VAL A N   1 
ATOM   763  C CA  . VAL A 1 94  ? -17.629 3.301   5.132   1.00 29.00 ? 126 VAL A CA  1 
ATOM   764  C C   . VAL A 1 94  ? -17.619 1.882   5.752   1.00 28.98 ? 126 VAL A C   1 
ATOM   765  O O   . VAL A 1 94  ? -17.585 1.730   6.979   1.00 28.68 ? 126 VAL A O   1 
ATOM   766  C CB  . VAL A 1 94  ? -19.010 3.984   5.305   1.00 29.13 ? 126 VAL A CB  1 
ATOM   767  C CG1 . VAL A 1 94  ? -18.866 5.483   5.157   1.00 29.35 ? 126 VAL A CG1 1 
ATOM   768  C CG2 . VAL A 1 94  ? -20.028 3.445   4.298   1.00 29.03 ? 126 VAL A CG2 1 
ATOM   769  N N   . TYR A 1 95  ? -17.625 0.860   4.892   1.00 28.90 ? 127 TYR A N   1 
ATOM   770  C CA  . TYR A 1 95  ? -17.559 -0.547  5.310   1.00 28.91 ? 127 TYR A CA  1 
ATOM   771  C C   . TYR A 1 95  ? -16.140 -1.071  5.510   1.00 29.12 ? 127 TYR A C   1 
ATOM   772  O O   . TYR A 1 95  ? -15.947 -2.207  5.942   1.00 29.29 ? 127 TYR A O   1 
ATOM   773  C CB  . TYR A 1 95  ? -18.304 -1.432  4.310   1.00 28.78 ? 127 TYR A CB  1 
ATOM   774  C CG  . TYR A 1 95  ? -19.799 -1.248  4.359   1.00 28.51 ? 127 TYR A CG  1 
ATOM   775  C CD1 . TYR A 1 95  ? -20.588 -1.999  5.238   1.00 28.62 ? 127 TYR A CD1 1 
ATOM   776  C CD2 . TYR A 1 95  ? -20.427 -0.322  3.536   1.00 28.09 ? 127 TYR A CD2 1 
ATOM   777  C CE1 . TYR A 1 95  ? -21.967 -1.835  5.286   1.00 28.42 ? 127 TYR A CE1 1 
ATOM   778  C CE2 . TYR A 1 95  ? -21.801 -0.146  3.576   1.00 29.03 ? 127 TYR A CE2 1 
ATOM   779  C CZ  . TYR A 1 95  ? -22.566 -0.905  4.451   1.00 28.71 ? 127 TYR A CZ  1 
ATOM   780  O OH  . TYR A 1 95  ? -23.930 -0.724  4.483   1.00 29.39 ? 127 TYR A OH  1 
ATOM   781  N N   . LEU A 1 96  ? -15.153 -0.234  5.209   1.00 29.49 ? 128 LEU A N   1 
ATOM   782  C CA  . LEU A 1 96  ? -13.750 -0.574  5.397   1.00 29.85 ? 128 LEU A CA  1 
ATOM   783  C C   . LEU A 1 96  ? -13.421 -0.737  6.887   1.00 30.09 ? 128 LEU A C   1 
ATOM   784  O O   . LEU A 1 96  ? -13.639 0.177   7.692   1.00 30.19 ? 128 LEU A O   1 
ATOM   785  C CB  . LEU A 1 96  ? -12.874 0.506   4.747   1.00 29.89 ? 128 LEU A CB  1 
ATOM   786  C CG  . LEU A 1 96  ? -11.478 0.240   4.159   1.00 30.44 ? 128 LEU A CG  1 
ATOM   787  C CD1 . LEU A 1 96  ? -11.366 -1.075  3.392   1.00 29.35 ? 128 LEU A CD1 1 
ATOM   788  C CD2 . LEU A 1 96  ? -11.078 1.405   3.261   1.00 29.90 ? 128 LEU A CD2 1 
ATOM   789  N N   . ASN A 1 97  ? -12.916 -1.918  7.243   1.00 30.46 ? 129 ASN A N   1 
ATOM   790  C CA  . ASN A 1 97  ? -12.468 -2.227  8.607   1.00 30.75 ? 129 ASN A CA  1 
ATOM   791  C C   . ASN A 1 97  ? -10.980 -1.982  8.826   1.00 31.19 ? 129 ASN A C   1 
ATOM   792  O O   . ASN A 1 97  ? -10.571 -1.529  9.901   1.00 31.11 ? 129 ASN A O   1 
ATOM   793  C CB  . ASN A 1 97  ? -12.771 -3.688  8.956   1.00 30.52 ? 129 ASN A CB  1 
ATOM   794  C CG  . ASN A 1 97  ? -14.168 -3.884  9.516   1.00 30.30 ? 129 ASN A CG  1 
ATOM   795  O OD1 . ASN A 1 97  ? -14.817 -2.939  9.968   1.00 28.75 ? 129 ASN A OD1 1 
ATOM   796  N ND2 . ASN A 1 97  ? -14.626 -5.130  9.511   1.00 30.24 ? 129 ASN A ND2 1 
ATOM   797  N N   . ASP A 1 98  ? -10.173 -2.304  7.812   1.00 31.80 ? 130 ASP A N   1 
ATOM   798  C CA  . ASP A 1 98  ? -8.712  -2.232  7.927   1.00 32.58 ? 130 ASP A CA  1 
ATOM   799  C C   . ASP A 1 98  ? -8.025  -2.180  6.568   1.00 33.23 ? 130 ASP A C   1 
ATOM   800  O O   . ASP A 1 98  ? -8.505  -2.763  5.586   1.00 33.11 ? 130 ASP A O   1 
ATOM   801  C CB  . ASP A 1 98  ? -8.188  -3.438  8.717   1.00 32.37 ? 130 ASP A CB  1 
ATOM   802  C CG  . ASP A 1 98  ? -6.831  -3.186  9.367   1.00 33.03 ? 130 ASP A CG  1 
ATOM   803  O OD1 . ASP A 1 98  ? -6.368  -2.022  9.413   1.00 32.22 ? 130 ASP A OD1 1 
ATOM   804  O OD2 . ASP A 1 98  ? -6.221  -4.171  9.841   1.00 34.04 ? 130 ASP A OD2 1 
ATOM   805  N N   . ILE A 1 99  ? -6.906  -1.466  6.521   1.00 34.46 ? 131 ILE A N   1 
ATOM   806  C CA  . ILE A 1 99  ? -6.001  -1.504  5.377   1.00 35.76 ? 131 ILE A CA  1 
ATOM   807  C C   . ILE A 1 99  ? -4.639  -2.011  5.851   1.00 37.19 ? 131 ILE A C   1 
ATOM   808  O O   . ILE A 1 99  ? -4.065  -1.461  6.788   1.00 37.08 ? 131 ILE A O   1 
ATOM   809  C CB  . ILE A 1 99  ? -5.851  -0.121  4.682   1.00 35.62 ? 131 ILE A CB  1 
ATOM   810  C CG1 . ILE A 1 99  ? -7.224  0.521   4.434   1.00 35.02 ? 131 ILE A CG1 1 
ATOM   811  C CG2 . ILE A 1 99  ? -5.071  -0.268  3.371   1.00 35.47 ? 131 ILE A CG2 1 
ATOM   812  C CD1 . ILE A 1 99  ? -7.167  1.956   3.919   1.00 35.13 ? 131 ILE A CD1 1 
ATOM   813  N N   . ARG A 1 100 ? -4.138  -3.061  5.201   1.00 39.28 ? 132 ARG A N   1 
ATOM   814  C CA  . ARG A 1 100 ? -2.847  -3.672  5.558   1.00 41.43 ? 132 ARG A CA  1 
ATOM   815  C C   . ARG A 1 100 ? -1.847  -3.706  4.399   1.00 42.58 ? 132 ARG A C   1 
ATOM   816  O O   . ARG A 1 100 ? -2.219  -3.607  3.227   1.00 42.54 ? 132 ARG A O   1 
ATOM   817  C CB  . ARG A 1 100 ? -3.048  -5.104  6.078   1.00 41.54 ? 132 ARG A CB  1 
ATOM   818  C CG  . ARG A 1 100 ? -3.766  -5.211  7.408   1.00 43.25 ? 132 ARG A CG  1 
ATOM   819  C CD  . ARG A 1 100 ? -2.794  -5.092  8.569   1.00 47.13 ? 132 ARG A CD  1 
ATOM   820  N NE  . ARG A 1 100 ? -3.512  -4.913  9.826   1.00 49.04 ? 132 ARG A NE  1 
ATOM   821  C CZ  . ARG A 1 100 ? -3.046  -5.261  11.020  1.00 49.16 ? 132 ARG A CZ  1 
ATOM   822  N NH1 . ARG A 1 100 ? -1.841  -5.813  11.150  1.00 48.65 ? 132 ARG A NH1 1 
ATOM   823  N NH2 . ARG A 1 100 ? -3.800  -5.059  12.089  1.00 49.03 ? 132 ARG A NH2 1 
ATOM   824  N N   . CYS A 1 101 ? -0.576  -3.867  4.757   1.00 44.50 ? 133 CYS A N   1 
ATOM   825  C CA  . CYS A 1 101 ? 0.512   -4.031  3.802   1.00 45.44 ? 133 CYS A CA  1 
ATOM   826  C C   . CYS A 1 101 ? 1.421   -5.171  4.261   1.00 46.17 ? 133 CYS A C   1 
ATOM   827  O O   . CYS A 1 101 ? 1.766   -5.260  5.436   1.00 45.94 ? 133 CYS A O   1 
ATOM   828  C CB  . CYS A 1 101 ? 1.313   -2.735  3.693   1.00 45.40 ? 133 CYS A CB  1 
ATOM   829  S SG  . CYS A 1 101 ? 2.408   -2.650  2.260   1.00 46.60 ? 133 CYS A SG  1 
ATOM   830  N N   . ASP A 1 102 ? 1.792   -6.044  3.328   1.00 47.47 ? 134 ASP A N   1 
ATOM   831  C CA  . ASP A 1 102 ? 2.734   -7.134  3.587   1.00 48.76 ? 134 ASP A CA  1 
ATOM   832  C C   . ASP A 1 102 ? 3.713   -7.248  2.429   1.00 49.46 ? 134 ASP A C   1 
ATOM   833  O O   . ASP A 1 102 ? 3.404   -6.821  1.316   1.00 49.59 ? 134 ASP A O   1 
ATOM   834  C CB  . ASP A 1 102 ? 1.999   -8.467  3.752   1.00 49.00 ? 134 ASP A CB  1 
ATOM   835  C CG  . ASP A 1 102 ? 1.203   -8.550  5.041   1.00 50.42 ? 134 ASP A CG  1 
ATOM   836  O OD1 . ASP A 1 102 ? 0.040   -9.012  4.982   1.00 52.00 ? 134 ASP A OD1 1 
ATOM   837  O OD2 . ASP A 1 102 ? 1.733   -8.166  6.113   1.00 51.90 ? 134 ASP A OD2 1 
ATOM   838  N N   . TYR A 1 103 ? 4.885   -7.827  2.690   1.00 50.41 ? 135 TYR A N   1 
ATOM   839  C CA  . TYR A 1 103 ? 5.882   -8.060  1.640   1.00 51.26 ? 135 TYR A CA  1 
ATOM   840  C C   . TYR A 1 103 ? 5.780   -9.468  1.056   1.00 51.43 ? 135 TYR A C   1 
ATOM   841  O O   . TYR A 1 103 ? 4.794   -10.179 1.274   1.00 51.67 ? 135 TYR A O   1 
ATOM   842  C CB  . TYR A 1 103 ? 7.301   -7.816  2.159   1.00 51.82 ? 135 TYR A CB  1 
ATOM   843  C CG  . TYR A 1 103 ? 7.573   -6.401  2.641   1.00 52.89 ? 135 TYR A CG  1 
ATOM   844  C CD1 . TYR A 1 103 ? 7.601   -5.325  1.749   1.00 53.26 ? 135 TYR A CD1 1 
ATOM   845  C CD2 . TYR A 1 103 ? 7.823   -6.144  3.992   1.00 54.07 ? 135 TYR A CD2 1 
ATOM   846  C CE1 . TYR A 1 103 ? 7.857   -4.024  2.195   1.00 53.66 ? 135 TYR A CE1 1 
ATOM   847  C CE2 . TYR A 1 103 ? 8.085   -4.847  4.449   1.00 53.94 ? 135 TYR A CE2 1 
ATOM   848  C CZ  . TYR A 1 103 ? 8.100   -3.796  3.548   1.00 53.62 ? 135 TYR A CZ  1 
ATOM   849  O OH  . TYR A 1 103 ? 8.361   -2.520  4.004   1.00 53.50 ? 135 TYR A OH  1 
ATOM   850  N N   . GLY A 1 113 ? 8.345   -7.130  -4.048  1.00 41.06 ? 145 GLY A N   1 
ATOM   851  C CA  . GLY A 1 113 ? 7.299   -6.122  -3.885  1.00 40.77 ? 145 GLY A CA  1 
ATOM   852  C C   . GLY A 1 113 ? 6.395   -6.362  -2.688  1.00 40.54 ? 145 GLY A C   1 
ATOM   853  O O   . GLY A 1 113 ? 6.802   -6.991  -1.705  1.00 40.66 ? 145 GLY A O   1 
ATOM   854  N N   . PHE A 1 114 ? 5.157   -5.877  -2.784  1.00 40.15 ? 146 PHE A N   1 
ATOM   855  C CA  . PHE A 1 114 ? 4.219   -5.894  -1.659  1.00 39.29 ? 146 PHE A CA  1 
ATOM   856  C C   . PHE A 1 114 ? 2.759   -6.163  -2.049  1.00 38.83 ? 146 PHE A C   1 
ATOM   857  O O   . PHE A 1 114 ? 2.380   -6.038  -3.220  1.00 38.63 ? 146 PHE A O   1 
ATOM   858  C CB  . PHE A 1 114 ? 4.315   -4.573  -0.886  1.00 39.40 ? 146 PHE A CB  1 
ATOM   859  C CG  . PHE A 1 114 ? 3.943   -3.359  -1.697  1.00 39.22 ? 146 PHE A CG  1 
ATOM   860  C CD1 . PHE A 1 114 ? 2.641   -2.865  -1.678  1.00 39.65 ? 146 PHE A CD1 1 
ATOM   861  C CD2 . PHE A 1 114 ? 4.895   -2.702  -2.467  1.00 39.13 ? 146 PHE A CD2 1 
ATOM   862  C CE1 . PHE A 1 114 ? 2.292   -1.739  -2.419  1.00 39.49 ? 146 PHE A CE1 1 
ATOM   863  C CE2 . PHE A 1 114 ? 4.560   -1.577  -3.213  1.00 39.55 ? 146 PHE A CE2 1 
ATOM   864  C CZ  . PHE A 1 114 ? 3.257   -1.094  -3.188  1.00 39.79 ? 146 PHE A CZ  1 
ATOM   865  N N   . ILE A 1 115 ? 1.949   -6.522  -1.050  1.00 37.85 ? 147 ILE A N   1 
ATOM   866  C CA  . ILE A 1 115 ? 0.502   -6.653  -1.219  1.00 36.87 ? 147 ILE A CA  1 
ATOM   867  C C   . ILE A 1 115 ? -0.258  -5.713  -0.276  1.00 36.07 ? 147 ILE A C   1 
ATOM   868  O O   . ILE A 1 115 ? -0.034  -5.706  0.941   1.00 35.82 ? 147 ILE A O   1 
ATOM   869  C CB  . ILE A 1 115 ? 0.015   -8.131  -1.063  1.00 36.97 ? 147 ILE A CB  1 
ATOM   870  C CG1 . ILE A 1 115 ? -1.505  -8.242  -1.267  1.00 37.25 ? 147 ILE A CG1 1 
ATOM   871  C CG2 . ILE A 1 115 ? 0.426   -8.714  0.288   1.00 37.42 ? 147 ILE A CG2 1 
ATOM   872  C CD1 . ILE A 1 115 ? -2.014  -9.677  -1.459  1.00 37.13 ? 147 ILE A CD1 1 
ATOM   873  N N   . LEU A 1 116 ? -1.141  -4.905  -0.857  1.00 34.99 ? 148 LEU A N   1 
ATOM   874  C CA  . LEU A 1 116 ? -2.073  -4.088  -0.091  1.00 33.74 ? 148 LEU A CA  1 
ATOM   875  C C   . LEU A 1 116 ? -3.390  -4.833  0.092   1.00 33.04 ? 148 LEU A C   1 
ATOM   876  O O   . LEU A 1 116 ? -3.993  -5.264  -0.886  1.00 32.73 ? 148 LEU A O   1 
ATOM   877  C CB  . LEU A 1 116 ? -2.333  -2.766  -0.810  1.00 33.76 ? 148 LEU A CB  1 
ATOM   878  C CG  . LEU A 1 116 ? -1.306  -1.637  -0.735  1.00 33.05 ? 148 LEU A CG  1 
ATOM   879  C CD1 . LEU A 1 116 ? -1.771  -0.498  -1.622  1.00 32.26 ? 148 LEU A CD1 1 
ATOM   880  C CD2 . LEU A 1 116 ? -1.109  -1.156  0.701   1.00 31.30 ? 148 LEU A CD2 1 
ATOM   881  N N   . SER A 1 117 ? -3.832  -4.976  1.340   1.00 32.50 ? 149 SER A N   1 
ATOM   882  C CA  . SER A 1 117 ? -5.106  -5.638  1.650   1.00 31.79 ? 149 SER A CA  1 
ATOM   883  C C   . SER A 1 117 ? -6.115  -4.681  2.272   1.00 31.33 ? 149 SER A C   1 
ATOM   884  O O   . SER A 1 117 ? -5.835  -4.028  3.282   1.00 31.47 ? 149 SER A O   1 
ATOM   885  C CB  . SER A 1 117 ? -4.903  -6.844  2.570   1.00 31.81 ? 149 SER A CB  1 
ATOM   886  O OG  . SER A 1 117 ? -4.133  -7.858  1.948   1.00 32.41 ? 149 SER A OG  1 
ATOM   887  N N   . PHE A 1 118 ? -7.293  -4.616  1.658   1.00 30.61 ? 150 PHE A N   1 
ATOM   888  C CA  . PHE A 1 118 ? -8.407  -3.826  2.157   1.00 29.63 ? 150 PHE A CA  1 
ATOM   889  C C   . PHE A 1 118 ? -9.449  -4.784  2.697   1.00 29.39 ? 150 PHE A C   1 
ATOM   890  O O   . PHE A 1 118 ? -9.994  -5.601  1.951   1.00 29.01 ? 150 PHE A O   1 
ATOM   891  C CB  . PHE A 1 118 ? -9.017  -2.980  1.036   1.00 29.47 ? 150 PHE A CB  1 
ATOM   892  C CG  . PHE A 1 118 ? -8.040  -2.056  0.365   1.00 28.89 ? 150 PHE A CG  1 
ATOM   893  C CD1 . PHE A 1 118 ? -8.072  -0.689  0.625   1.00 28.32 ? 150 PHE A CD1 1 
ATOM   894  C CD2 . PHE A 1 118 ? -7.086  -2.552  -0.520  1.00 28.37 ? 150 PHE A CD2 1 
ATOM   895  C CE1 . PHE A 1 118 ? -7.178  0.175   0.013   1.00 27.70 ? 150 PHE A CE1 1 
ATOM   896  C CE2 . PHE A 1 118 ? -6.189  -1.695  -1.142  1.00 28.59 ? 150 PHE A CE2 1 
ATOM   897  C CZ  . PHE A 1 118 ? -6.237  -0.324  -0.869  1.00 28.47 ? 150 PHE A CZ  1 
ATOM   898  N N   . TYR A 1 119 ? -9.705  -4.683  4.000   1.00 29.28 ? 151 TYR A N   1 
ATOM   899  C CA  . TYR A 1 119 ? -10.667 -5.533  4.686   1.00 29.02 ? 151 TYR A CA  1 
ATOM   900  C C   . TYR A 1 119 ? -12.007 -4.816  4.801   1.00 28.69 ? 151 TYR A C   1 
ATOM   901  O O   . TYR A 1 119 ? -12.073 -3.678  5.262   1.00 28.29 ? 151 TYR A O   1 
ATOM   902  C CB  . TYR A 1 119 ? -10.137 -5.920  6.070   1.00 29.43 ? 151 TYR A CB  1 
ATOM   903  C CG  . TYR A 1 119 ? -8.871  -6.736  6.017   1.00 29.73 ? 151 TYR A CG  1 
ATOM   904  C CD1 . TYR A 1 119 ? -8.907  -8.124  6.156   1.00 30.11 ? 151 TYR A CD1 1 
ATOM   905  C CD2 . TYR A 1 119 ? -7.632  -6.121  5.824   1.00 29.68 ? 151 TYR A CD2 1 
ATOM   906  C CE1 . TYR A 1 119 ? -7.737  -8.881  6.091   1.00 30.29 ? 151 TYR A CE1 1 
ATOM   907  C CE2 . TYR A 1 119 ? -6.468  -6.861  5.763   1.00 29.28 ? 151 TYR A CE2 1 
ATOM   908  C CZ  . TYR A 1 119 ? -6.523  -8.236  5.895   1.00 30.22 ? 151 TYR A CZ  1 
ATOM   909  O OH  . TYR A 1 119 ? -5.351  -8.960  5.836   1.00 31.59 ? 151 TYR A OH  1 
ATOM   910  N N   . PHE A 1 120 ? -13.071 -5.483  4.367   1.00 28.38 ? 152 PHE A N   1 
ATOM   911  C CA  . PHE A 1 120 ? -14.403 -4.885  4.409   1.00 28.27 ? 152 PHE A CA  1 
ATOM   912  C C   . PHE A 1 120 ? -15.338 -5.665  5.308   1.00 28.03 ? 152 PHE A C   1 
ATOM   913  O O   . PHE A 1 120 ? -15.356 -6.889  5.276   1.00 28.05 ? 152 PHE A O   1 
ATOM   914  C CB  . PHE A 1 120 ? -15.007 -4.795  3.007   1.00 27.87 ? 152 PHE A CB  1 
ATOM   915  C CG  . PHE A 1 120 ? -14.423 -3.699  2.160   1.00 28.21 ? 152 PHE A CG  1 
ATOM   916  C CD1 . PHE A 1 120 ? -14.988 -2.425  2.165   1.00 27.29 ? 152 PHE A CD1 1 
ATOM   917  C CD2 . PHE A 1 120 ? -13.317 -3.946  1.343   1.00 26.87 ? 152 PHE A CD2 1 
ATOM   918  C CE1 . PHE A 1 120 ? -14.458 -1.407  1.376   1.00 27.10 ? 152 PHE A CE1 1 
ATOM   919  C CE2 . PHE A 1 120 ? -12.783 -2.944  0.551   1.00 26.67 ? 152 PHE A CE2 1 
ATOM   920  C CZ  . PHE A 1 120 ? -13.352 -1.668  0.565   1.00 27.61 ? 152 PHE A CZ  1 
ATOM   921  N N   . ALA A 1 121 ? -16.108 -4.940  6.112   1.00 28.02 ? 153 ALA A N   1 
ATOM   922  C CA  . ALA A 1 121 ? -17.243 -5.522  6.817   1.00 27.99 ? 153 ALA A CA  1 
ATOM   923  C C   . ALA A 1 121 ? -18.281 -5.961  5.780   1.00 27.95 ? 153 ALA A C   1 
ATOM   924  O O   . ALA A 1 121 ? -18.312 -5.431  4.658   1.00 28.09 ? 153 ALA A O   1 
ATOM   925  C CB  . ALA A 1 121 ? -17.844 -4.509  7.778   1.00 27.74 ? 153 ALA A CB  1 
ATOM   926  N N   . THR A 1 122 ? -19.111 -6.940  6.142   1.00 27.72 ? 154 THR A N   1 
ATOM   927  C CA  . THR A 1 122 ? -20.220 -7.361  5.287   1.00 27.36 ? 154 THR A CA  1 
ATOM   928  C C   . THR A 1 122 ? -20.995 -6.135  4.800   1.00 26.96 ? 154 THR A C   1 
ATOM   929  O O   . THR A 1 122 ? -21.363 -5.259  5.593   1.00 27.11 ? 154 THR A O   1 
ATOM   930  C CB  . THR A 1 122 ? -21.163 -8.334  6.016   1.00 27.50 ? 154 THR A CB  1 
ATOM   931  O OG1 . THR A 1 122 ? -20.388 -9.371  6.625   1.00 27.84 ? 154 THR A OG1 1 
ATOM   932  C CG2 . THR A 1 122 ? -22.157 -8.968  5.033   1.00 27.63 ? 154 THR A CG2 1 
ATOM   933  N N   . ASN A 1 123 ? -21.213 -6.080  3.490   1.00 26.24 ? 155 ASN A N   1 
ATOM   934  C CA  . ASN A 1 123 ? -21.758 -4.905  2.829   1.00 25.85 ? 155 ASN A CA  1 
ATOM   935  C C   . ASN A 1 123 ? -22.664 -5.319  1.683   1.00 25.83 ? 155 ASN A C   1 
ATOM   936  O O   . ASN A 1 123 ? -22.562 -6.452  1.212   1.00 25.70 ? 155 ASN A O   1 
ATOM   937  C CB  . ASN A 1 123 ? -20.630 -3.979  2.337   1.00 25.63 ? 155 ASN A CB  1 
ATOM   938  C CG  . ASN A 1 123 ? -19.841 -4.564  1.190   1.00 24.96 ? 155 ASN A CG  1 
ATOM   939  O OD1 . ASN A 1 123 ? -20.251 -4.482  0.032   1.00 25.86 ? 155 ASN A OD1 1 
ATOM   940  N ND2 . ASN A 1 123 ? -18.690 -5.142  1.501   1.00 23.13 ? 155 ASN A ND2 1 
ATOM   941  N N   . PRO A 1 124 ? -23.584 -4.421  1.260   1.00 25.81 ? 156 PRO A N   1 
ATOM   942  C CA  . PRO A 1 124 ? -24.478 -4.719  0.139   1.00 25.74 ? 156 PRO A CA  1 
ATOM   943  C C   . PRO A 1 124 ? -23.889 -4.542  -1.281  1.00 25.74 ? 156 PRO A C   1 
ATOM   944  O O   . PRO A 1 124 ? -24.603 -4.774  -2.260  1.00 25.58 ? 156 PRO A O   1 
ATOM   945  C CB  . PRO A 1 124 ? -25.633 -3.742  0.363   1.00 25.88 ? 156 PRO A CB  1 
ATOM   946  C CG  . PRO A 1 124 ? -24.987 -2.556  0.995   1.00 25.62 ? 156 PRO A CG  1 
ATOM   947  C CD  . PRO A 1 124 ? -23.882 -3.100  1.860   1.00 25.60 ? 156 PRO A CD  1 
ATOM   948  N N   . PHE A 1 125 ? -22.616 -4.164  -1.396  1.00 25.64 ? 157 PHE A N   1 
ATOM   949  C CA  . PHE A 1 125 ? -22.011 -3.883  -2.711  1.00 25.63 ? 157 PHE A CA  1 
ATOM   950  C C   . PHE A 1 125 ? -21.284 -5.080  -3.330  1.00 25.39 ? 157 PHE A C   1 
ATOM   951  O O   . PHE A 1 125 ? -21.426 -5.357  -4.519  1.00 25.12 ? 157 PHE A O   1 
ATOM   952  C CB  . PHE A 1 125 ? -21.073 -2.675  -2.636  1.00 25.92 ? 157 PHE A CB  1 
ATOM   953  C CG  . PHE A 1 125 ? -21.765 -1.403  -2.265  1.00 26.16 ? 157 PHE A CG  1 
ATOM   954  C CD1 . PHE A 1 125 ? -22.370 -0.617  -3.239  1.00 27.09 ? 157 PHE A CD1 1 
ATOM   955  C CD2 . PHE A 1 125 ? -21.826 -0.997  -0.943  1.00 26.08 ? 157 PHE A CD2 1 
ATOM   956  C CE1 . PHE A 1 125 ? -23.025 0.555   -2.898  1.00 27.87 ? 157 PHE A CE1 1 
ATOM   957  C CE2 . PHE A 1 125 ? -22.481 0.167   -0.592  1.00 26.82 ? 157 PHE A CE2 1 
ATOM   958  C CZ  . PHE A 1 125 ? -23.084 0.945   -1.571  1.00 27.18 ? 157 PHE A CZ  1 
ATOM   959  N N   . PHE A 1 126 ? -20.503 -5.776  -2.514  1.00 25.39 ? 158 PHE A N   1 
ATOM   960  C CA  . PHE A 1 126 ? -19.808 -6.990  -2.949  1.00 25.14 ? 158 PHE A CA  1 
ATOM   961  C C   . PHE A 1 126 ? -19.691 -7.988  -1.806  1.00 25.18 ? 158 PHE A C   1 
ATOM   962  O O   . PHE A 1 126 ? -19.939 -7.649  -0.649  1.00 25.17 ? 158 PHE A O   1 
ATOM   963  C CB  . PHE A 1 126 ? -18.431 -6.674  -3.567  1.00 24.80 ? 158 PHE A CB  1 
ATOM   964  C CG  . PHE A 1 126 ? -17.555 -5.766  -2.732  1.00 24.09 ? 158 PHE A CG  1 
ATOM   965  C CD1 . PHE A 1 126 ? -16.847 -6.261  -1.641  1.00 24.11 ? 158 PHE A CD1 1 
ATOM   966  C CD2 . PHE A 1 126 ? -17.392 -4.424  -3.080  1.00 24.02 ? 158 PHE A CD2 1 
ATOM   967  C CE1 . PHE A 1 126 ? -16.012 -5.423  -0.883  1.00 23.66 ? 158 PHE A CE1 1 
ATOM   968  C CE2 . PHE A 1 126 ? -16.563 -3.582  -2.342  1.00 23.26 ? 158 PHE A CE2 1 
ATOM   969  C CZ  . PHE A 1 126 ? -15.879 -4.079  -1.233  1.00 23.90 ? 158 PHE A CZ  1 
ATOM   970  N N   . SER A 1 127 ? -19.313 -9.216  -2.144  1.00 25.40 ? 159 SER A N   1 
ATOM   971  C CA  . SER A 1 127 ? -19.240 -10.311 -1.178  1.00 25.79 ? 159 SER A CA  1 
ATOM   972  C C   . SER A 1 127 ? -17.844 -10.498 -0.577  1.00 26.30 ? 159 SER A C   1 
ATOM   973  O O   . SER A 1 127 ? -17.694 -11.153 0.461   1.00 26.51 ? 159 SER A O   1 
ATOM   974  C CB  . SER A 1 127 ? -19.681 -11.611 -1.843  1.00 25.49 ? 159 SER A CB  1 
ATOM   975  O OG  . SER A 1 127 ? -18.841 -11.920 -2.940  1.00 25.23 ? 159 SER A OG  1 
ATOM   976  N N   . ASN A 1 128 ? -16.832 -9.932  -1.234  1.00 26.68 ? 160 ASN A N   1 
ATOM   977  C CA  . ASN A 1 128 ? -15.455 -10.047 -0.777  1.00 27.42 ? 160 ASN A CA  1 
ATOM   978  C C   . ASN A 1 128 ? -15.291 -9.439  0.603   1.00 28.08 ? 160 ASN A C   1 
ATOM   979  O O   . ASN A 1 128 ? -15.756 -8.321  0.863   1.00 27.96 ? 160 ASN A O   1 
ATOM   980  C CB  . ASN A 1 128 ? -14.485 -9.349  -1.735  1.00 27.32 ? 160 ASN A CB  1 
ATOM   981  C CG  . ASN A 1 128 ? -14.734 -9.700  -3.180  1.00 27.33 ? 160 ASN A CG  1 
ATOM   982  O OD1 . ASN A 1 128 ? -15.633 -9.146  -3.824  1.00 27.14 ? 160 ASN A OD1 1 
ATOM   983  N ND2 . ASN A 1 128 ? -13.924 -10.606 -3.709  1.00 26.77 ? 160 ASN A ND2 1 
ATOM   984  N N   . SER A 1 129 ? -14.638 -10.187 1.484   1.00 28.86 ? 161 SER A N   1 
ATOM   985  C CA  . SER A 1 129 ? -14.271 -9.678  2.790   1.00 29.76 ? 161 SER A CA  1 
ATOM   986  C C   . SER A 1 129 ? -12.906 -9.004  2.709   1.00 30.35 ? 161 SER A C   1 
ATOM   987  O O   . SER A 1 129 ? -12.574 -8.155  3.533   1.00 30.95 ? 161 SER A O   1 
ATOM   988  C CB  . SER A 1 129 ? -14.285 -10.809 3.824   1.00 29.60 ? 161 SER A CB  1 
ATOM   989  O OG  . SER A 1 129 ? -13.359 -11.810 3.484   1.00 30.24 ? 161 SER A OG  1 
ATOM   990  N N   . VAL A 1 130 ? -12.123 -9.382  1.702   1.00 31.25 ? 162 VAL A N   1 
ATOM   991  C CA  . VAL A 1 130 ? -10.803 -8.801  1.473   1.00 32.06 ? 162 VAL A CA  1 
ATOM   992  C C   . VAL A 1 130 ? -10.597 -8.489  -0.016  1.00 32.57 ? 162 VAL A C   1 
ATOM   993  O O   . VAL A 1 130 ? -10.853 -9.334  -0.879  1.00 32.55 ? 162 VAL A O   1 
ATOM   994  C CB  . VAL A 1 130 ? -9.660  -9.744  1.948   1.00 32.10 ? 162 VAL A CB  1 
ATOM   995  C CG1 . VAL A 1 130 ? -8.310  -9.034  1.885   1.00 32.10 ? 162 VAL A CG1 1 
ATOM   996  C CG2 . VAL A 1 130 ? -9.915  -10.256 3.352   1.00 32.54 ? 162 VAL A CG2 1 
ATOM   997  N N   . LEU A 1 131 ? -10.155 -7.266  -0.300  1.00 33.21 ? 163 LEU A N   1 
ATOM   998  C CA  . LEU A 1 131 ? -9.705  -6.885  -1.635  1.00 33.92 ? 163 LEU A CA  1 
ATOM   999  C C   . LEU A 1 131 ? -8.204  -6.626  -1.573  1.00 34.87 ? 163 LEU A C   1 
ATOM   1000 O O   . LEU A 1 131 ? -7.745  -5.762  -0.824  1.00 34.95 ? 163 LEU A O   1 
ATOM   1001 C CB  . LEU A 1 131 ? -10.439 -5.641  -2.143  1.00 33.58 ? 163 LEU A CB  1 
ATOM   1002 C CG  . LEU A 1 131 ? -11.953 -5.670  -2.385  1.00 33.20 ? 163 LEU A CG  1 
ATOM   1003 C CD1 . LEU A 1 131 ? -12.412 -4.329  -2.930  1.00 31.64 ? 163 LEU A CD1 1 
ATOM   1004 C CD2 . LEU A 1 131 ? -12.371 -6.799  -3.327  1.00 32.80 ? 163 LEU A CD2 1 
ATOM   1005 N N   . THR A 1 132 ? -7.443  -7.393  -2.345  1.00 36.16 ? 164 THR A N   1 
ATOM   1006 C CA  . THR A 1 132 ? -5.985  -7.279  -2.341  1.00 37.36 ? 164 THR A CA  1 
ATOM   1007 C C   . THR A 1 132 ? -5.467  -6.658  -3.623  1.00 38.11 ? 164 THR A C   1 
ATOM   1008 O O   . THR A 1 132 ? -6.098  -6.758  -4.673  1.00 38.39 ? 164 THR A O   1 
ATOM   1009 C CB  . THR A 1 132 ? -5.291  -8.645  -2.145  1.00 37.37 ? 164 THR A CB  1 
ATOM   1010 O OG1 . THR A 1 132 ? -5.475  -9.454  -3.315  1.00 37.90 ? 164 THR A OG1 1 
ATOM   1011 C CG2 . THR A 1 132 ? -5.828  -9.371  -0.909  1.00 36.79 ? 164 THR A CG2 1 
ATOM   1012 N N   . LYS A 1 133 ? -4.318  -6.006  -3.524  1.00 39.24 ? 165 LYS A N   1 
ATOM   1013 C CA  . LYS A 1 133 ? -3.612  -5.503  -4.689  1.00 40.61 ? 165 LYS A CA  1 
ATOM   1014 C C   . LYS A 1 133 ? -2.119  -5.781  -4.516  1.00 41.56 ? 165 LYS A C   1 
ATOM   1015 O O   . LYS A 1 133 ? -1.493  -5.283  -3.580  1.00 41.48 ? 165 LYS A O   1 
ATOM   1016 C CB  . LYS A 1 133 ? -3.884  -4.008  -4.882  1.00 40.48 ? 165 LYS A CB  1 
ATOM   1017 C CG  . LYS A 1 133 ? -3.217  -3.383  -6.112  1.00 40.63 ? 165 LYS A CG  1 
ATOM   1018 C CD  . LYS A 1 133 ? -3.878  -3.787  -7.412  1.00 39.69 ? 165 LYS A CD  1 
ATOM   1019 C CE  . LYS A 1 133 ? -3.194  -3.146  -8.607  1.00 39.21 ? 165 LYS A CE  1 
ATOM   1020 N NZ  . LYS A 1 133 ? -3.654  -1.753  -8.855  1.00 38.05 ? 165 LYS A NZ  1 
ATOM   1021 N N   . THR A 1 134 ? -1.568  -6.600  -5.412  1.00 42.85 ? 166 THR A N   1 
ATOM   1022 C CA  . THR A 1 134 ? -0.155  -6.973  -5.361  1.00 44.02 ? 166 THR A CA  1 
ATOM   1023 C C   . THR A 1 134 ? 0.682   -6.206  -6.390  1.00 44.75 ? 166 THR A C   1 
ATOM   1024 O O   . THR A 1 134 ? 0.272   -6.008  -7.536  1.00 44.71 ? 166 THR A O   1 
ATOM   1025 C CB  . THR A 1 134 ? 0.046   -8.502  -5.514  1.00 44.12 ? 166 THR A CB  1 
ATOM   1026 O OG1 . THR A 1 134 ? -0.735  -9.191  -4.527  1.00 44.56 ? 166 THR A OG1 1 
ATOM   1027 C CG2 . THR A 1 134 ? 1.513   -8.888  -5.328  1.00 44.49 ? 166 THR A CG2 1 
ATOM   1028 N N   . TYR A 1 135 ? 1.845   -5.750  -5.942  1.00 45.75 ? 167 TYR A N   1 
ATOM   1029 C CA  . TYR A 1 135 ? 2.813   -5.102  -6.803  1.00 46.66 ? 167 TYR A CA  1 
ATOM   1030 C C   . TYR A 1 135 ? 4.083   -5.932  -6.790  1.00 47.45 ? 167 TYR A C   1 
ATOM   1031 O O   . TYR A 1 135 ? 4.694   -6.129  -5.738  1.00 47.57 ? 167 TYR A O   1 
ATOM   1032 C CB  . TYR A 1 135 ? 3.081   -3.675  -6.328  1.00 46.52 ? 167 TYR A CB  1 
ATOM   1033 C CG  . TYR A 1 135 ? 1.935   -2.740  -6.612  1.00 46.39 ? 167 TYR A CG  1 
ATOM   1034 C CD1 . TYR A 1 135 ? 1.956   -1.905  -7.725  1.00 46.31 ? 167 TYR A CD1 1 
ATOM   1035 C CD2 . TYR A 1 135 ? 0.818   -2.700  -5.778  1.00 46.27 ? 167 TYR A CD2 1 
ATOM   1036 C CE1 . TYR A 1 135 ? 0.899   -1.049  -8.002  1.00 45.93 ? 167 TYR A CE1 1 
ATOM   1037 C CE2 . TYR A 1 135 ? -0.241  -1.851  -6.046  1.00 45.85 ? 167 TYR A CE2 1 
ATOM   1038 C CZ  . TYR A 1 135 ? -0.197  -1.032  -7.162  1.00 46.31 ? 167 TYR A CZ  1 
ATOM   1039 O OH  . TYR A 1 135 ? -1.248  -0.181  -7.425  1.00 46.77 ? 167 TYR A OH  1 
ATOM   1040 N N   . HIS A 1 136 ? 4.446   -6.451  -7.959  1.00 48.50 ? 168 HIS A N   1 
ATOM   1041 C CA  . HIS A 1 136 ? 5.691   -7.191  -8.126  1.00 49.59 ? 168 HIS A CA  1 
ATOM   1042 C C   . HIS A 1 136 ? 6.715   -6.269  -8.773  1.00 50.08 ? 168 HIS A C   1 
ATOM   1043 O O   . HIS A 1 136 ? 6.420   -5.609  -9.774  1.00 50.03 ? 168 HIS A O   1 
ATOM   1044 C CB  . HIS A 1 136 ? 5.478   -8.443  -8.985  1.00 49.66 ? 168 HIS A CB  1 
ATOM   1045 C CG  . HIS A 1 136 ? 4.580   -9.468  -8.358  1.00 50.28 ? 168 HIS A CG  1 
ATOM   1046 N ND1 . HIS A 1 136 ? 5.039   -10.418 -7.471  1.00 50.94 ? 168 HIS A ND1 1 
ATOM   1047 C CD2 . HIS A 1 136 ? 3.253   -9.699  -8.503  1.00 50.79 ? 168 HIS A CD2 1 
ATOM   1048 C CE1 . HIS A 1 136 ? 4.032   -11.186 -7.090  1.00 51.03 ? 168 HIS A CE1 1 
ATOM   1049 N NE2 . HIS A 1 136 ? 2.938   -10.774 -7.705  1.00 51.18 ? 168 HIS A NE2 1 
ATOM   1050 N N   . MET A 1 137 ? 7.906   -6.207  -8.178  1.00 50.80 ? 169 MET A N   1 
ATOM   1051 C CA  . MET A 1 137 ? 8.988   -5.355  -8.680  1.00 51.59 ? 169 MET A CA  1 
ATOM   1052 C C   . MET A 1 137 ? 10.329  -6.092  -8.701  1.00 51.57 ? 169 MET A C   1 
ATOM   1053 O O   . MET A 1 137 ? 10.470  -7.184  -8.135  1.00 51.59 ? 169 MET A O   1 
ATOM   1054 C CB  . MET A 1 137 ? 9.105   -4.082  -7.838  1.00 51.72 ? 169 MET A CB  1 
ATOM   1055 C CG  . MET A 1 137 ? 7.927   -3.112  -7.960  1.00 52.13 ? 169 MET A CG  1 
ATOM   1056 S SD  . MET A 1 137 ? 7.918   -1.871  -6.644  1.00 52.70 ? 169 MET A SD  1 
ATOM   1057 C CE  . MET A 1 137 ? 7.639   -2.907  -5.211  1.00 52.37 ? 169 MET A CE  1 
ATOM   1058 N N   . HIS A 1 150 ? 4.476   -6.418  -13.118 1.00 45.02 ? 182 HIS A N   1 
ATOM   1059 C CA  . HIS A 1 150 ? 3.026   -6.565  -13.213 1.00 45.09 ? 182 HIS A CA  1 
ATOM   1060 C C   . HIS A 1 150 ? 2.302   -6.398  -11.865 1.00 44.84 ? 182 HIS A C   1 
ATOM   1061 O O   . HIS A 1 150 ? 2.925   -6.454  -10.797 1.00 44.72 ? 182 HIS A O   1 
ATOM   1062 C CB  . HIS A 1 150 ? 2.670   -7.918  -13.844 1.00 45.27 ? 182 HIS A CB  1 
ATOM   1063 C CG  . HIS A 1 150 ? 2.760   -9.073  -12.895 1.00 45.61 ? 182 HIS A CG  1 
ATOM   1064 N ND1 . HIS A 1 150 ? 1.649   -9.764  -12.460 1.00 46.75 ? 182 HIS A ND1 1 
ATOM   1065 C CD2 . HIS A 1 150 ? 3.826   -9.658  -12.299 1.00 46.66 ? 182 HIS A CD2 1 
ATOM   1066 C CE1 . HIS A 1 150 ? 2.026   -10.725 -11.634 1.00 47.01 ? 182 HIS A CE1 1 
ATOM   1067 N NE2 . HIS A 1 150 ? 3.343   -10.685 -11.523 1.00 46.94 ? 182 HIS A NE2 1 
ATOM   1068 N N   . THR A 1 151 ? 0.983   -6.202  -11.935 1.00 44.41 ? 183 THR A N   1 
ATOM   1069 C CA  . THR A 1 151 ? 0.128   -6.089  -10.750 1.00 44.06 ? 183 THR A CA  1 
ATOM   1070 C C   . THR A 1 151 ? -0.957  -7.168  -10.710 1.00 43.87 ? 183 THR A C   1 
ATOM   1071 O O   . THR A 1 151 ? -1.455  -7.596  -11.751 1.00 44.04 ? 183 THR A O   1 
ATOM   1072 C CB  . THR A 1 151 ? -0.551  -4.698  -10.660 1.00 44.01 ? 183 THR A CB  1 
ATOM   1073 O OG1 . THR A 1 151 ? -1.297  -4.440  -11.855 1.00 44.13 ? 183 THR A OG1 1 
ATOM   1074 C CG2 . THR A 1 151 ? 0.480   -3.597  -10.477 1.00 44.02 ? 183 THR A CG2 1 
ATOM   1075 N N   . GLU A 1 152 ? -1.314  -7.607  -9.506  1.00 43.45 ? 184 GLU A N   1 
ATOM   1076 C CA  . GLU A 1 152 ? -2.413  -8.549  -9.321  1.00 43.12 ? 184 GLU A CA  1 
ATOM   1077 C C   . GLU A 1 152 ? -3.454  -7.956  -8.375  1.00 42.29 ? 184 GLU A C   1 
ATOM   1078 O O   . GLU A 1 152 ? -3.120  -7.514  -7.272  1.00 42.46 ? 184 GLU A O   1 
ATOM   1079 C CB  . GLU A 1 152 ? -1.914  -9.881  -8.757  1.00 43.13 ? 184 GLU A CB  1 
ATOM   1080 C CG  . GLU A 1 152 ? -1.191  -10.778 -9.745  1.00 43.87 ? 184 GLU A CG  1 
ATOM   1081 C CD  . GLU A 1 152 ? -0.821  -12.123 -9.131  1.00 44.35 ? 184 GLU A CD  1 
ATOM   1082 O OE1 . GLU A 1 152 ? -1.719  -12.805 -8.588  1.00 46.33 ? 184 GLU A OE1 1 
ATOM   1083 O OE2 . GLU A 1 152 ? 0.368   -12.506 -9.193  1.00 46.23 ? 184 GLU A OE2 1 
ATOM   1084 N N   . ALA A 1 153 ? -4.711  -7.959  -8.808  1.00 40.97 ? 185 ALA A N   1 
ATOM   1085 C CA  . ALA A 1 153 ? -5.799  -7.440  -7.998  1.00 39.77 ? 185 ALA A CA  1 
ATOM   1086 C C   . ALA A 1 153 ? -6.943  -8.426  -7.916  1.00 39.13 ? 185 ALA A C   1 
ATOM   1087 O O   . ALA A 1 153 ? -7.264  -9.106  -8.897  1.00 39.00 ? 185 ALA A O   1 
ATOM   1088 C CB  . ALA A 1 153 ? -6.286  -6.127  -8.549  1.00 39.80 ? 185 ALA A CB  1 
ATOM   1089 N N   . THR A 1 154 ? -7.547  -8.499  -6.730  1.00 38.01 ? 186 THR A N   1 
ATOM   1090 C CA  . THR A 1 154 ? -8.756  -9.274  -6.506  1.00 36.84 ? 186 THR A CA  1 
ATOM   1091 C C   . THR A 1 154 ? -9.857  -8.729  -7.405  1.00 35.84 ? 186 THR A C   1 
ATOM   1092 O O   . THR A 1 154 ? -10.023 -7.516  -7.509  1.00 35.85 ? 186 THR A O   1 
ATOM   1093 C CB  . THR A 1 154 ? -9.215  -9.175  -5.031  1.00 36.96 ? 186 THR A CB  1 
ATOM   1094 O OG1 . THR A 1 154 ? -8.128  -9.520  -4.162  1.00 37.06 ? 186 THR A OG1 1 
ATOM   1095 C CG2 . THR A 1 154 ? -10.398 -10.110 -4.759  1.00 36.79 ? 186 THR A CG2 1 
ATOM   1096 N N   . VAL A 1 155 ? -10.597 -9.616  -8.065  1.00 34.77 ? 187 VAL A N   1 
ATOM   1097 C CA  . VAL A 1 155 ? -11.779 -9.171  -8.808  1.00 33.92 ? 187 VAL A CA  1 
ATOM   1098 C C   . VAL A 1 155 ? -12.989 -9.036  -7.878  1.00 33.22 ? 187 VAL A C   1 
ATOM   1099 O O   . VAL A 1 155 ? -13.366 -9.972  -7.168  1.00 33.33 ? 187 VAL A O   1 
ATOM   1100 C CB  . VAL A 1 155 ? -12.055 -9.991  -10.128 1.00 33.86 ? 187 VAL A CB  1 
ATOM   1101 C CG1 . VAL A 1 155 ? -11.306 -11.280 -10.131 1.00 34.06 ? 187 VAL A CG1 1 
ATOM   1102 C CG2 . VAL A 1 155 ? -13.555 -10.200 -10.389 1.00 33.22 ? 187 VAL A CG2 1 
ATOM   1103 N N   . ILE A 1 156 ? -13.558 -7.837  -7.869  1.00 32.25 ? 188 ILE A N   1 
ATOM   1104 C CA  . ILE A 1 156 ? -14.656 -7.495  -6.982  1.00 31.42 ? 188 ILE A CA  1 
ATOM   1105 C C   . ILE A 1 156 ? -15.936 -8.206  -7.408  1.00 31.00 ? 188 ILE A C   1 
ATOM   1106 O O   . ILE A 1 156 ? -16.430 -8.015  -8.521  1.00 30.97 ? 188 ILE A O   1 
ATOM   1107 C CB  . ILE A 1 156 ? -14.877 -5.956  -6.925  1.00 31.44 ? 188 ILE A CB  1 
ATOM   1108 C CG1 . ILE A 1 156 ? -13.574 -5.240  -6.545  1.00 30.94 ? 188 ILE A CG1 1 
ATOM   1109 C CG2 . ILE A 1 156 ? -15.990 -5.612  -5.938  1.00 30.89 ? 188 ILE A CG2 1 
ATOM   1110 C CD1 . ILE A 1 156 ? -13.528 -3.782  -6.922  1.00 30.68 ? 188 ILE A CD1 1 
ATOM   1111 N N   . ASP A 1 157 ? -16.467 -9.022  -6.507  1.00 30.49 ? 189 ASP A N   1 
ATOM   1112 C CA  . ASP A 1 157 ? -17.703 -9.745  -6.760  1.00 30.20 ? 189 ASP A CA  1 
ATOM   1113 C C   . ASP A 1 157 ? -18.917 -8.875  -6.442  1.00 29.72 ? 189 ASP A C   1 
ATOM   1114 O O   . ASP A 1 157 ? -19.610 -9.094  -5.444  1.00 29.75 ? 189 ASP A O   1 
ATOM   1115 C CB  . ASP A 1 157 ? -17.735 -11.060 -5.972  1.00 30.24 ? 189 ASP A CB  1 
ATOM   1116 C CG  . ASP A 1 157 ? -16.581 -11.992 -6.323  1.00 30.93 ? 189 ASP A CG  1 
ATOM   1117 O OD1 . ASP A 1 157 ? -16.277 -12.189 -7.526  1.00 31.48 ? 189 ASP A OD1 1 
ATOM   1118 O OD2 . ASP A 1 157 ? -15.980 -12.539 -5.382  1.00 32.06 ? 189 ASP A OD2 1 
ATOM   1119 N N   . TRP A 1 158 ? -19.155 -7.890  -7.311  1.00 29.28 ? 190 TRP A N   1 
ATOM   1120 C CA  . TRP A 1 158 ? -20.280 -6.964  -7.207  1.00 29.03 ? 190 TRP A CA  1 
ATOM   1121 C C   . TRP A 1 158 ? -21.623 -7.693  -7.160  1.00 29.08 ? 190 TRP A C   1 
ATOM   1122 O O   . TRP A 1 158 ? -21.858 -8.625  -7.930  1.00 28.62 ? 190 TRP A O   1 
ATOM   1123 C CB  . TRP A 1 158 ? -20.294 -5.998  -8.399  1.00 28.87 ? 190 TRP A CB  1 
ATOM   1124 C CG  . TRP A 1 158 ? -19.065 -5.145  -8.546  1.00 28.98 ? 190 TRP A CG  1 
ATOM   1125 C CD1 . TRP A 1 158 ? -18.067 -5.298  -9.472  1.00 28.68 ? 190 TRP A CD1 1 
ATOM   1126 C CD2 . TRP A 1 158 ? -18.707 -4.004  -7.752  1.00 27.95 ? 190 TRP A CD2 1 
ATOM   1127 N NE1 . TRP A 1 158 ? -17.110 -4.326  -9.300  1.00 29.12 ? 190 TRP A NE1 1 
ATOM   1128 C CE2 . TRP A 1 158 ? -17.476 -3.515  -8.255  1.00 28.80 ? 190 TRP A CE2 1 
ATOM   1129 C CE3 . TRP A 1 158 ? -19.306 -3.343  -6.669  1.00 27.36 ? 190 TRP A CE3 1 
ATOM   1130 C CZ2 . TRP A 1 158 ? -16.831 -2.392  -7.710  1.00 28.18 ? 190 TRP A CZ2 1 
ATOM   1131 C CZ3 . TRP A 1 158 ? -18.661 -2.231  -6.123  1.00 28.10 ? 190 TRP A CZ3 1 
ATOM   1132 C CH2 . TRP A 1 158 ? -17.432 -1.772  -6.645  1.00 28.17 ? 190 TRP A CH2 1 
ATOM   1133 N N   . TYR A 1 159 ? -22.494 -7.262  -6.250  1.00 29.26 ? 191 TYR A N   1 
ATOM   1134 C CA  . TYR A 1 159 ? -23.878 -7.730  -6.222  1.00 29.87 ? 191 TYR A CA  1 
ATOM   1135 C C   . TYR A 1 159 ? -24.706 -7.068  -7.329  1.00 30.87 ? 191 TYR A C   1 
ATOM   1136 O O   . TYR A 1 159 ? -24.265 -6.091  -7.961  1.00 30.51 ? 191 TYR A O   1 
ATOM   1137 C CB  . TYR A 1 159 ? -24.516 -7.482  -4.855  1.00 29.41 ? 191 TYR A CB  1 
ATOM   1138 C CG  . TYR A 1 159 ? -24.028 -8.400  -3.759  1.00 29.09 ? 191 TYR A CG  1 
ATOM   1139 C CD1 . TYR A 1 159 ? -24.087 -9.793  -3.907  1.00 29.29 ? 191 TYR A CD1 1 
ATOM   1140 C CD2 . TYR A 1 159 ? -23.523 -7.883  -2.564  1.00 28.44 ? 191 TYR A CD2 1 
ATOM   1141 C CE1 . TYR A 1 159 ? -23.638 -10.645 -2.902  1.00 28.30 ? 191 TYR A CE1 1 
ATOM   1142 C CE2 . TYR A 1 159 ? -23.072 -8.727  -1.549  1.00 28.20 ? 191 TYR A CE2 1 
ATOM   1143 C CZ  . TYR A 1 159 ? -23.138 -10.104 -1.728  1.00 29.17 ? 191 TYR A CZ  1 
ATOM   1144 O OH  . TYR A 1 159 ? -22.710 -10.944 -0.729  1.00 29.76 ? 191 TYR A OH  1 
ATOM   1145 N N   . ASP A 1 160 ? -25.904 -7.605  -7.559  1.00 31.95 ? 192 ASP A N   1 
ATOM   1146 C CA  . ASP A 1 160 ? -26.736 -7.191  -8.686  1.00 33.15 ? 192 ASP A CA  1 
ATOM   1147 C C   . ASP A 1 160 ? -27.197 -5.747  -8.536  1.00 34.00 ? 192 ASP A C   1 
ATOM   1148 O O   . ASP A 1 160 ? -27.700 -5.355  -7.474  1.00 34.24 ? 192 ASP A O   1 
ATOM   1149 C CB  . ASP A 1 160 ? -27.927 -8.142  -8.866  1.00 33.07 ? 192 ASP A CB  1 
ATOM   1150 C CG  . ASP A 1 160 ? -28.578 -8.008  -10.235 1.00 34.02 ? 192 ASP A CG  1 
ATOM   1151 O OD1 . ASP A 1 160 ? -27.852 -7.867  -11.246 1.00 34.07 ? 192 ASP A OD1 1 
ATOM   1152 O OD2 . ASP A 1 160 ? -29.823 -8.033  -10.299 1.00 35.87 ? 192 ASP A OD2 1 
ATOM   1153 N N   . ASN A 1 161 ? -26.999 -4.965  -9.603  1.00 35.12 ? 193 ASN A N   1 
ATOM   1154 C CA  . ASN A 1 161 ? -27.269 -3.515  -9.633  1.00 36.26 ? 193 ASN A CA  1 
ATOM   1155 C C   . ASN A 1 161 ? -26.451 -2.689  -8.628  1.00 36.87 ? 193 ASN A C   1 
ATOM   1156 O O   . ASN A 1 161 ? -26.799 -1.539  -8.325  1.00 37.00 ? 193 ASN A O   1 
ATOM   1157 C CB  . ASN A 1 161 ? -28.769 -3.223  -9.465  1.00 36.49 ? 193 ASN A CB  1 
ATOM   1158 C CG  . ASN A 1 161 ? -29.623 -3.950  -10.478 1.00 37.71 ? 193 ASN A CG  1 
ATOM   1159 O OD1 . ASN A 1 161 ? -29.384 -3.874  -11.687 1.00 38.89 ? 193 ASN A OD1 1 
ATOM   1160 N ND2 . ASN A 1 161 ? -30.637 -4.660  -9.989  1.00 38.96 ? 193 ASN A ND2 1 
ATOM   1161 N N   . LYS A 1 162 ? -25.363 -3.274  -8.129  1.00 37.58 ? 194 LYS A N   1 
ATOM   1162 C CA  . LYS A 1 162 ? -24.511 -2.630  -7.126  1.00 38.41 ? 194 LYS A CA  1 
ATOM   1163 C C   . LYS A 1 162 ? -23.145 -2.221  -7.669  1.00 38.87 ? 194 LYS A C   1 
ATOM   1164 O O   . LYS A 1 162 ? -22.379 -1.537  -6.985  1.00 39.06 ? 194 LYS A O   1 
ATOM   1165 C CB  . LYS A 1 162 ? -24.336 -3.550  -5.912  1.00 38.47 ? 194 LYS A CB  1 
ATOM   1166 C CG  . LYS A 1 162 ? -25.242 -3.277  -4.711  1.00 38.69 ? 194 LYS A CG  1 
ATOM   1167 C CD  . LYS A 1 162 ? -26.617 -2.719  -5.029  1.00 38.98 ? 194 LYS A CD  1 
ATOM   1168 C CE  . LYS A 1 162 ? -26.743 -1.267  -4.565  1.00 39.79 ? 194 LYS A CE  1 
ATOM   1169 N NZ  . LYS A 1 162 ? -26.666 -1.139  -3.079  1.00 39.53 ? 194 LYS A NZ  1 
ATOM   1170 N N   . ASN A 1 163 ? -22.842 -2.644  -8.894  1.00 39.58 ? 195 ASN A N   1 
ATOM   1171 C CA  . ASN A 1 163 ? -21.588 -2.292  -9.549  1.00 40.38 ? 195 ASN A CA  1 
ATOM   1172 C C   . ASN A 1 163 ? -21.542 -0.801  -9.893  1.00 41.15 ? 195 ASN A C   1 
ATOM   1173 O O   . ASN A 1 163 ? -22.067 -0.369  -10.925 1.00 41.07 ? 195 ASN A O   1 
ATOM   1174 C CB  . ASN A 1 163 ? -21.388 -3.155  -10.802 1.00 40.50 ? 195 ASN A CB  1 
ATOM   1175 C CG  . ASN A 1 163 ? -19.971 -3.082  -11.352 1.00 40.41 ? 195 ASN A CG  1 
ATOM   1176 O OD1 . ASN A 1 163 ? -19.222 -2.155  -11.055 1.00 40.78 ? 195 ASN A OD1 1 
ATOM   1177 N ND2 . ASN A 1 163 ? -19.600 -4.065  -12.162 1.00 39.75 ? 195 ASN A ND2 1 
ATOM   1178 N N   . ILE A 1 164 ? -20.901 -0.023  -9.019  1.00 42.01 ? 196 ILE A N   1 
ATOM   1179 C CA  . ILE A 1 164 ? -20.846 1.441   -9.151  1.00 42.69 ? 196 ILE A CA  1 
ATOM   1180 C C   . ILE A 1 164 ? -19.898 1.952   -10.254 1.00 42.99 ? 196 ILE A C   1 
ATOM   1181 O O   . ILE A 1 164 ? -19.831 3.162   -10.512 1.00 43.00 ? 196 ILE A O   1 
ATOM   1182 C CB  . ILE A 1 164 ? -20.485 2.128   -7.806  1.00 42.85 ? 196 ILE A CB  1 
ATOM   1183 C CG1 . ILE A 1 164 ? -19.069 1.749   -7.366  1.00 43.11 ? 196 ILE A CG1 1 
ATOM   1184 C CG2 . ILE A 1 164 ? -21.518 1.796   -6.723  1.00 43.34 ? 196 ILE A CG2 1 
ATOM   1185 C CD1 . ILE A 1 164 ? -18.445 2.760   -6.424  1.00 43.80 ? 196 ILE A CD1 1 
ATOM   1186 N N   . LEU A 1 165 ? -19.173 1.030   -10.890 1.00 43.37 ? 197 LEU A N   1 
ATOM   1187 C CA  . LEU A 1 165 ? -18.246 1.366   -11.974 1.00 43.56 ? 197 LEU A CA  1 
ATOM   1188 C C   . LEU A 1 165 ? -19.009 1.786   -13.228 1.00 43.76 ? 197 LEU A C   1 
ATOM   1189 O O   . LEU A 1 165 ? -18.418 2.301   -14.178 1.00 44.26 ? 197 LEU A O   1 
ATOM   1190 C CB  . LEU A 1 165 ? -17.317 0.185   -12.296 1.00 43.43 ? 197 LEU A CB  1 
ATOM   1191 C CG  . LEU A 1 165 ? -16.431 -0.445  -11.207 1.00 43.31 ? 197 LEU A CG  1 
ATOM   1192 C CD1 . LEU A 1 165 ? -15.793 -1.730  -11.711 1.00 42.37 ? 197 LEU A CD1 1 
ATOM   1193 C CD2 . LEU A 1 165 ? -15.364 0.513   -10.707 1.00 42.88 ? 197 LEU A CD2 1 
ATOM   1194 N N   . ARG A 1 190 ? -18.481 4.817   -15.213 1.00 41.02 ? 222 ARG A N   1 
ATOM   1195 C CA  . ARG A 1 190 ? -17.984 6.086   -14.694 1.00 41.20 ? 222 ARG A CA  1 
ATOM   1196 C C   . ARG A 1 190 ? -16.712 5.882   -13.868 1.00 40.87 ? 222 ARG A C   1 
ATOM   1197 O O   . ARG A 1 190 ? -16.234 4.752   -13.702 1.00 41.21 ? 222 ARG A O   1 
ATOM   1198 C CB  . ARG A 1 190 ? -19.068 6.799   -13.875 1.00 41.40 ? 222 ARG A CB  1 
ATOM   1199 C CG  . ARG A 1 190 ? -19.417 6.117   -12.569 1.00 42.66 ? 222 ARG A CG  1 
ATOM   1200 C CD  . ARG A 1 190 ? -20.746 6.591   -12.028 1.00 44.68 ? 222 ARG A CD  1 
ATOM   1201 N NE  . ARG A 1 190 ? -21.134 5.807   -10.857 1.00 46.59 ? 222 ARG A NE  1 
ATOM   1202 C CZ  . ARG A 1 190 ? -22.212 6.035   -10.110 1.00 47.77 ? 222 ARG A CZ  1 
ATOM   1203 N NH1 . ARG A 1 190 ? -23.045 7.031   -10.400 1.00 47.94 ? 222 ARG A NH1 1 
ATOM   1204 N NH2 . ARG A 1 190 ? -22.458 5.252   -9.064  1.00 48.68 ? 222 ARG A NH2 1 
ATOM   1205 N N   . ASP A 1 191 ? -16.157 6.974   -13.356 1.00 40.26 ? 223 ASP A N   1 
ATOM   1206 C CA  . ASP A 1 191 ? -14.902 6.893   -12.611 1.00 39.47 ? 223 ASP A CA  1 
ATOM   1207 C C   . ASP A 1 191 ? -15.111 6.442   -11.170 1.00 38.44 ? 223 ASP A C   1 
ATOM   1208 O O   . ASP A 1 191 ? -16.123 6.763   -10.548 1.00 38.27 ? 223 ASP A O   1 
ATOM   1209 C CB  . ASP A 1 191 ? -14.146 8.218   -12.688 1.00 39.70 ? 223 ASP A CB  1 
ATOM   1210 C CG  . ASP A 1 191 ? -13.431 8.392   -14.010 1.00 40.63 ? 223 ASP A CG  1 
ATOM   1211 O OD1 . ASP A 1 191 ? -12.562 7.553   -14.320 1.00 41.82 ? 223 ASP A OD1 1 
ATOM   1212 O OD2 . ASP A 1 191 ? -13.732 9.360   -14.741 1.00 42.98 ? 223 ASP A OD2 1 
ATOM   1213 N N   . SER A 1 192 ? -14.153 5.678   -10.657 1.00 37.30 ? 224 SER A N   1 
ATOM   1214 C CA  . SER A 1 192 ? -14.260 5.109   -9.321  1.00 36.22 ? 224 SER A CA  1 
ATOM   1215 C C   . SER A 1 192 ? -12.893 4.813   -8.724  1.00 35.52 ? 224 SER A C   1 
ATOM   1216 O O   . SER A 1 192 ? -11.919 4.593   -9.443  1.00 35.51 ? 224 SER A O   1 
ATOM   1217 C CB  . SER A 1 192 ? -15.107 3.828   -9.347  1.00 36.24 ? 224 SER A CB  1 
ATOM   1218 O OG  . SER A 1 192 ? -15.195 3.233   -8.058  1.00 35.48 ? 224 SER A OG  1 
ATOM   1219 N N   . PHE A 1 193 ? -12.837 4.811   -7.397  1.00 34.51 ? 225 PHE A N   1 
ATOM   1220 C CA  . PHE A 1 193 ? -11.652 4.379   -6.684  1.00 33.57 ? 225 PHE A CA  1 
ATOM   1221 C C   . PHE A 1 193 ? -11.434 2.884   -6.903  1.00 33.26 ? 225 PHE A C   1 
ATOM   1222 O O   . PHE A 1 193 ? -10.303 2.404   -6.888  1.00 33.40 ? 225 PHE A O   1 
ATOM   1223 C CB  . PHE A 1 193 ? -11.788 4.688   -5.185  1.00 33.32 ? 225 PHE A CB  1 
ATOM   1224 C CG  . PHE A 1 193 ? -10.793 3.954   -4.314  1.00 32.74 ? 225 PHE A CG  1 
ATOM   1225 C CD1 . PHE A 1 193 ? -9.443  4.300   -4.329  1.00 31.99 ? 225 PHE A CD1 1 
ATOM   1226 C CD2 . PHE A 1 193 ? -11.209 2.917   -3.489  1.00 31.48 ? 225 PHE A CD2 1 
ATOM   1227 C CE1 . PHE A 1 193 ? -8.528  3.625   -3.531  1.00 32.16 ? 225 PHE A CE1 1 
ATOM   1228 C CE2 . PHE A 1 193 ? -10.303 2.238   -2.691  1.00 31.85 ? 225 PHE A CE2 1 
ATOM   1229 C CZ  . PHE A 1 193 ? -8.957  2.591   -2.711  1.00 32.30 ? 225 PHE A CZ  1 
ATOM   1230 N N   . PHE A 1 194 ? -12.521 2.154   -7.121  1.00 32.81 ? 226 PHE A N   1 
ATOM   1231 C CA  . PHE A 1 194 ? -12.453 0.697   -7.184  1.00 32.63 ? 226 PHE A CA  1 
ATOM   1232 C C   . PHE A 1 194 ? -11.867 0.135   -8.486  1.00 32.66 ? 226 PHE A C   1 
ATOM   1233 O O   . PHE A 1 194 ? -11.493 -1.036  -8.542  1.00 32.74 ? 226 PHE A O   1 
ATOM   1234 C CB  . PHE A 1 194 ? -13.794 0.080   -6.772  1.00 32.10 ? 226 PHE A CB  1 
ATOM   1235 C CG  . PHE A 1 194 ? -14.119 0.320   -5.326  1.00 31.39 ? 226 PHE A CG  1 
ATOM   1236 C CD1 . PHE A 1 194 ? -13.693 -0.576  -4.347  1.00 30.40 ? 226 PHE A CD1 1 
ATOM   1237 C CD2 . PHE A 1 194 ? -14.791 1.481   -4.932  1.00 30.24 ? 226 PHE A CD2 1 
ATOM   1238 C CE1 . PHE A 1 194 ? -13.962 -0.338  -2.999  1.00 30.81 ? 226 PHE A CE1 1 
ATOM   1239 C CE2 . PHE A 1 194 ? -15.069 1.730   -3.589  1.00 30.49 ? 226 PHE A CE2 1 
ATOM   1240 C CZ  . PHE A 1 194 ? -14.652 0.825   -2.617  1.00 30.65 ? 226 PHE A CZ  1 
ATOM   1241 N N   . HIS A 1 195 ? -11.733 0.994   -9.498  1.00 32.89 ? 227 HIS A N   1 
ATOM   1242 C CA  . HIS A 1 195 ? -10.940 0.686   -10.695 1.00 33.37 ? 227 HIS A CA  1 
ATOM   1243 C C   . HIS A 1 195 ? -9.472  0.374   -10.365 1.00 33.56 ? 227 HIS A C   1 
ATOM   1244 O O   . HIS A 1 195 ? -8.774  -0.271  -11.155 1.00 33.26 ? 227 HIS A O   1 
ATOM   1245 C CB  . HIS A 1 195 ? -11.021 1.827   -11.709 1.00 33.17 ? 227 HIS A CB  1 
ATOM   1246 C CG  . HIS A 1 195 ? -12.252 1.790   -12.558 1.00 33.71 ? 227 HIS A CG  1 
ATOM   1247 N ND1 . HIS A 1 195 ? -13.106 2.866   -12.678 1.00 34.11 ? 227 HIS A ND1 1 
ATOM   1248 C CD2 . HIS A 1 195 ? -12.772 0.809   -13.335 1.00 33.76 ? 227 HIS A CD2 1 
ATOM   1249 C CE1 . HIS A 1 195 ? -14.099 2.549   -13.490 1.00 34.43 ? 227 HIS A CE1 1 
ATOM   1250 N NE2 . HIS A 1 195 ? -13.919 1.306   -13.903 1.00 34.66 ? 227 HIS A NE2 1 
ATOM   1251 N N   . PHE A 1 196 ? -9.026  0.849   -9.199  1.00 33.82 ? 228 PHE A N   1 
ATOM   1252 C CA  . PHE A 1 196 ? -7.741  0.487   -8.592  1.00 34.33 ? 228 PHE A CA  1 
ATOM   1253 C C   . PHE A 1 196 ? -7.547  -1.035  -8.573  1.00 35.02 ? 228 PHE A C   1 
ATOM   1254 O O   . PHE A 1 196 ? -6.431  -1.526  -8.725  1.00 35.05 ? 228 PHE A O   1 
ATOM   1255 C CB  . PHE A 1 196 ? -7.687  1.065   -7.164  1.00 33.92 ? 228 PHE A CB  1 
ATOM   1256 C CG  . PHE A 1 196 ? -6.407  0.794   -6.418  1.00 33.26 ? 228 PHE A CG  1 
ATOM   1257 C CD1 . PHE A 1 196 ? -5.304  1.636   -6.562  1.00 33.68 ? 228 PHE A CD1 1 
ATOM   1258 C CD2 . PHE A 1 196 ? -6.321  -0.271  -5.524  1.00 32.52 ? 228 PHE A CD2 1 
ATOM   1259 C CE1 . PHE A 1 196 ? -4.118  1.403   -5.848  1.00 32.70 ? 228 PHE A CE1 1 
ATOM   1260 C CE2 . PHE A 1 196 ? -5.141  -0.515  -4.805  1.00 32.95 ? 228 PHE A CE2 1 
ATOM   1261 C CZ  . PHE A 1 196 ? -4.040  0.326   -4.967  1.00 32.66 ? 228 PHE A CZ  1 
ATOM   1262 N N   . PHE A 1 197 ? -8.641  -1.776  -8.419  1.00 36.12 ? 229 PHE A N   1 
ATOM   1263 C CA  . PHE A 1 197 ? -8.569  -3.232  -8.307  1.00 37.35 ? 229 PHE A CA  1 
ATOM   1264 C C   . PHE A 1 197 ? -8.604  -3.975  -9.652  1.00 38.22 ? 229 PHE A C   1 
ATOM   1265 O O   . PHE A 1 197 ? -9.427  -4.866  -9.887  1.00 38.39 ? 229 PHE A O   1 
ATOM   1266 C CB  . PHE A 1 197 ? -9.593  -3.747  -7.283  1.00 37.10 ? 229 PHE A CB  1 
ATOM   1267 C CG  . PHE A 1 197 ? -9.414  -3.140  -5.914  1.00 36.86 ? 229 PHE A CG  1 
ATOM   1268 C CD1 . PHE A 1 197 ? -8.568  -3.736  -4.981  1.00 36.42 ? 229 PHE A CD1 1 
ATOM   1269 C CD2 . PHE A 1 197 ? -10.055 -1.947  -5.577  1.00 35.54 ? 229 PHE A CD2 1 
ATOM   1270 C CE1 . PHE A 1 197 ? -8.385  -3.162  -3.722  1.00 36.29 ? 229 PHE A CE1 1 
ATOM   1271 C CE2 . PHE A 1 197 ? -9.880  -1.369  -4.329  1.00 35.07 ? 229 PHE A CE2 1 
ATOM   1272 C CZ  . PHE A 1 197 ? -9.047  -1.974  -3.398  1.00 36.01 ? 229 PHE A CZ  1 
ATOM   1273 N N   . THR A 1 198 ? -7.667  -3.597  -10.516 1.00 39.62 ? 230 THR A N   1 
ATOM   1274 C CA  . THR A 1 198 ? -7.431  -4.270  -11.792 1.00 40.71 ? 230 THR A CA  1 
ATOM   1275 C C   . THR A 1 198 ? -5.991  -4.785  -11.852 1.00 41.21 ? 230 THR A C   1 
ATOM   1276 O O   . THR A 1 198 ? -5.064  -4.151  -11.330 1.00 41.17 ? 230 THR A O   1 
ATOM   1277 C CB  . THR A 1 198 ? -7.704  -3.330  -12.999 1.00 40.81 ? 230 THR A CB  1 
ATOM   1278 O OG1 . THR A 1 198 ? -8.871  -2.536  -12.745 1.00 40.93 ? 230 THR A OG1 1 
ATOM   1279 C CG2 . THR A 1 198 ? -7.915  -4.137  -14.285 1.00 41.22 ? 230 THR A CG2 1 
ATOM   1280 N N   . SER A 1 199 ? -5.830  -5.952  -12.471 1.00 42.08 ? 231 SER A N   1 
ATOM   1281 C CA  . SER A 1 199 ? -4.530  -6.538  -12.768 1.00 42.72 ? 231 SER A CA  1 
ATOM   1282 C C   . SER A 1 199 ? -4.018  -5.965  -14.086 1.00 43.37 ? 231 SER A C   1 
ATOM   1283 O O   . SER A 1 199 ? -4.802  -5.735  -15.012 1.00 43.54 ? 231 SER A O   1 
ATOM   1284 C CB  . SER A 1 199 ? -4.660  -8.056  -12.895 1.00 42.69 ? 231 SER A CB  1 
ATOM   1285 O OG  . SER A 1 199 ? -5.319  -8.613  -11.772 1.00 42.31 ? 231 SER A OG  1 
ATOM   1286 N N   . HIS A 1 200 ? -2.706  -5.739  -14.173 1.00 44.02 ? 232 HIS A N   1 
ATOM   1287 C CA  . HIS A 1 200 ? -2.105  -5.143  -15.371 1.00 44.57 ? 232 HIS A CA  1 
ATOM   1288 C C   . HIS A 1 200 ? -0.801  -5.817  -15.802 1.00 44.57 ? 232 HIS A C   1 
ATOM   1289 O O   . HIS A 1 200 ? 0.094   -6.044  -14.986 1.00 44.82 ? 232 HIS A O   1 
ATOM   1290 C CB  . HIS A 1 200 ? -1.888  -3.640  -15.173 1.00 44.86 ? 232 HIS A CB  1 
ATOM   1291 C CG  . HIS A 1 200 ? -3.159  -2.853  -15.071 1.00 46.06 ? 232 HIS A CG  1 
ATOM   1292 N ND1 . HIS A 1 200 ? -4.016  -2.679  -16.137 1.00 47.26 ? 232 HIS A ND1 1 
ATOM   1293 C CD2 . HIS A 1 200 ? -3.714  -2.186  -14.029 1.00 47.31 ? 232 HIS A CD2 1 
ATOM   1294 C CE1 . HIS A 1 200 ? -5.044  -1.939  -15.758 1.00 48.39 ? 232 HIS A CE1 1 
ATOM   1295 N NE2 . HIS A 1 200 ? -4.885  -1.626  -14.484 1.00 48.02 ? 232 HIS A NE2 1 
ATOM   1296 N N   . GLU A 1 220 ? 1.453   3.431   -19.498 1.00 62.29 ? 252 GLU A N   1 
ATOM   1297 C CA  . GLU A 1 220 ? 2.105   3.655   -18.209 1.00 62.33 ? 252 GLU A CA  1 
ATOM   1298 C C   . GLU A 1 220 ? 1.365   4.667   -17.328 1.00 62.14 ? 252 GLU A C   1 
ATOM   1299 O O   . GLU A 1 220 ? 1.561   4.683   -16.114 1.00 62.12 ? 252 GLU A O   1 
ATOM   1300 C CB  . GLU A 1 220 ? 3.568   4.078   -18.396 1.00 62.31 ? 252 GLU A CB  1 
ATOM   1301 C CG  . GLU A 1 220 ? 3.765   5.534   -18.804 1.00 62.57 ? 252 GLU A CG  1 
ATOM   1302 C CD  . GLU A 1 220 ? 5.212   5.986   -18.703 1.00 62.68 ? 252 GLU A CD  1 
ATOM   1303 O OE1 . GLU A 1 220 ? 6.072   5.411   -19.405 1.00 63.16 ? 252 GLU A OE1 1 
ATOM   1304 O OE2 . GLU A 1 220 ? 5.489   6.930   -17.935 1.00 62.98 ? 252 GLU A OE2 1 
ATOM   1305 N N   . MET A 1 221 ? 0.533   5.507   -17.944 1.00 62.03 ? 253 MET A N   1 
ATOM   1306 C CA  . MET A 1 221 ? -0.287  6.479   -17.215 1.00 61.97 ? 253 MET A CA  1 
ATOM   1307 C C   . MET A 1 221 ? -1.175  5.778   -16.184 1.00 61.84 ? 253 MET A C   1 
ATOM   1308 O O   . MET A 1 221 ? -1.229  6.182   -15.017 1.00 61.76 ? 253 MET A O   1 
ATOM   1309 C CB  . MET A 1 221 ? -1.128  7.323   -18.188 1.00 62.05 ? 253 MET A CB  1 
ATOM   1310 C CG  . MET A 1 221 ? -1.973  8.420   -17.528 1.00 62.18 ? 253 MET A CG  1 
ATOM   1311 S SD  . MET A 1 221 ? -3.668  7.911   -17.143 1.00 62.62 ? 253 MET A SD  1 
ATOM   1312 C CE  . MET A 1 221 ? -3.978  8.834   -15.638 1.00 62.60 ? 253 MET A CE  1 
ATOM   1313 N N   . ILE A 1 222 ? -1.856  4.722   -16.634 1.00 61.62 ? 254 ILE A N   1 
ATOM   1314 C CA  . ILE A 1 222 ? -2.694  3.879   -15.777 1.00 61.37 ? 254 ILE A CA  1 
ATOM   1315 C C   . ILE A 1 222 ? -1.856  3.236   -14.664 1.00 60.94 ? 254 ILE A C   1 
ATOM   1316 O O   . ILE A 1 222 ? -2.263  3.221   -13.505 1.00 60.95 ? 254 ILE A O   1 
ATOM   1317 C CB  . ILE A 1 222 ? -3.421  2.777   -16.605 1.00 61.41 ? 254 ILE A CB  1 
ATOM   1318 C CG1 . ILE A 1 222 ? -4.365  3.411   -17.633 1.00 61.75 ? 254 ILE A CG1 1 
ATOM   1319 C CG2 . ILE A 1 222 ? -4.192  1.822   -15.696 1.00 61.61 ? 254 ILE A CG2 1 
ATOM   1320 C CD1 . ILE A 1 222 ? -4.628  2.547   -18.863 1.00 62.56 ? 254 ILE A CD1 1 
ATOM   1321 N N   . ILE A 1 223 ? -0.680  2.738   -15.031 1.00 60.39 ? 255 ILE A N   1 
ATOM   1322 C CA  . ILE A 1 223 ? 0.187   2.005   -14.115 1.00 59.91 ? 255 ILE A CA  1 
ATOM   1323 C C   . ILE A 1 223 ? 0.938   2.918   -13.130 1.00 59.69 ? 255 ILE A C   1 
ATOM   1324 O O   . ILE A 1 223 ? 1.357   2.463   -12.067 1.00 59.72 ? 255 ILE A O   1 
ATOM   1325 C CB  . ILE A 1 223 ? 1.162   1.064   -14.899 1.00 59.96 ? 255 ILE A CB  1 
ATOM   1326 C CG1 . ILE A 1 223 ? 0.424   -0.185  -15.399 1.00 59.79 ? 255 ILE A CG1 1 
ATOM   1327 C CG2 . ILE A 1 223 ? 2.346   0.624   -14.043 1.00 59.81 ? 255 ILE A CG2 1 
ATOM   1328 C CD1 . ILE A 1 223 ? -0.332  -0.004  -16.705 1.00 59.73 ? 255 ILE A CD1 1 
ATOM   1329 N N   . GLU A 1 224 ? 1.089   4.197   -13.469 1.00 59.25 ? 256 GLU A N   1 
ATOM   1330 C CA  . GLU A 1 224 ? 1.833   5.127   -12.611 1.00 59.00 ? 256 GLU A CA  1 
ATOM   1331 C C   . GLU A 1 224 ? 0.996   5.813   -11.531 1.00 58.29 ? 256 GLU A C   1 
ATOM   1332 O O   . GLU A 1 224 ? 1.402   5.851   -10.366 1.00 58.34 ? 256 GLU A O   1 
ATOM   1333 C CB  . GLU A 1 224 ? 2.578   6.173   -13.437 1.00 59.37 ? 256 GLU A CB  1 
ATOM   1334 C CG  . GLU A 1 224 ? 3.975   5.746   -13.848 1.00 60.77 ? 256 GLU A CG  1 
ATOM   1335 C CD  . GLU A 1 224 ? 4.769   6.877   -14.478 1.00 62.99 ? 256 GLU A CD  1 
ATOM   1336 O OE1 . GLU A 1 224 ? 4.475   8.060   -14.177 1.00 63.99 ? 256 GLU A OE1 1 
ATOM   1337 O OE2 . GLU A 1 224 ? 5.695   6.582   -15.268 1.00 63.48 ? 256 GLU A OE2 1 
ATOM   1338 N N   . GLY A 1 225 ? -0.150  6.369   -11.922 1.00 57.35 ? 257 GLY A N   1 
ATOM   1339 C CA  . GLY A 1 225 ? -1.079  6.997   -10.973 1.00 56.02 ? 257 GLY A CA  1 
ATOM   1340 C C   . GLY A 1 225 ? -1.650  5.962   -10.019 1.00 55.07 ? 257 GLY A C   1 
ATOM   1341 O O   . GLY A 1 225 ? -1.971  6.265   -8.868  1.00 54.96 ? 257 GLY A O   1 
ATOM   1342 N N   . ASP A 1 226 ? -1.771  4.740   -10.529 1.00 53.95 ? 258 ASP A N   1 
ATOM   1343 C CA  . ASP A 1 226 ? -2.161  3.565   -9.770  1.00 52.97 ? 258 ASP A CA  1 
ATOM   1344 C C   . ASP A 1 226 ? -1.097  3.232   -8.722  1.00 51.98 ? 258 ASP A C   1 
ATOM   1345 O O   . ASP A 1 226 ? -1.416  2.990   -7.555  1.00 51.85 ? 258 ASP A O   1 
ATOM   1346 C CB  . ASP A 1 226 ? -2.321  2.393   -10.739 1.00 53.25 ? 258 ASP A CB  1 
ATOM   1347 C CG  . ASP A 1 226 ? -2.840  1.149   -10.076 1.00 54.22 ? 258 ASP A CG  1 
ATOM   1348 O OD1 . ASP A 1 226 ? -2.008  0.278   -9.739  1.00 55.06 ? 258 ASP A OD1 1 
ATOM   1349 O OD2 . ASP A 1 226 ? -4.077  1.042   -9.902  1.00 55.25 ? 258 ASP A OD2 1 
ATOM   1350 N N   . TYR A 1 227 ? 0.165   3.229   -9.152  1.00 50.64 ? 259 TYR A N   1 
ATOM   1351 C CA  . TYR A 1 227 ? 1.292   2.944   -8.270  1.00 49.32 ? 259 TYR A CA  1 
ATOM   1352 C C   . TYR A 1 227 ? 1.489   4.042   -7.219  1.00 48.35 ? 259 TYR A C   1 
ATOM   1353 O O   . TYR A 1 227 ? 1.880   3.752   -6.084  1.00 48.13 ? 259 TYR A O   1 
ATOM   1354 C CB  . TYR A 1 227 ? 2.581   2.728   -9.078  1.00 49.39 ? 259 TYR A CB  1 
ATOM   1355 C CG  . TYR A 1 227 ? 3.808   2.485   -8.218  1.00 49.55 ? 259 TYR A CG  1 
ATOM   1356 C CD1 . TYR A 1 227 ? 4.071   1.220   -7.686  1.00 49.15 ? 259 TYR A CD1 1 
ATOM   1357 C CD2 . TYR A 1 227 ? 4.695   3.523   -7.923  1.00 49.42 ? 259 TYR A CD2 1 
ATOM   1358 C CE1 . TYR A 1 227 ? 5.188   0.997   -6.889  1.00 49.65 ? 259 TYR A CE1 1 
ATOM   1359 C CE2 . TYR A 1 227 ? 5.814   3.309   -7.125  1.00 49.48 ? 259 TYR A CE2 1 
ATOM   1360 C CZ  . TYR A 1 227 ? 6.055   2.045   -6.615  1.00 49.65 ? 259 TYR A CZ  1 
ATOM   1361 O OH  . TYR A 1 227 ? 7.158   1.829   -5.822  1.00 50.09 ? 259 TYR A OH  1 
ATOM   1362 N N   . GLU A 1 228 ? 1.218   5.289   -7.602  1.00 47.02 ? 260 GLU A N   1 
ATOM   1363 C CA  . GLU A 1 228 ? 1.412   6.428   -6.712  1.00 46.03 ? 260 GLU A CA  1 
ATOM   1364 C C   . GLU A 1 228 ? 0.397   6.415   -5.570  1.00 44.77 ? 260 GLU A C   1 
ATOM   1365 O O   . GLU A 1 228 ? 0.739   6.702   -4.426  1.00 44.74 ? 260 GLU A O   1 
ATOM   1366 C CB  . GLU A 1 228 ? 1.349   7.750   -7.485  1.00 46.02 ? 260 GLU A CB  1 
ATOM   1367 C CG  . GLU A 1 228 ? 1.903   8.948   -6.708  1.00 46.71 ? 260 GLU A CG  1 
ATOM   1368 C CD  . GLU A 1 228 ? 1.699   10.281  -7.418  1.00 47.03 ? 260 GLU A CD  1 
ATOM   1369 O OE1 . GLU A 1 228 ? 1.457   10.283  -8.650  1.00 47.71 ? 260 GLU A OE1 1 
ATOM   1370 O OE2 . GLU A 1 228 ? 1.785   11.330  -6.736  1.00 47.76 ? 260 GLU A OE2 1 
ATOM   1371 N N   . VAL A 1 229 ? -0.846  6.078   -5.892  1.00 43.34 ? 261 VAL A N   1 
ATOM   1372 C CA  . VAL A 1 229 ? -1.894  5.909   -4.887  1.00 42.00 ? 261 VAL A CA  1 
ATOM   1373 C C   . VAL A 1 229 ? -1.549  4.754   -3.943  1.00 41.17 ? 261 VAL A C   1 
ATOM   1374 O O   . VAL A 1 229 ? -1.757  4.854   -2.736  1.00 41.00 ? 261 VAL A O   1 
ATOM   1375 C CB  . VAL A 1 229 ? -3.289  5.710   -5.551  1.00 41.95 ? 261 VAL A CB  1 
ATOM   1376 C CG1 . VAL A 1 229 ? -4.319  5.187   -4.558  1.00 40.99 ? 261 VAL A CG1 1 
ATOM   1377 C CG2 . VAL A 1 229 ? -3.762  7.016   -6.171  1.00 41.84 ? 261 VAL A CG2 1 
ATOM   1378 N N   . ALA A 1 230 ? -1.000  3.677   -4.503  1.00 40.16 ? 262 ALA A N   1 
ATOM   1379 C CA  . ALA A 1 230 ? -0.629  2.492   -3.738  1.00 39.40 ? 262 ALA A CA  1 
ATOM   1380 C C   . ALA A 1 230 ? 0.530   2.781   -2.797  1.00 38.87 ? 262 ALA A C   1 
ATOM   1381 O O   . ALA A 1 230 ? 0.568   2.276   -1.677  1.00 38.61 ? 262 ALA A O   1 
ATOM   1382 C CB  . ALA A 1 230 ? -0.284  1.345   -4.667  1.00 39.06 ? 262 ALA A CB  1 
ATOM   1383 N N   . LEU A 1 231 ? 1.467   3.598   -3.269  1.00 38.58 ? 263 LEU A N   1 
ATOM   1384 C CA  . LEU A 1 231 ? 2.627   4.002   -2.484  1.00 37.99 ? 263 LEU A CA  1 
ATOM   1385 C C   . LEU A 1 231 ? 2.181   4.888   -1.332  1.00 37.63 ? 263 LEU A C   1 
ATOM   1386 O O   . LEU A 1 231 ? 2.670   4.753   -0.210  1.00 37.17 ? 263 LEU A O   1 
ATOM   1387 C CB  . LEU A 1 231 ? 3.635   4.743   -3.369  1.00 37.99 ? 263 LEU A CB  1 
ATOM   1388 C CG  . LEU A 1 231 ? 5.064   4.940   -2.849  1.00 37.92 ? 263 LEU A CG  1 
ATOM   1389 C CD1 . LEU A 1 231 ? 5.779   3.598   -2.654  1.00 37.84 ? 263 LEU A CD1 1 
ATOM   1390 C CD2 . LEU A 1 231 ? 5.839   5.835   -3.809  1.00 38.01 ? 263 LEU A CD2 1 
ATOM   1391 N N   . THR A 1 232 ? 1.238   5.781   -1.622  1.00 37.26 ? 264 THR A N   1 
ATOM   1392 C CA  . THR A 1 232 ? 0.691   6.685   -0.621  1.00 37.13 ? 264 THR A CA  1 
ATOM   1393 C C   . THR A 1 232 ? -0.036  5.912   0.474   1.00 36.96 ? 264 THR A C   1 
ATOM   1394 O O   . THR A 1 232 ? 0.135   6.199   1.659   1.00 37.02 ? 264 THR A O   1 
ATOM   1395 C CB  . THR A 1 232 ? -0.248  7.722   -1.259  1.00 37.23 ? 264 THR A CB  1 
ATOM   1396 O OG1 . THR A 1 232 ? 0.421   8.347   -2.359  1.00 37.60 ? 264 THR A OG1 1 
ATOM   1397 C CG2 . THR A 1 232 ? -0.639  8.785   -0.255  1.00 36.96 ? 264 THR A CG2 1 
ATOM   1398 N N   . ILE A 1 233 ? -0.832  4.924   0.078   1.00 36.77 ? 265 ILE A N   1 
ATOM   1399 C CA  . ILE A 1 233 ? -1.535  4.081   1.037   1.00 36.54 ? 265 ILE A CA  1 
ATOM   1400 C C   . ILE A 1 233 ? -0.519  3.330   1.912   1.00 36.62 ? 265 ILE A C   1 
ATOM   1401 O O   . ILE A 1 233 ? -0.583  3.387   3.139   1.00 36.27 ? 265 ILE A O   1 
ATOM   1402 C CB  . ILE A 1 233 ? -2.548  3.129   0.331   1.00 36.44 ? 265 ILE A CB  1 
ATOM   1403 C CG1 . ILE A 1 233 ? -3.652  3.956   -0.352  1.00 36.58 ? 265 ILE A CG1 1 
ATOM   1404 C CG2 . ILE A 1 233 ? -3.153  2.143   1.327   1.00 35.96 ? 265 ILE A CG2 1 
ATOM   1405 C CD1 . ILE A 1 233 ? -4.531  3.196   -1.335  1.00 36.05 ? 265 ILE A CD1 1 
ATOM   1406 N N   . LYS A 1 234 ? 0.430   2.667   1.255   1.00 36.88 ? 266 LYS A N   1 
ATOM   1407 C CA  . LYS A 1 234 ? 1.502   1.911   1.900   1.00 37.31 ? 266 LYS A CA  1 
ATOM   1408 C C   . LYS A 1 234 ? 2.383   2.752   2.843   1.00 37.26 ? 266 LYS A C   1 
ATOM   1409 O O   . LYS A 1 234 ? 2.653   2.340   3.973   1.00 37.06 ? 266 LYS A O   1 
ATOM   1410 C CB  . LYS A 1 234 ? 2.367   1.250   0.816   1.00 37.16 ? 266 LYS A CB  1 
ATOM   1411 C CG  . LYS A 1 234 ? 3.537   0.429   1.323   1.00 37.76 ? 266 LYS A CG  1 
ATOM   1412 C CD  . LYS A 1 234 ? 4.374   -0.096  0.166   1.00 38.33 ? 266 LYS A CD  1 
ATOM   1413 C CE  . LYS A 1 234 ? 5.574   -0.917  0.651   1.00 40.23 ? 266 LYS A CE  1 
ATOM   1414 N NZ  . LYS A 1 234 ? 6.668   -0.059  1.192   1.00 40.77 ? 266 LYS A NZ  1 
ATOM   1415 N N   . GLU A 1 235 ? 2.811   3.923   2.370   1.00 37.50 ? 267 GLU A N   1 
ATOM   1416 C CA  . GLU A 1 235 ? 3.829   4.735   3.045   1.00 38.02 ? 267 GLU A CA  1 
ATOM   1417 C C   . GLU A 1 235 ? 3.296   5.887   3.895   1.00 37.60 ? 267 GLU A C   1 
ATOM   1418 O O   . GLU A 1 235 ? 4.018   6.424   4.741   1.00 37.50 ? 267 GLU A O   1 
ATOM   1419 C CB  . GLU A 1 235 ? 4.808   5.312   2.021   1.00 38.32 ? 267 GLU A CB  1 
ATOM   1420 C CG  . GLU A 1 235 ? 5.929   4.384   1.611   1.00 41.00 ? 267 GLU A CG  1 
ATOM   1421 C CD  . GLU A 1 235 ? 7.145   5.156   1.112   1.00 45.50 ? 267 GLU A CD  1 
ATOM   1422 O OE1 . GLU A 1 235 ? 6.978   6.083   0.275   1.00 46.43 ? 267 GLU A OE1 1 
ATOM   1423 O OE2 . GLU A 1 235 ? 8.271   4.845   1.568   1.00 47.44 ? 267 GLU A OE2 1 
ATOM   1424 N N   . ARG A 1 236 ? 2.049   6.280   3.659   1.00 37.14 ? 268 ARG A N   1 
ATOM   1425 C CA  . ARG A 1 236 ? 1.477   7.434   4.352   1.00 36.93 ? 268 ARG A CA  1 
ATOM   1426 C C   . ARG A 1 236 ? 0.213   7.087   5.144   1.00 35.99 ? 268 ARG A C   1 
ATOM   1427 O O   . ARG A 1 236 ? 0.160   7.321   6.349   1.00 35.84 ? 268 ARG A O   1 
ATOM   1428 C CB  . ARG A 1 236 ? 1.207   8.585   3.367   1.00 37.13 ? 268 ARG A CB  1 
ATOM   1429 C CG  . ARG A 1 236 ? 2.455   9.245   2.778   1.00 39.46 ? 268 ARG A CG  1 
ATOM   1430 C CD  . ARG A 1 236 ? 3.162   10.121  3.810   1.00 43.62 ? 268 ARG A CD  1 
ATOM   1431 N NE  . ARG A 1 236 ? 3.396   11.473  3.306   1.00 46.83 ? 268 ARG A NE  1 
ATOM   1432 C CZ  . ARG A 1 236 ? 3.622   12.540  4.075   1.00 48.26 ? 268 ARG A CZ  1 
ATOM   1433 N NH1 . ARG A 1 236 ? 3.658   12.426  5.400   1.00 48.41 ? 268 ARG A NH1 1 
ATOM   1434 N NH2 . ARG A 1 236 ? 3.815   13.730  3.514   1.00 48.33 ? 268 ARG A NH2 1 
ATOM   1435 N N   . ILE A 1 237 ? -0.789  6.529   4.462   1.00 34.99 ? 269 ILE A N   1 
ATOM   1436 C CA  . ILE A 1 237 ? -2.077  6.199   5.080   1.00 34.12 ? 269 ILE A CA  1 
ATOM   1437 C C   . ILE A 1 237 ? -1.926  5.166   6.205   1.00 33.47 ? 269 ILE A C   1 
ATOM   1438 O O   . ILE A 1 237 ? -2.322  5.419   7.338   1.00 33.03 ? 269 ILE A O   1 
ATOM   1439 C CB  . ILE A 1 237 ? -3.123  5.708   4.024   1.00 34.35 ? 269 ILE A CB  1 
ATOM   1440 C CG1 . ILE A 1 237 ? -3.298  6.731   2.887   1.00 33.72 ? 269 ILE A CG1 1 
ATOM   1441 C CG2 . ILE A 1 237 ? -4.474  5.350   4.686   1.00 34.31 ? 269 ILE A CG2 1 
ATOM   1442 C CD1 . ILE A 1 237 ? -3.880  8.045   3.296   1.00 34.11 ? 269 ILE A CD1 1 
ATOM   1443 N N   . ILE A 1 238 ? -1.347  4.012   5.888   1.00 32.89 ? 270 ILE A N   1 
ATOM   1444 C CA  . ILE A 1 238 ? -1.165  2.942   6.872   1.00 32.26 ? 270 ILE A CA  1 
ATOM   1445 C C   . ILE A 1 238 ? -0.293  3.372   8.073   1.00 32.17 ? 270 ILE A C   1 
ATOM   1446 O O   . ILE A 1 238 ? -0.705  3.184   9.218   1.00 32.08 ? 270 ILE A O   1 
ATOM   1447 C CB  . ILE A 1 238 ? -0.684  1.617   6.209   1.00 32.07 ? 270 ILE A CB  1 
ATOM   1448 C CG1 . ILE A 1 238 ? -1.768  1.079   5.271   1.00 31.86 ? 270 ILE A CG1 1 
ATOM   1449 C CG2 . ILE A 1 238 ? -0.319  0.569   7.253   1.00 32.04 ? 270 ILE A CG2 1 
ATOM   1450 C CD1 . ILE A 1 238 ? -1.298  -0.009  4.306   1.00 31.79 ? 270 ILE A CD1 1 
ATOM   1451 N N   . PRO A 1 239 ? 0.898   3.965   7.827   1.00 32.15 ? 271 PRO A N   1 
ATOM   1452 C CA  . PRO A 1 239 ? 1.705   4.432   8.964   1.00 32.13 ? 271 PRO A CA  1 
ATOM   1453 C C   . PRO A 1 239 ? 1.091   5.565   9.795   1.00 32.08 ? 271 PRO A C   1 
ATOM   1454 O O   . PRO A 1 239 ? 1.290   5.597   11.011  1.00 32.25 ? 271 PRO A O   1 
ATOM   1455 C CB  . PRO A 1 239 ? 3.002   4.916   8.296   1.00 32.22 ? 271 PRO A CB  1 
ATOM   1456 C CG  . PRO A 1 239 ? 3.036   4.200   6.979   1.00 32.26 ? 271 PRO A CG  1 
ATOM   1457 C CD  . PRO A 1 239 ? 1.602   4.200   6.555   1.00 32.08 ? 271 PRO A CD  1 
ATOM   1458 N N   . TYR A 1 240 ? 0.359   6.479   9.157   1.00 31.77 ? 272 TYR A N   1 
ATOM   1459 C CA  . TYR A 1 240 ? -0.117  7.690   9.841   1.00 31.42 ? 272 TYR A CA  1 
ATOM   1460 C C   . TYR A 1 240 ? -1.642  7.864   9.831   1.00 30.96 ? 272 TYR A C   1 
ATOM   1461 O O   . TYR A 1 240 ? -2.141  8.994   9.879   1.00 30.49 ? 272 TYR A O   1 
ATOM   1462 C CB  . TYR A 1 240 ? 0.566   8.940   9.258   1.00 31.46 ? 272 TYR A CB  1 
ATOM   1463 C CG  . TYR A 1 240 ? 2.031   8.754   8.923   1.00 32.05 ? 272 TYR A CG  1 
ATOM   1464 C CD1 . TYR A 1 240 ? 2.954   8.377   9.906   1.00 32.37 ? 272 TYR A CD1 1 
ATOM   1465 C CD2 . TYR A 1 240 ? 2.499   8.963   7.626   1.00 31.69 ? 272 TYR A CD2 1 
ATOM   1466 C CE1 . TYR A 1 240 ? 4.296   8.202   9.605   1.00 32.09 ? 272 TYR A CE1 1 
ATOM   1467 C CE2 . TYR A 1 240 ? 3.843   8.798   7.313   1.00 31.86 ? 272 TYR A CE2 1 
ATOM   1468 C CZ  . TYR A 1 240 ? 4.736   8.420   8.307   1.00 32.46 ? 272 TYR A CZ  1 
ATOM   1469 O OH  . TYR A 1 240 ? 6.069   8.245   7.999   1.00 32.56 ? 272 TYR A OH  1 
ATOM   1470 N N   . ALA A 1 241 ? -2.367  6.747   9.805   1.00 30.71 ? 273 ALA A N   1 
ATOM   1471 C CA  . ALA A 1 241 ? -3.832  6.737   9.603   1.00 30.83 ? 273 ALA A CA  1 
ATOM   1472 C C   . ALA A 1 241 ? -4.636  7.770   10.393  1.00 30.85 ? 273 ALA A C   1 
ATOM   1473 O O   . ALA A 1 241 ? -5.390  8.542   9.803   1.00 30.78 ? 273 ALA A O   1 
ATOM   1474 C CB  . ALA A 1 241 ? -4.407  5.330   9.829   1.00 30.75 ? 273 ALA A CB  1 
ATOM   1475 N N   . VAL A 1 242 ? -4.482  7.773   11.716  1.00 30.90 ? 274 VAL A N   1 
ATOM   1476 C CA  . VAL A 1 242 ? -5.279  8.644   12.584  1.00 31.17 ? 274 VAL A CA  1 
ATOM   1477 C C   . VAL A 1 242 ? -4.961  10.131  12.413  1.00 31.37 ? 274 VAL A C   1 
ATOM   1478 O O   . VAL A 1 242 ? -5.833  10.974  12.603  1.00 31.45 ? 274 VAL A O   1 
ATOM   1479 C CB  . VAL A 1 242 ? -5.210  8.216   14.085  1.00 31.26 ? 274 VAL A CB  1 
ATOM   1480 C CG1 . VAL A 1 242 ? -3.878  8.590   14.720  1.00 30.77 ? 274 VAL A CG1 1 
ATOM   1481 C CG2 . VAL A 1 242 ? -6.378  8.817   14.875  1.00 31.19 ? 274 VAL A CG2 1 
ATOM   1482 N N   . ASP A 1 243 ? -3.726  10.449  12.037  1.00 31.77 ? 275 ASP A N   1 
ATOM   1483 C CA  . ASP A 1 243 ? -3.348  11.841  11.797  1.00 32.03 ? 275 ASP A CA  1 
ATOM   1484 C C   . ASP A 1 243 ? -4.015  12.416  10.544  1.00 31.99 ? 275 ASP A C   1 
ATOM   1485 O O   . ASP A 1 243 ? -4.415  13.584  10.534  1.00 32.08 ? 275 ASP A O   1 
ATOM   1486 C CB  . ASP A 1 243 ? -1.827  11.997  11.758  1.00 32.29 ? 275 ASP A CB  1 
ATOM   1487 C CG  . ASP A 1 243 ? -1.195  11.877  13.134  1.00 32.83 ? 275 ASP A CG  1 
ATOM   1488 O OD1 . ASP A 1 243 ? -1.927  11.961  14.139  1.00 33.56 ? 275 ASP A OD1 1 
ATOM   1489 O OD2 . ASP A 1 243 ? 0.039   11.703  13.213  1.00 34.68 ? 275 ASP A OD2 1 
ATOM   1490 N N   . TYR A 1 244 ? -4.141  11.591  9.507   1.00 31.82 ? 276 TYR A N   1 
ATOM   1491 C CA  . TYR A 1 244 ? -4.974  11.922  8.353   1.00 31.99 ? 276 TYR A CA  1 
ATOM   1492 C C   . TYR A 1 244 ? -6.448  12.042  8.743   1.00 32.34 ? 276 TYR A C   1 
ATOM   1493 O O   . TYR A 1 244 ? -7.107  12.997  8.350   1.00 32.06 ? 276 TYR A O   1 
ATOM   1494 C CB  . TYR A 1 244 ? -4.790  10.906  7.225   1.00 31.53 ? 276 TYR A CB  1 
ATOM   1495 C CG  . TYR A 1 244 ? -3.504  11.109  6.461   1.00 31.07 ? 276 TYR A CG  1 
ATOM   1496 C CD1 . TYR A 1 244 ? -3.358  12.178  5.580   1.00 30.57 ? 276 TYR A CD1 1 
ATOM   1497 C CD2 . TYR A 1 244 ? -2.424  10.243  6.633   1.00 30.73 ? 276 TYR A CD2 1 
ATOM   1498 C CE1 . TYR A 1 244 ? -2.171  12.373  4.873   1.00 30.05 ? 276 TYR A CE1 1 
ATOM   1499 C CE2 . TYR A 1 244 ? -1.235  10.428  5.933   1.00 30.79 ? 276 TYR A CE2 1 
ATOM   1500 C CZ  . TYR A 1 244 ? -1.118  11.494  5.056   1.00 30.48 ? 276 TYR A CZ  1 
ATOM   1501 O OH  . TYR A 1 244 ? 0.057   11.686  4.372   1.00 30.90 ? 276 TYR A OH  1 
ATOM   1502 N N   . TYR A 1 245 ? -6.944  11.091  9.536   1.00 32.93 ? 277 TYR A N   1 
ATOM   1503 C CA  . TYR A 1 245 ? -8.304  11.162  10.088  1.00 33.72 ? 277 TYR A CA  1 
ATOM   1504 C C   . TYR A 1 245 ? -8.570  12.489  10.804  1.00 34.68 ? 277 TYR A C   1 
ATOM   1505 O O   . TYR A 1 245 ? -9.613  13.111  10.597  1.00 35.01 ? 277 TYR A O   1 
ATOM   1506 C CB  . TYR A 1 245 ? -8.585  9.989   11.037  1.00 33.13 ? 277 TYR A CB  1 
ATOM   1507 C CG  . TYR A 1 245 ? -9.903  10.115  11.775  1.00 32.55 ? 277 TYR A CG  1 
ATOM   1508 C CD1 . TYR A 1 245 ? -11.088 9.626   11.219  1.00 31.38 ? 277 TYR A CD1 1 
ATOM   1509 C CD2 . TYR A 1 245 ? -9.967  10.743  13.024  1.00 31.98 ? 277 TYR A CD2 1 
ATOM   1510 C CE1 . TYR A 1 245 ? -12.302 9.749   11.894  1.00 31.33 ? 277 TYR A CE1 1 
ATOM   1511 C CE2 . TYR A 1 245 ? -11.172 10.878  13.703  1.00 31.85 ? 277 TYR A CE2 1 
ATOM   1512 C CZ  . TYR A 1 245 ? -12.337 10.381  13.136  1.00 32.55 ? 277 TYR A CZ  1 
ATOM   1513 O OH  . TYR A 1 245 ? -13.529 10.513  13.815  1.00 32.63 ? 277 TYR A OH  1 
ATOM   1514 N N   . LEU A 1 246 ? -7.626  12.912  11.642  1.00 35.83 ? 278 LEU A N   1 
ATOM   1515 C CA  . LEU A 1 246 ? -7.731  14.169  12.382  1.00 37.05 ? 278 LEU A CA  1 
ATOM   1516 C C   . LEU A 1 246 ? -7.479  15.388  11.492  1.00 38.26 ? 278 LEU A C   1 
ATOM   1517 O O   . LEU A 1 246 ? -7.792  16.518  11.875  1.00 38.60 ? 278 LEU A O   1 
ATOM   1518 C CB  . LEU A 1 246 ? -6.759  14.177  13.568  1.00 36.68 ? 278 LEU A CB  1 
ATOM   1519 C CG  . LEU A 1 246 ? -7.057  13.235  14.741  1.00 36.34 ? 278 LEU A CG  1 
ATOM   1520 C CD1 . LEU A 1 246 ? -5.809  13.029  15.560  1.00 35.51 ? 278 LEU A CD1 1 
ATOM   1521 C CD2 . LEU A 1 246 ? -8.210  13.739  15.615  1.00 35.65 ? 278 LEU A CD2 1 
ATOM   1522 N N   . GLY A 1 247 ? -6.902  15.154  10.315  1.00 39.34 ? 279 GLY A N   1 
ATOM   1523 C CA  . GLY A 1 247 ? -6.627  16.217  9.353   1.00 40.89 ? 279 GLY A CA  1 
ATOM   1524 C C   . GLY A 1 247 ? -5.427  17.087  9.687   1.00 42.01 ? 279 GLY A C   1 
ATOM   1525 O O   . GLY A 1 247 ? -5.381  18.259  9.300   1.00 42.01 ? 279 GLY A O   1 
ATOM   1526 N N   . ILE A 1 248 ? -4.450  16.517  10.393  1.00 43.13 ? 280 ILE A N   1 
ATOM   1527 C CA  . ILE A 1 248 ? -3.234  17.255  10.758  1.00 44.26 ? 280 ILE A CA  1 
ATOM   1528 C C   . ILE A 1 248 ? -2.025  16.964  9.844   1.00 45.07 ? 280 ILE A C   1 
ATOM   1529 O O   . ILE A 1 248 ? -0.884  17.277  10.195  1.00 45.42 ? 280 ILE A O   1 
ATOM   1530 C CB  . ILE A 1 248 ? -2.877  17.123  12.266  1.00 44.13 ? 280 ILE A CB  1 
ATOM   1531 C CG1 . ILE A 1 248 ? -2.798  15.658  12.702  1.00 44.61 ? 280 ILE A CG1 1 
ATOM   1532 C CG2 . ILE A 1 248 ? -3.886  17.892  13.111  1.00 44.44 ? 280 ILE A CG2 1 
ATOM   1533 C CD1 . ILE A 1 248 ? -2.179  15.448  14.084  1.00 44.33 ? 280 ILE A CD1 1 
ATOM   1534 N N   . ILE A 1 249 ? -2.285  16.358  8.683   1.00 45.79 ? 281 ILE A N   1 
ATOM   1535 C CA  . ILE A 1 249 ? -1.280  16.209  7.626   1.00 46.33 ? 281 ILE A CA  1 
ATOM   1536 C C   . ILE A 1 249 ? -1.901  16.640  6.299   1.00 46.55 ? 281 ILE A C   1 
ATOM   1537 O O   . ILE A 1 249 ? -1.226  17.210  5.440   1.00 47.05 ? 281 ILE A O   1 
ATOM   1538 C CB  . ILE A 1 249 ? -0.748  14.751  7.495   1.00 46.44 ? 281 ILE A CB  1 
ATOM   1539 C CG1 . ILE A 1 249 ? -0.223  14.230  8.835   1.00 46.50 ? 281 ILE A CG1 1 
ATOM   1540 C CG2 . ILE A 1 249 ? 0.350   14.655  6.413   1.00 46.10 ? 281 ILE A CG2 1 
ATOM   1541 C CD1 . ILE A 1 249 ? 0.072   12.742  8.840   1.00 46.65 ? 281 ILE A CD1 1 
HETATM 1542 O O   . HOH B 2 .   ? -13.921 2.785   8.375   1.00 24.09 ? 1   HOH A O   1 
HETATM 1543 O O   . HOH B 2 .   ? -3.074  5.528   12.876  1.00 18.15 ? 2   HOH A O   1 
HETATM 1544 O O   . HOH B 2 .   ? -12.841 -12.559 0.271   1.00 24.64 ? 3   HOH A O   1 
HETATM 1545 O O   . HOH B 2 .   ? -17.911 3.223   9.019   1.00 25.92 ? 4   HOH A O   1 
HETATM 1546 O O   . HOH B 2 .   ? -27.341 -9.068  -4.805  1.00 26.45 ? 5   HOH A O   1 
HETATM 1547 O O   . HOH B 2 .   ? 37.373  1.821   -9.045  1.00 24.99 ? 6   HOH A O   1 
HETATM 1548 O O   . HOH B 2 .   ? -23.179 3.088   2.745   1.00 28.99 ? 7   HOH A O   1 
HETATM 1549 O O   . HOH B 2 .   ? -17.409 -8.168  2.854   1.00 25.16 ? 8   HOH A O   1 
HETATM 1550 O O   . HOH B 2 .   ? -12.355 -5.891  -9.654  1.00 34.47 ? 9   HOH A O   1 
HETATM 1551 O O   . HOH B 2 .   ? 5.424   -3.358  18.446  1.00 28.53 ? 10  HOH A O   1 
HETATM 1552 O O   . HOH B 2 .   ? -2.489  -5.717  -18.699 1.00 26.34 ? 11  HOH A O   1 
HETATM 1553 O O   . HOH B 2 .   ? 33.322  2.648   -6.133  1.00 35.88 ? 12  HOH A O   1 
HETATM 1554 O O   . HOH B 2 .   ? -12.576 -7.226  8.489   1.00 21.51 ? 13  HOH A O   1 
HETATM 1555 O O   . HOH B 2 .   ? -5.173  -1.256  11.584  1.00 24.93 ? 14  HOH A O   1 
HETATM 1556 O O   . HOH B 2 .   ? -14.706 4.280   6.223   1.00 24.90 ? 15  HOH A O   1 
HETATM 1557 O O   . HOH B 2 .   ? -9.893  6.797   -11.344 1.00 49.35 ? 16  HOH A O   1 
HETATM 1558 O O   . HOH B 2 .   ? -9.750  -12.453 -7.689  1.00 35.68 ? 17  HOH A O   1 
HETATM 1559 O O   . HOH B 2 .   ? -12.147 7.918   -9.239  1.00 30.67 ? 18  HOH A O   1 
HETATM 1560 O O   . HOH B 2 .   ? -2.570  15.735  2.727   1.00 35.48 ? 19  HOH A O   1 
HETATM 1561 O O   . HOH B 2 .   ? -17.348 3.622   19.870  1.00 48.90 ? 20  HOH A O   1 
HETATM 1562 O O   . HOH B 2 .   ? -0.949  11.694  17.280  1.00 34.02 ? 21  HOH A O   1 
HETATM 1563 O O   . HOH B 2 .   ? -13.256 16.409  -5.721  1.00 28.39 ? 22  HOH A O   1 
HETATM 1564 O O   . HOH B 2 .   ? -12.776 15.425  -9.340  1.00 36.55 ? 23  HOH A O   1 
HETATM 1565 O O   . HOH B 2 .   ? -1.473  -7.547  3.011   1.00 42.25 ? 24  HOH A O   1 
HETATM 1566 O O   . HOH B 2 .   ? -0.407  -2.779  7.940   1.00 38.19 ? 25  HOH A O   1 
HETATM 1567 O O   . HOH B 2 .   ? -2.728  -1.633  9.085   1.00 31.11 ? 26  HOH A O   1 
HETATM 1568 O O   . HOH B 2 .   ? -13.091 9.525   -17.364 1.00 52.53 ? 27  HOH A O   1 
HETATM 1569 O O   . HOH B 2 .   ? 48.737  -6.388  -22.295 1.00 50.60 ? 28  HOH A O   1 
HETATM 1570 O O   . HOH B 2 .   ? -8.495  -8.087  -11.056 1.00 44.11 ? 29  HOH A O   1 
HETATM 1571 O O   . HOH B 2 .   ? -19.931 -8.345  2.039   1.00 33.27 ? 30  HOH A O   1 
HETATM 1572 O O   . HOH B 2 .   ? -3.738  -9.381  -5.422  1.00 32.37 ? 31  HOH A O   1 
HETATM 1573 O O   . HOH B 2 .   ? 48.130  2.831   -6.717  1.00 36.64 ? 32  HOH A O   1 
HETATM 1574 O O   . HOH B 2 .   ? 45.809  3.001   -5.342  1.00 35.97 ? 282 HOH A O   1 
HETATM 1575 O O   . HOH B 2 .   ? -12.310 13.203  -5.337  1.00 27.20 ? 283 HOH A O   1 
HETATM 1576 O O   . HOH B 2 .   ? 20.775  -4.166  10.105  1.00 37.74 ? 284 HOH A O   1 
HETATM 1577 O O   . HOH B 2 .   ? 1.062   11.774  0.545   1.00 40.55 ? 285 HOH A O   1 
HETATM 1578 O O   . HOH B 2 .   ? -12.316 -15.346 -6.691  1.00 26.55 ? 286 HOH A O   1 
HETATM 1579 O O   . HOH B 2 .   ? -14.324 -15.497 -8.505  1.00 63.75 ? 287 HOH A O   1 
HETATM 1580 O O   . HOH B 2 .   ? -12.298 -12.286 -6.425  1.00 44.46 ? 288 HOH A O   1 
HETATM 1581 O O   . HOH B 2 .   ? -11.988 12.687  -7.947  1.00 28.15 ? 289 HOH A O   1 
HETATM 1582 O O   . HOH B 2 .   ? -15.448 -15.047 -6.030  1.00 41.63 ? 290 HOH A O   1 
HETATM 1583 O O   . HOH B 2 .   ? -13.925 -13.638 -6.858  1.00 35.50 ? 291 HOH A O   1 
HETATM 1584 O O   . HOH B 2 .   ? -12.854 14.575  -7.086  1.00 31.66 ? 292 HOH A O   1 
# 
